data_7SIL
#
_entry.id   7SIL
#
loop_
_entity.id
_entity.type
_entity.pdbx_description
1 polymer 'Isoform 1 of Extracellular calcium-sensing receptor'
2 branched 2-acetamido-2-deoxy-beta-D-glucopyranose-(1-4)-2-acetamido-2-deoxy-beta-D-glucopyranose
3 non-polymer 2-acetamido-2-deoxy-beta-D-glucopyranose
4 non-polymer CYCLOMETHYLTRYPTOPHAN
5 non-polymer 'PHOSPHATE ION'
6 non-polymer 'CALCIUM ION'
7 non-polymer 3-(2-chlorophenyl)-N-[(1R)-1-(3-methoxyphenyl)ethyl]propan-1-amine
8 non-polymer CHOLESTEROL
#
_entity_poly.entity_id   1
_entity_poly.type   'polypeptide(L)'
_entity_poly.pdbx_seq_one_letter_code
;MAFYSCCWVLLALTWHTSAYGPDQRAQKKGDIILGGLFPIHFGVAAKDQDLKSRPESVECIRYNFRGFRWLQAMIFAIEE
INSSPALLPNLTLGYRIFDTCNTVSKALEATLSFVAQNKIDSLNLDEFCNCSEHIPSTIAVVGATGSGVSTAVANLLGLF
YIPQVSYASSSRLLSNKNQFKSFLRTIPNDEHQATAMADIIEYFRWNWVGTIAADDDYGRPGIEKFREEAEERDICIDFS
ELISQYSDEEEIQHVVEVIQNSTAKVIVVFSSGPDLEPLIKEIVRRNITGKIWLASEAWASSSLIAMPQYFHVVGGTIGF
ALKAGQIPGFREFLKKVHPRKSVHNGFAKEFWEETFNCHLQEGAKGPLPVDTFLRGHEESGDRFSNSSTAFRPLCTGDEN
ISSVETPYIDYTHLRISYNVYLAVYSIAHALQDIYTCLPGRGLFTNGSCADIKKVEAWQVLKHLRHLNFTNNMGEQVTFD
ECGDLVGNYSIINWHLSPEDGSIVFKEVGYYNVYAKKGERLFINEEKILWSGFSREVPFSNCSRDCLAGTRKGIIEGEPT
CCFECVECPDGEYSDETDASACNKCPDDFWSNENHTSCIAKEIEFLSWTEPFGIALTLFAVLGIFLTAFVLGVFIKFRNT
PIVKATNRELSYLLLFSLLCCFSSSLFFIGEPQDWTCRLRQPAFGISFVLCISCILVKTNRVLLVFEAKIPTSFHRKWWG
LNLQFLLVFLCTFMQIVICVIWLYTAPPSSYRNQELEDEIIFITCHEGSLMALGFLIGYTCLLAAICFFFAFKSRKLPEN
FNEAKFITFSMLIFFIVWISFIPAYASTYGKFVSAVEVIAILAASFGLLACIFFNKIYIILFKPSRNTIEDYKDDDDK
;
_entity_poly.pdbx_strand_id   A,B
#
# COMPACT_ATOMS: atom_id res chain seq x y z
N GLY A 21 -51.72 12.22 -24.28
CA GLY A 21 -50.52 11.41 -24.19
C GLY A 21 -50.59 10.14 -25.03
N PRO A 22 -49.84 9.12 -24.62
CA PRO A 22 -49.86 7.86 -25.36
C PRO A 22 -51.23 7.22 -25.39
N ASP A 23 -51.55 6.56 -26.50
CA ASP A 23 -52.86 5.93 -26.65
C ASP A 23 -53.03 4.78 -25.66
N GLN A 24 -52.00 3.96 -25.48
CA GLN A 24 -52.07 2.82 -24.57
C GLN A 24 -51.96 3.35 -23.14
N ARG A 25 -53.02 3.18 -22.35
CA ARG A 25 -53.10 3.83 -21.05
C ARG A 25 -54.15 3.12 -20.21
N ALA A 26 -54.09 3.35 -18.90
CA ALA A 26 -55.09 2.88 -17.96
C ALA A 26 -55.74 4.11 -17.32
N GLN A 27 -56.97 4.40 -17.70
CA GLN A 27 -57.64 5.63 -17.29
C GLN A 27 -58.94 5.33 -16.59
N LYS A 28 -59.17 6.00 -15.46
CA LYS A 28 -60.45 6.00 -14.77
C LYS A 28 -60.76 7.42 -14.31
N LYS A 29 -62.04 7.77 -14.33
CA LYS A 29 -62.50 9.10 -13.98
C LYS A 29 -62.86 9.18 -12.51
N GLY A 30 -62.61 10.33 -11.91
CA GLY A 30 -62.93 10.54 -10.51
C GLY A 30 -62.77 11.99 -10.14
N ASP A 31 -63.05 12.28 -8.86
CA ASP A 31 -62.91 13.65 -8.38
C ASP A 31 -61.43 14.05 -8.26
N ILE A 32 -60.60 13.14 -7.76
CA ILE A 32 -59.17 13.36 -7.62
C ILE A 32 -58.46 12.31 -8.49
N ILE A 33 -57.55 12.78 -9.34
CA ILE A 33 -56.90 11.93 -10.33
C ILE A 33 -55.45 11.70 -9.91
N LEU A 34 -55.03 10.45 -9.89
CA LEU A 34 -53.65 10.08 -9.56
C LEU A 34 -52.91 9.70 -10.83
N GLY A 35 -51.72 10.25 -11.00
CA GLY A 35 -50.88 9.87 -12.12
C GLY A 35 -50.16 8.55 -11.87
N GLY A 36 -49.90 7.83 -12.95
CA GLY A 36 -49.24 6.55 -12.84
C GLY A 36 -48.15 6.33 -13.87
N LEU A 37 -46.98 5.91 -13.41
CA LEU A 37 -45.84 5.61 -14.29
C LEU A 37 -45.31 4.23 -13.92
N PHE A 38 -45.42 3.29 -14.85
CA PHE A 38 -44.97 1.93 -14.63
C PHE A 38 -44.24 1.42 -15.86
N PRO A 39 -43.26 0.53 -15.68
CA PRO A 39 -42.57 -0.08 -16.82
C PRO A 39 -43.25 -1.34 -17.32
N ILE A 40 -44.34 -1.15 -18.08
CA ILE A 40 -45.04 -2.29 -18.67
C ILE A 40 -44.16 -3.00 -19.66
N HIS A 41 -43.17 -2.31 -20.22
CA HIS A 41 -42.17 -2.90 -21.10
C HIS A 41 -40.79 -2.68 -20.51
N PHE A 42 -39.87 -3.61 -20.82
CA PHE A 42 -38.51 -3.50 -20.29
C PHE A 42 -37.70 -2.44 -21.02
N GLY A 43 -38.09 -2.08 -22.24
CA GLY A 43 -37.32 -1.10 -22.97
C GLY A 43 -38.01 -0.72 -24.27
N VAL A 44 -37.23 -0.11 -25.15
CA VAL A 44 -37.74 0.36 -26.43
C VAL A 44 -36.98 -0.35 -27.55
N ALA A 45 -37.51 -0.22 -28.77
CA ALA A 45 -36.87 -0.83 -29.92
C ALA A 45 -35.53 -0.17 -30.21
N ALA A 46 -34.57 -0.97 -30.68
CA ALA A 46 -33.25 -0.48 -31.02
C ALA A 46 -33.24 0.13 -32.43
N LYS A 47 -34.04 1.18 -32.58
CA LYS A 47 -34.17 1.92 -33.84
C LYS A 47 -33.54 3.28 -33.65
N ASP A 48 -32.22 3.37 -33.88
CA ASP A 48 -31.50 4.63 -33.84
C ASP A 48 -31.66 5.28 -35.20
N GLN A 49 -32.58 6.24 -35.28
CA GLN A 49 -32.93 6.84 -36.55
C GLN A 49 -31.76 7.61 -37.14
N ASP A 50 -31.61 7.51 -38.47
CA ASP A 50 -30.66 8.33 -39.19
C ASP A 50 -31.22 9.69 -39.55
N LEU A 51 -32.46 9.97 -39.13
CA LEU A 51 -33.15 11.25 -39.40
C LEU A 51 -33.33 11.47 -40.90
N LYS A 52 -33.51 10.38 -41.65
CA LYS A 52 -33.88 10.50 -43.06
C LYS A 52 -35.29 11.07 -43.20
N SER A 53 -36.22 10.60 -42.38
CA SER A 53 -37.60 11.04 -42.38
C SER A 53 -37.97 11.54 -40.99
N ARG A 54 -39.21 11.99 -40.85
CA ARG A 54 -39.71 12.44 -39.55
C ARG A 54 -39.65 11.27 -38.56
N PRO A 55 -39.02 11.45 -37.41
CA PRO A 55 -38.95 10.34 -36.44
C PRO A 55 -40.31 10.11 -35.79
N GLU A 56 -40.74 8.85 -35.81
CA GLU A 56 -42.02 8.48 -35.23
C GLU A 56 -41.83 8.01 -33.80
N SER A 57 -42.95 7.85 -33.09
CA SER A 57 -42.90 7.38 -31.71
C SER A 57 -42.26 6.00 -31.65
N VAL A 58 -41.31 5.85 -30.73
CA VAL A 58 -40.59 4.58 -30.62
C VAL A 58 -41.52 3.51 -30.06
N GLU A 59 -41.31 2.28 -30.49
CA GLU A 59 -42.13 1.15 -30.07
C GLU A 59 -41.41 0.33 -29.01
N CYS A 60 -42.14 -0.01 -27.95
CA CYS A 60 -41.57 -0.80 -26.86
C CYS A 60 -41.70 -2.28 -27.18
N ILE A 61 -40.70 -3.06 -26.75
CA ILE A 61 -40.53 -4.42 -27.27
C ILE A 61 -40.81 -5.51 -26.24
N ARG A 62 -40.05 -5.53 -25.14
CA ARG A 62 -40.10 -6.66 -24.23
C ARG A 62 -41.11 -6.40 -23.12
N TYR A 63 -42.14 -7.24 -23.04
CA TYR A 63 -43.17 -7.07 -22.03
C TYR A 63 -42.62 -7.38 -20.64
N ASN A 64 -43.04 -6.60 -19.66
CA ASN A 64 -42.64 -6.76 -18.27
C ASN A 64 -43.88 -7.10 -17.46
N PHE A 65 -44.05 -8.39 -17.14
CA PHE A 65 -45.20 -8.84 -16.38
C PHE A 65 -45.17 -8.29 -14.95
N ARG A 66 -43.98 -8.20 -14.36
CA ARG A 66 -43.86 -7.66 -13.01
C ARG A 66 -44.29 -6.20 -12.95
N GLY A 67 -43.93 -5.41 -13.96
CA GLY A 67 -44.41 -4.04 -14.02
C GLY A 67 -45.91 -3.94 -14.17
N PHE A 68 -46.50 -4.86 -14.96
CA PHE A 68 -47.95 -4.90 -15.07
C PHE A 68 -48.59 -5.27 -13.74
N ARG A 69 -47.94 -6.14 -12.96
CA ARG A 69 -48.43 -6.44 -11.62
C ARG A 69 -48.34 -5.22 -10.71
N TRP A 70 -47.29 -4.41 -10.87
CA TRP A 70 -47.19 -3.16 -10.11
C TRP A 70 -48.33 -2.20 -10.47
N LEU A 71 -48.61 -2.08 -11.77
CA LEU A 71 -49.74 -1.26 -12.22
C LEU A 71 -51.06 -1.78 -11.64
N GLN A 72 -51.23 -3.11 -11.63
CA GLN A 72 -52.42 -3.70 -11.04
C GLN A 72 -52.48 -3.44 -9.54
N ALA A 73 -51.33 -3.38 -8.89
CA ALA A 73 -51.30 -3.03 -7.47
C ALA A 73 -51.80 -1.62 -7.25
N MET A 74 -51.37 -0.68 -8.10
CA MET A 74 -51.88 0.69 -8.00
C MET A 74 -53.40 0.73 -8.20
N ILE A 75 -53.88 0.03 -9.23
CA ILE A 75 -55.32 0.05 -9.52
C ILE A 75 -56.09 -0.61 -8.38
N PHE A 76 -55.57 -1.71 -7.84
CA PHE A 76 -56.23 -2.38 -6.73
C PHE A 76 -56.28 -1.50 -5.49
N ALA A 77 -55.20 -0.79 -5.18
CA ALA A 77 -55.20 0.11 -4.04
C ALA A 77 -56.23 1.22 -4.23
N ILE A 78 -56.31 1.77 -5.44
CA ILE A 78 -57.28 2.83 -5.72
C ILE A 78 -58.71 2.30 -5.56
N GLU A 79 -58.97 1.10 -6.09
CA GLU A 79 -60.30 0.51 -5.99
C GLU A 79 -60.66 0.22 -4.54
N GLU A 80 -59.69 -0.26 -3.76
CA GLU A 80 -59.93 -0.54 -2.34
C GLU A 80 -60.24 0.75 -1.58
N ILE A 81 -59.53 1.83 -1.91
CA ILE A 81 -59.81 3.12 -1.28
C ILE A 81 -61.22 3.59 -1.65
N ASN A 82 -61.59 3.41 -2.91
CA ASN A 82 -62.93 3.82 -3.34
C ASN A 82 -64.01 3.01 -2.64
N SER A 83 -63.76 1.72 -2.42
CA SER A 83 -64.75 0.88 -1.77
C SER A 83 -64.85 1.18 -0.28
N SER A 84 -63.75 1.54 0.35
CA SER A 84 -63.74 1.74 1.80
C SER A 84 -64.49 3.03 2.14
N PRO A 85 -65.51 2.98 2.99
CA PRO A 85 -66.19 4.23 3.38
C PRO A 85 -65.40 5.05 4.39
N ALA A 86 -64.54 4.40 5.17
CA ALA A 86 -63.78 5.12 6.18
C ALA A 86 -62.80 6.09 5.56
N LEU A 87 -62.17 5.72 4.45
CA LEU A 87 -61.14 6.54 3.83
C LEU A 87 -61.73 7.31 2.65
N LEU A 88 -61.67 8.63 2.73
CA LEU A 88 -62.19 9.53 1.71
C LEU A 88 -63.66 9.26 1.39
N PRO A 89 -64.57 9.49 2.33
CA PRO A 89 -65.99 9.27 2.05
C PRO A 89 -66.51 10.25 1.01
N ASN A 90 -67.45 9.80 0.19
CA ASN A 90 -68.13 10.58 -0.85
C ASN A 90 -67.15 11.13 -1.89
N LEU A 91 -65.91 10.66 -1.92
CA LEU A 91 -64.91 11.10 -2.88
C LEU A 91 -64.43 9.91 -3.68
N THR A 92 -64.33 10.09 -5.00
CA THR A 92 -63.95 9.03 -5.91
C THR A 92 -62.55 9.30 -6.45
N LEU A 93 -61.67 8.32 -6.32
CA LEU A 93 -60.30 8.43 -6.83
C LEU A 93 -60.24 7.84 -8.24
N GLY A 94 -59.65 8.60 -9.16
CA GLY A 94 -59.39 8.12 -10.50
C GLY A 94 -57.90 8.08 -10.76
N TYR A 95 -57.54 7.48 -11.89
CA TYR A 95 -56.13 7.34 -12.24
C TYR A 95 -55.92 7.56 -13.73
N ARG A 96 -54.70 7.94 -14.08
CA ARG A 96 -54.23 8.00 -15.46
C ARG A 96 -52.82 7.43 -15.43
N ILE A 97 -52.67 6.20 -15.91
CA ILE A 97 -51.42 5.45 -15.80
C ILE A 97 -50.89 5.18 -17.20
N PHE A 98 -49.60 5.46 -17.40
CA PHE A 98 -48.94 5.30 -18.68
C PHE A 98 -47.75 4.37 -18.53
N ASP A 99 -47.28 3.86 -19.67
CA ASP A 99 -46.13 2.96 -19.71
C ASP A 99 -44.87 3.77 -20.03
N THR A 100 -43.86 3.64 -19.17
CA THR A 100 -42.60 4.34 -19.37
C THR A 100 -41.60 3.54 -20.19
N CYS A 101 -41.67 2.21 -20.13
CA CYS A 101 -40.69 1.32 -20.78
C CYS A 101 -39.27 1.58 -20.28
N ASN A 102 -39.14 2.01 -19.02
CA ASN A 102 -37.86 2.34 -18.42
C ASN A 102 -37.12 3.42 -19.21
N THR A 103 -37.87 4.28 -19.88
CA THR A 103 -37.30 5.27 -20.80
C THR A 103 -37.70 6.67 -20.34
N VAL A 104 -36.75 7.59 -20.41
CA VAL A 104 -37.00 8.98 -20.02
C VAL A 104 -37.97 9.65 -20.98
N SER A 105 -37.86 9.35 -22.28
CA SER A 105 -38.67 10.06 -23.28
C SER A 105 -40.15 9.82 -23.07
N LYS A 106 -40.56 8.55 -22.98
CA LYS A 106 -41.99 8.25 -22.84
C LYS A 106 -42.53 8.65 -21.49
N ALA A 107 -41.72 8.53 -20.44
CA ALA A 107 -42.12 9.05 -19.13
C ALA A 107 -42.34 10.55 -19.18
N LEU A 108 -41.51 11.26 -19.95
CA LEU A 108 -41.70 12.70 -20.07
C LEU A 108 -42.93 13.05 -20.91
N GLU A 109 -43.25 12.25 -21.93
CA GLU A 109 -44.52 12.45 -22.61
C GLU A 109 -45.69 12.27 -21.66
N ALA A 110 -45.66 11.23 -20.83
CA ALA A 110 -46.72 11.03 -19.84
C ALA A 110 -46.77 12.17 -18.84
N THR A 111 -45.62 12.68 -18.41
CA THR A 111 -45.59 13.78 -17.45
C THR A 111 -46.12 15.07 -18.06
N LEU A 112 -45.80 15.32 -19.33
CA LEU A 112 -46.38 16.45 -20.05
C LEU A 112 -47.89 16.31 -20.15
N SER A 113 -48.36 15.07 -20.31
CA SER A 113 -49.80 14.83 -20.26
C SER A 113 -50.36 15.16 -18.88
N PHE A 114 -49.61 14.85 -17.82
CA PHE A 114 -50.06 15.14 -16.46
C PHE A 114 -50.20 16.64 -16.22
N VAL A 115 -49.27 17.44 -16.72
CA VAL A 115 -49.16 18.84 -16.35
C VAL A 115 -49.81 19.76 -17.38
N ALA A 116 -50.76 19.26 -18.15
CA ALA A 116 -51.36 20.08 -19.21
C ALA A 116 -52.04 21.32 -18.64
N GLN A 117 -52.83 21.15 -17.59
CA GLN A 117 -53.49 22.31 -16.98
C GLN A 117 -52.49 23.24 -16.31
N ASN A 118 -51.39 22.69 -15.79
CA ASN A 118 -50.35 23.53 -15.21
C ASN A 118 -49.60 24.30 -16.29
N LYS A 119 -49.29 23.63 -17.41
CA LYS A 119 -48.60 24.30 -18.51
C LYS A 119 -49.47 25.39 -19.12
N ILE A 120 -50.79 25.16 -19.21
CA ILE A 120 -51.69 26.18 -19.73
C ILE A 120 -51.67 27.41 -18.83
N ASP A 121 -51.57 27.20 -17.52
CA ASP A 121 -51.54 28.29 -16.55
C ASP A 121 -50.13 28.74 -16.22
N SER A 122 -49.13 28.24 -16.94
CA SER A 122 -47.75 28.66 -16.75
C SER A 122 -47.12 29.30 -17.98
N LEU A 123 -47.56 28.93 -19.18
CA LEU A 123 -47.01 29.49 -20.41
C LEU A 123 -47.70 30.81 -20.75
N ILE A 135 -58.67 17.90 -20.33
CA ILE A 135 -57.72 17.03 -19.65
C ILE A 135 -57.85 17.22 -18.14
N PRO A 136 -58.01 16.12 -17.42
CA PRO A 136 -58.15 16.19 -15.97
C PRO A 136 -56.88 16.69 -15.29
N SER A 137 -57.07 17.35 -14.16
CA SER A 137 -55.95 17.80 -13.36
C SER A 137 -55.34 16.63 -12.59
N THR A 138 -54.03 16.60 -12.50
CA THR A 138 -53.30 15.53 -11.82
C THR A 138 -52.90 16.02 -10.43
N ILE A 139 -53.37 15.32 -9.41
CA ILE A 139 -53.10 15.72 -8.03
C ILE A 139 -51.77 15.16 -7.56
N ALA A 140 -51.50 13.88 -7.86
CA ALA A 140 -50.25 13.26 -7.47
C ALA A 140 -49.91 12.19 -8.50
N VAL A 141 -48.64 11.81 -8.54
CA VAL A 141 -48.12 10.85 -9.51
C VAL A 141 -47.40 9.73 -8.75
N VAL A 142 -47.64 8.49 -9.17
CA VAL A 142 -47.00 7.31 -8.60
C VAL A 142 -45.96 6.82 -9.60
N GLY A 143 -44.71 6.76 -9.17
CA GLY A 143 -43.60 6.41 -10.04
C GLY A 143 -42.47 7.43 -9.94
N ALA A 144 -41.43 7.20 -10.74
CA ALA A 144 -41.32 6.03 -11.60
C ALA A 144 -40.37 4.99 -11.00
N THR A 145 -40.04 3.97 -11.78
CA THR A 145 -39.17 2.89 -11.34
C THR A 145 -37.70 3.28 -11.39
N GLY A 146 -37.19 3.65 -12.57
CA GLY A 146 -35.79 3.99 -12.69
C GLY A 146 -35.47 5.33 -12.05
N SER A 147 -34.25 5.43 -11.53
CA SER A 147 -33.86 6.66 -10.83
C SER A 147 -33.63 7.81 -11.80
N GLY A 148 -33.04 7.53 -12.97
CA GLY A 148 -32.92 8.58 -13.98
C GLY A 148 -34.27 9.01 -14.52
N VAL A 149 -35.15 8.04 -14.77
CA VAL A 149 -36.51 8.35 -15.20
C VAL A 149 -37.23 9.17 -14.13
N SER A 150 -37.09 8.77 -12.87
CA SER A 150 -37.75 9.50 -11.78
C SER A 150 -37.19 10.90 -11.65
N THR A 151 -35.88 11.08 -11.84
CA THR A 151 -35.28 12.41 -11.79
C THR A 151 -35.82 13.29 -12.90
N ALA A 152 -35.86 12.77 -14.13
CA ALA A 152 -36.38 13.55 -15.25
C ALA A 152 -37.85 13.92 -15.05
N VAL A 153 -38.64 12.98 -14.54
CA VAL A 153 -40.05 13.25 -14.28
C VAL A 153 -40.20 14.25 -13.12
N ALA A 154 -39.33 14.14 -12.11
CA ALA A 154 -39.45 14.95 -10.91
C ALA A 154 -39.07 16.39 -11.18
N ASN A 155 -38.15 16.63 -12.11
CA ASN A 155 -37.87 18.01 -12.49
C ASN A 155 -39.16 18.71 -12.95
N LEU A 156 -39.87 18.09 -13.90
CA LEU A 156 -41.10 18.67 -14.43
C LEU A 156 -42.18 18.75 -13.35
N LEU A 157 -42.31 17.70 -12.52
CA LEU A 157 -43.38 17.67 -11.54
C LEU A 157 -43.15 18.69 -10.43
N GLY A 158 -41.91 18.82 -9.96
CA GLY A 158 -41.60 19.80 -8.93
C GLY A 158 -41.59 21.22 -9.47
N LEU A 159 -41.47 21.37 -10.80
CA LEU A 159 -41.72 22.67 -11.40
C LEU A 159 -43.11 23.19 -11.04
N PHE A 160 -44.10 22.30 -10.99
CA PHE A 160 -45.47 22.66 -10.66
C PHE A 160 -45.89 22.21 -9.27
N TYR A 161 -44.93 21.73 -8.46
CA TYR A 161 -45.20 21.29 -7.08
C TYR A 161 -46.23 20.17 -7.03
N ILE A 162 -46.27 19.34 -8.07
CA ILE A 162 -47.13 18.16 -8.06
C ILE A 162 -46.40 17.04 -7.33
N PRO A 163 -46.94 16.54 -6.21
CA PRO A 163 -46.24 15.50 -5.46
C PRO A 163 -46.07 14.23 -6.28
N GLN A 164 -44.89 13.63 -6.16
CA GLN A 164 -44.55 12.40 -6.87
C GLN A 164 -43.99 11.41 -5.85
N VAL A 165 -44.70 10.31 -5.64
CA VAL A 165 -44.28 9.27 -4.70
C VAL A 165 -43.79 8.08 -5.51
N SER A 166 -42.48 7.83 -5.47
CA SER A 166 -41.87 6.76 -6.23
C SER A 166 -41.83 5.47 -5.40
N TYR A 167 -42.04 4.34 -6.08
CA TYR A 167 -42.06 3.05 -5.42
C TYR A 167 -40.75 2.27 -5.55
N ALA A 168 -39.91 2.60 -6.52
CA ALA A 168 -38.71 1.82 -6.77
C ALA A 168 -37.44 2.64 -6.99
N SER A 169 -37.53 3.95 -7.21
CA SER A 169 -36.35 4.76 -7.43
C SER A 169 -35.71 5.05 -6.09
N SER A 170 -34.46 4.62 -5.91
CA SER A 170 -33.80 4.68 -4.61
C SER A 170 -32.50 5.47 -4.63
N SER A 171 -32.24 6.25 -5.67
CA SER A 171 -30.99 7.00 -5.76
C SER A 171 -30.94 8.08 -4.68
N ARG A 172 -29.74 8.28 -4.12
CA ARG A 172 -29.56 9.34 -3.12
C ARG A 172 -29.69 10.71 -3.74
N LEU A 173 -29.47 10.83 -5.05
CA LEU A 173 -29.58 12.12 -5.73
C LEU A 173 -31.00 12.68 -5.62
N LEU A 174 -31.99 11.80 -5.47
CA LEU A 174 -33.37 12.25 -5.34
C LEU A 174 -33.68 12.73 -3.93
N SER A 175 -32.78 12.52 -2.97
CA SER A 175 -32.98 13.05 -1.62
C SER A 175 -32.72 14.55 -1.55
N ASN A 176 -32.09 15.13 -2.57
CA ASN A 176 -31.82 16.56 -2.59
C ASN A 176 -33.11 17.32 -2.83
N LYS A 177 -33.60 18.01 -1.80
CA LYS A 177 -34.86 18.75 -1.89
C LYS A 177 -34.71 20.12 -2.50
N ASN A 178 -33.48 20.64 -2.62
CA ASN A 178 -33.27 21.86 -3.40
C ASN A 178 -33.60 21.62 -4.86
N GLN A 179 -33.23 20.45 -5.38
CA GLN A 179 -33.52 20.12 -6.77
C GLN A 179 -34.93 19.56 -6.93
N PHE A 180 -35.30 18.59 -6.10
CA PHE A 180 -36.57 17.87 -6.23
C PHE A 180 -37.45 18.23 -5.03
N LYS A 181 -38.33 19.21 -5.22
CA LYS A 181 -39.14 19.72 -4.12
C LYS A 181 -40.30 18.79 -3.77
N SER A 182 -40.91 18.14 -4.75
CA SER A 182 -42.14 17.38 -4.53
C SER A 182 -41.95 15.87 -4.65
N PHE A 183 -40.75 15.37 -4.38
CA PHE A 183 -40.45 13.96 -4.57
C PHE A 183 -40.37 13.24 -3.24
N LEU A 184 -41.09 12.12 -3.13
CA LEU A 184 -41.09 11.29 -1.93
C LEU A 184 -40.92 9.84 -2.33
N ARG A 185 -40.57 8.99 -1.36
CA ARG A 185 -40.23 7.61 -1.65
C ARG A 185 -40.85 6.67 -0.64
N THR A 186 -41.48 5.61 -1.13
CA THR A 186 -41.86 4.47 -0.31
C THR A 186 -40.80 3.39 -0.29
N ILE A 187 -39.69 3.59 -1.01
CA ILE A 187 -38.57 2.66 -1.03
C ILE A 187 -37.41 3.27 -0.26
N PRO A 188 -36.64 2.48 0.50
CA PRO A 188 -35.51 3.05 1.24
C PRO A 188 -34.41 3.56 0.32
N ASN A 189 -33.64 4.52 0.84
CA ASN A 189 -32.54 5.12 0.10
C ASN A 189 -31.40 4.11 -0.05
N ASP A 190 -30.55 4.34 -1.05
CA ASP A 190 -29.55 3.35 -1.46
C ASP A 190 -28.28 3.38 -0.61
N GLU A 191 -28.07 4.41 0.21
CA GLU A 191 -26.84 4.48 0.98
C GLU A 191 -26.69 3.30 1.93
N HIS A 192 -27.79 2.93 2.60
CA HIS A 192 -27.76 1.80 3.52
C HIS A 192 -27.38 0.51 2.80
N GLN A 193 -27.78 0.36 1.54
CA GLN A 193 -27.49 -0.87 0.83
C GLN A 193 -26.01 -0.98 0.48
N ALA A 194 -25.39 0.13 0.08
CA ALA A 194 -23.95 0.13 -0.17
C ALA A 194 -23.18 -0.14 1.13
N THR A 195 -23.61 0.48 2.22
CA THR A 195 -22.99 0.19 3.52
C THR A 195 -23.15 -1.29 3.88
N ALA A 196 -24.32 -1.86 3.58
CA ALA A 196 -24.56 -3.27 3.87
C ALA A 196 -23.67 -4.17 3.04
N MET A 197 -23.43 -3.81 1.78
CA MET A 197 -22.50 -4.60 0.97
C MET A 197 -21.08 -4.53 1.52
N ALA A 198 -20.65 -3.34 1.96
CA ALA A 198 -19.35 -3.23 2.61
C ALA A 198 -19.28 -4.10 3.86
N ASP A 199 -20.35 -4.10 4.65
CA ASP A 199 -20.41 -4.93 5.85
C ASP A 199 -20.37 -6.40 5.51
N ILE A 200 -21.04 -6.81 4.43
CA ILE A 200 -21.02 -8.20 4.01
C ILE A 200 -19.62 -8.62 3.60
N ILE A 201 -18.94 -7.76 2.83
CA ILE A 201 -17.57 -8.07 2.42
C ILE A 201 -16.66 -8.18 3.64
N GLU A 202 -16.85 -7.29 4.61
CA GLU A 202 -16.05 -7.38 5.84
C GLU A 202 -16.36 -8.67 6.61
N TYR A 203 -17.62 -9.08 6.63
CA TYR A 203 -18.03 -10.25 7.41
C TYR A 203 -17.36 -11.51 6.91
N PHE A 204 -17.30 -11.68 5.59
CA PHE A 204 -16.71 -12.87 4.98
C PHE A 204 -15.20 -12.76 4.81
N ARG A 205 -14.59 -11.69 5.33
CA ARG A 205 -13.14 -11.50 5.31
C ARG A 205 -12.60 -11.45 3.89
N TRP A 206 -13.07 -10.46 3.12
CA TRP A 206 -12.57 -10.18 1.79
C TRP A 206 -11.97 -8.78 1.76
N ASN A 207 -10.91 -8.62 0.97
CA ASN A 207 -10.31 -7.31 0.74
C ASN A 207 -9.97 -7.07 -0.72
N TRP A 208 -10.31 -8.00 -1.61
CA TRP A 208 -9.98 -7.91 -3.04
C TRP A 208 -11.28 -8.15 -3.81
N VAL A 209 -11.95 -7.06 -4.18
CA VAL A 209 -13.25 -7.15 -4.84
C VAL A 209 -13.25 -6.29 -6.09
N GLY A 210 -14.15 -6.62 -7.01
CA GLY A 210 -14.38 -5.80 -8.19
C GLY A 210 -15.75 -5.14 -8.14
N THR A 211 -15.95 -4.07 -8.90
CA THR A 211 -17.21 -3.34 -8.88
C THR A 211 -17.70 -3.11 -10.30
N ILE A 212 -18.99 -3.35 -10.52
CA ILE A 212 -19.67 -3.04 -11.76
C ILE A 212 -20.91 -2.22 -11.42
N ALA A 213 -21.12 -1.13 -12.15
CA ALA A 213 -22.25 -0.24 -11.90
C ALA A 213 -22.93 0.12 -13.21
N ALA A 214 -24.25 0.26 -13.16
CA ALA A 214 -24.99 0.80 -14.28
C ALA A 214 -24.66 2.27 -14.45
N ASP A 215 -24.49 2.70 -15.71
CA ASP A 215 -24.09 4.08 -16.00
C ASP A 215 -25.32 4.98 -16.02
N ASP A 216 -25.91 5.12 -14.83
CA ASP A 216 -27.10 5.95 -14.65
C ASP A 216 -27.13 6.48 -13.22
N ASP A 217 -28.26 7.07 -12.85
CA ASP A 217 -28.37 7.68 -11.52
C ASP A 217 -28.54 6.63 -10.43
N TYR A 218 -28.78 5.38 -10.81
CA TYR A 218 -28.85 4.31 -9.82
C TYR A 218 -27.47 3.73 -9.52
N GLY A 219 -26.73 3.38 -10.56
CA GLY A 219 -25.45 2.72 -10.39
C GLY A 219 -24.34 3.58 -9.85
N ARG A 220 -24.13 4.76 -10.44
CA ARG A 220 -22.96 5.58 -10.07
C ARG A 220 -22.99 6.07 -8.64
N PRO A 221 -24.06 6.67 -8.11
CA PRO A 221 -24.01 7.11 -6.70
C PRO A 221 -23.90 5.95 -5.74
N GLY A 222 -24.58 4.85 -6.00
CA GLY A 222 -24.47 3.69 -5.14
C GLY A 222 -23.07 3.11 -5.12
N ILE A 223 -22.44 3.04 -6.30
CA ILE A 223 -21.09 2.48 -6.38
C ILE A 223 -20.08 3.43 -5.74
N GLU A 224 -20.33 4.74 -5.83
CA GLU A 224 -19.46 5.69 -5.14
C GLU A 224 -19.57 5.56 -3.63
N LYS A 225 -20.80 5.42 -3.12
CA LYS A 225 -21.00 5.19 -1.69
C LYS A 225 -20.32 3.90 -1.26
N PHE A 226 -20.44 2.85 -2.07
CA PHE A 226 -19.77 1.59 -1.75
C PHE A 226 -18.26 1.76 -1.75
N ARG A 227 -17.72 2.53 -2.70
CA ARG A 227 -16.28 2.76 -2.72
C ARG A 227 -15.81 3.45 -1.45
N GLU A 228 -16.55 4.46 -1.00
CA GLU A 228 -16.22 5.13 0.26
C GLU A 228 -16.27 4.15 1.43
N GLU A 229 -17.38 3.40 1.55
CA GLU A 229 -17.55 2.50 2.68
C GLU A 229 -16.53 1.36 2.66
N ALA A 230 -16.07 0.97 1.48
CA ALA A 230 -15.05 -0.06 1.39
C ALA A 230 -13.67 0.51 1.72
N GLU A 231 -13.40 1.76 1.32
CA GLU A 231 -12.11 2.34 1.61
C GLU A 231 -11.95 2.64 3.09
N GLU A 232 -13.06 2.88 3.81
CA GLU A 232 -12.94 3.06 5.25
C GLU A 232 -12.75 1.73 5.96
N ARG A 233 -13.13 0.63 5.31
CA ARG A 233 -12.99 -0.71 5.89
C ARG A 233 -11.77 -1.46 5.38
N ASP A 234 -10.80 -0.76 4.79
CA ASP A 234 -9.56 -1.37 4.30
C ASP A 234 -9.84 -2.45 3.26
N ILE A 235 -10.85 -2.22 2.42
CA ILE A 235 -11.18 -3.12 1.32
C ILE A 235 -10.68 -2.47 0.03
N CYS A 236 -9.89 -3.22 -0.73
CA CYS A 236 -9.31 -2.73 -1.97
C CYS A 236 -10.15 -3.21 -3.16
N ILE A 237 -10.40 -2.29 -4.09
CA ILE A 237 -11.21 -2.57 -5.27
C ILE A 237 -10.26 -2.68 -6.46
N ASP A 238 -10.23 -3.86 -7.08
CA ASP A 238 -9.33 -4.08 -8.21
C ASP A 238 -9.76 -3.29 -9.44
N PHE A 239 -11.03 -3.36 -9.81
CA PHE A 239 -11.52 -2.69 -11.00
C PHE A 239 -12.89 -2.08 -10.73
N SER A 240 -13.20 -1.02 -11.47
CA SER A 240 -14.50 -0.36 -11.42
C SER A 240 -14.93 -0.08 -12.85
N GLU A 241 -16.05 -0.69 -13.26
CA GLU A 241 -16.52 -0.60 -14.64
C GLU A 241 -17.96 -0.14 -14.69
N LEU A 242 -18.35 0.43 -15.82
CA LEU A 242 -19.70 0.92 -16.05
C LEU A 242 -20.31 0.17 -17.21
N ILE A 243 -21.59 -0.17 -17.10
CA ILE A 243 -22.31 -0.93 -18.12
C ILE A 243 -23.65 -0.26 -18.38
N SER A 244 -24.29 -0.67 -19.47
CA SER A 244 -25.60 -0.18 -19.83
C SER A 244 -26.25 -1.19 -20.77
N GLN A 245 -27.57 -1.08 -20.91
CA GLN A 245 -28.29 -1.90 -21.88
C GLN A 245 -27.97 -1.50 -23.31
N TYR A 246 -27.44 -0.30 -23.52
CA TYR A 246 -27.02 0.15 -24.84
C TYR A 246 -25.52 0.08 -25.04
N SER A 247 -24.80 -0.60 -24.14
CA SER A 247 -23.36 -0.75 -24.29
C SER A 247 -23.04 -1.54 -25.57
N ASP A 248 -22.02 -1.07 -26.29
CA ASP A 248 -21.64 -1.72 -27.54
C ASP A 248 -20.95 -3.05 -27.27
N GLU A 249 -20.65 -3.76 -28.35
CA GLU A 249 -19.94 -5.03 -28.23
C GLU A 249 -18.54 -4.83 -27.68
N GLU A 250 -17.86 -3.76 -28.11
CA GLU A 250 -16.49 -3.52 -27.65
C GLU A 250 -16.45 -3.20 -26.15
N GLU A 251 -17.43 -2.42 -25.67
CA GLU A 251 -17.47 -2.10 -24.24
C GLU A 251 -17.71 -3.35 -23.41
N ILE A 252 -18.64 -4.20 -23.84
CA ILE A 252 -18.92 -5.44 -23.11
C ILE A 252 -17.71 -6.35 -23.12
N GLN A 253 -17.04 -6.44 -24.27
CA GLN A 253 -15.82 -7.26 -24.34
C GLN A 253 -14.73 -6.70 -23.43
N HIS A 254 -14.60 -5.38 -23.36
CA HIS A 254 -13.61 -4.78 -22.47
C HIS A 254 -13.92 -5.09 -21.01
N VAL A 255 -15.20 -5.01 -20.63
CA VAL A 255 -15.57 -5.32 -19.25
C VAL A 255 -15.31 -6.79 -18.94
N VAL A 256 -15.63 -7.68 -19.89
CA VAL A 256 -15.40 -9.10 -19.68
C VAL A 256 -13.91 -9.41 -19.55
N GLU A 257 -13.09 -8.77 -20.38
CA GLU A 257 -11.65 -8.96 -20.28
C GLU A 257 -11.11 -8.41 -18.96
N VAL A 258 -11.66 -7.30 -18.49
CA VAL A 258 -11.27 -6.77 -17.18
C VAL A 258 -11.62 -7.77 -16.09
N ILE A 259 -12.80 -8.37 -16.16
CA ILE A 259 -13.22 -9.34 -15.15
C ILE A 259 -12.30 -10.57 -15.16
N GLN A 260 -12.02 -11.08 -16.36
CA GLN A 260 -11.16 -12.25 -16.49
C GLN A 260 -9.74 -11.95 -16.01
N ASN A 261 -9.22 -10.76 -16.35
CA ASN A 261 -7.84 -10.43 -16.02
C ASN A 261 -7.65 -10.26 -14.51
N SER A 262 -8.75 -10.13 -13.78
CA SER A 262 -8.67 -9.87 -12.35
C SER A 262 -8.56 -11.16 -11.56
N THR A 263 -7.87 -11.09 -10.41
CA THR A 263 -7.81 -12.23 -9.51
C THR A 263 -8.99 -12.22 -8.54
N ALA A 264 -9.56 -11.04 -8.28
CA ALA A 264 -10.67 -10.92 -7.35
C ALA A 264 -11.86 -11.76 -7.79
N LYS A 265 -12.48 -12.44 -6.83
CA LYS A 265 -13.60 -13.32 -7.10
C LYS A 265 -14.96 -12.75 -6.70
N VAL A 266 -14.98 -11.70 -5.88
CA VAL A 266 -16.22 -11.09 -5.42
C VAL A 266 -16.43 -9.80 -6.21
N ILE A 267 -17.56 -9.70 -6.90
CA ILE A 267 -17.89 -8.54 -7.74
C ILE A 267 -19.17 -7.93 -7.20
N VAL A 268 -19.10 -6.67 -6.78
CA VAL A 268 -20.28 -5.93 -6.33
C VAL A 268 -20.90 -5.26 -7.55
N VAL A 269 -22.19 -5.49 -7.77
CA VAL A 269 -22.89 -4.99 -8.95
C VAL A 269 -24.05 -4.11 -8.49
N PHE A 270 -24.01 -2.84 -8.88
CA PHE A 270 -25.12 -1.90 -8.71
C PHE A 270 -25.74 -1.67 -10.08
N SER A 271 -26.79 -2.43 -10.39
CA SER A 271 -27.44 -2.30 -11.67
C SER A 271 -28.84 -2.90 -11.60
N SER A 272 -29.64 -2.61 -12.62
CA SER A 272 -30.92 -3.27 -12.82
C SER A 272 -30.75 -4.44 -13.78
N GLY A 273 -31.83 -5.18 -13.98
CA GLY A 273 -31.84 -6.30 -14.88
C GLY A 273 -31.49 -5.96 -16.31
N PRO A 274 -32.23 -5.03 -16.92
CA PRO A 274 -31.93 -4.66 -18.31
C PRO A 274 -30.53 -4.11 -18.52
N ASP A 275 -29.99 -3.36 -17.57
CA ASP A 275 -28.67 -2.78 -17.73
C ASP A 275 -27.55 -3.78 -17.51
N LEU A 276 -27.82 -4.89 -16.82
CA LEU A 276 -26.82 -5.93 -16.58
C LEU A 276 -26.94 -7.10 -17.53
N GLU A 277 -28.07 -7.22 -18.25
CA GLU A 277 -28.31 -8.40 -19.08
C GLU A 277 -27.24 -8.64 -20.14
N PRO A 278 -26.81 -7.64 -20.93
CA PRO A 278 -25.78 -7.92 -21.95
C PRO A 278 -24.47 -8.46 -21.38
N LEU A 279 -24.02 -7.89 -20.26
CA LEU A 279 -22.78 -8.36 -19.64
C LEU A 279 -22.91 -9.80 -19.17
N ILE A 280 -24.03 -10.13 -18.52
CA ILE A 280 -24.24 -11.49 -18.06
C ILE A 280 -24.32 -12.44 -19.24
N LYS A 281 -24.96 -12.02 -20.33
CA LYS A 281 -25.04 -12.86 -21.53
C LYS A 281 -23.66 -13.16 -22.08
N GLU A 282 -22.81 -12.13 -22.18
CA GLU A 282 -21.47 -12.34 -22.73
C GLU A 282 -20.63 -13.20 -21.80
N ILE A 283 -20.77 -13.02 -20.48
CA ILE A 283 -20.04 -13.86 -19.53
C ILE A 283 -20.49 -15.30 -19.65
N VAL A 284 -21.78 -15.53 -19.87
CA VAL A 284 -22.28 -16.89 -20.07
C VAL A 284 -21.74 -17.48 -21.35
N ARG A 285 -21.64 -16.67 -22.41
CA ARG A 285 -21.09 -17.17 -23.67
C ARG A 285 -19.65 -17.63 -23.51
N ARG A 286 -18.84 -16.83 -22.80
CA ARG A 286 -17.45 -17.21 -22.53
C ARG A 286 -17.34 -18.21 -21.38
N ASN A 287 -18.43 -18.42 -20.62
CA ASN A 287 -18.46 -19.38 -19.53
C ASN A 287 -17.40 -19.05 -18.49
N ILE A 288 -17.55 -17.90 -17.84
CA ILE A 288 -16.68 -17.51 -16.74
C ILE A 288 -17.36 -17.92 -15.43
N THR A 289 -16.73 -18.82 -14.69
CA THR A 289 -17.31 -19.38 -13.48
C THR A 289 -16.36 -19.19 -12.31
N GLY A 290 -16.92 -19.06 -11.11
CA GLY A 290 -16.12 -18.89 -9.92
C GLY A 290 -16.32 -17.55 -9.24
N LYS A 291 -16.93 -16.62 -9.97
CA LYS A 291 -17.17 -15.28 -9.42
C LYS A 291 -18.29 -15.33 -8.39
N ILE A 292 -18.15 -14.51 -7.34
CA ILE A 292 -19.15 -14.40 -6.29
C ILE A 292 -19.83 -13.04 -6.45
N TRP A 293 -21.05 -13.05 -6.96
CA TRP A 293 -21.75 -11.82 -7.29
C TRP A 293 -22.48 -11.29 -6.06
N LEU A 294 -22.24 -10.02 -5.74
CA LEU A 294 -23.02 -9.31 -4.74
C LEU A 294 -24.01 -8.40 -5.45
N ALA A 295 -25.30 -8.67 -5.25
CA ALA A 295 -26.37 -8.09 -6.04
C ALA A 295 -27.04 -6.95 -5.29
N SER A 296 -27.23 -5.82 -5.97
CA SER A 296 -28.08 -4.78 -5.45
C SER A 296 -29.55 -5.18 -5.62
N GLU A 297 -30.43 -4.45 -4.93
CA GLU A 297 -31.83 -4.83 -4.87
C GLU A 297 -32.49 -4.81 -6.25
N ALA A 298 -31.98 -3.99 -7.17
CA ALA A 298 -32.64 -3.83 -8.46
C ALA A 298 -32.58 -5.11 -9.29
N TRP A 299 -31.50 -5.88 -9.17
CA TRP A 299 -31.35 -7.10 -9.96
C TRP A 299 -31.19 -8.35 -9.11
N ALA A 300 -31.25 -8.24 -7.78
CA ALA A 300 -31.15 -9.42 -6.93
C ALA A 300 -32.35 -10.34 -7.07
N SER A 301 -33.45 -9.86 -7.64
CA SER A 301 -34.64 -10.67 -7.85
C SER A 301 -35.14 -10.52 -9.30
N SER A 302 -34.25 -10.17 -10.21
CA SER A 302 -34.63 -9.91 -11.59
C SER A 302 -34.80 -11.21 -12.36
N SER A 303 -35.92 -11.33 -13.08
CA SER A 303 -36.14 -12.51 -13.91
C SER A 303 -35.27 -12.49 -15.15
N LEU A 304 -34.79 -11.31 -15.55
CA LEU A 304 -33.89 -11.21 -16.70
C LEU A 304 -32.54 -11.83 -16.41
N ILE A 305 -32.08 -11.78 -15.16
CA ILE A 305 -30.80 -12.34 -14.80
C ILE A 305 -30.93 -13.72 -14.16
N ALA A 306 -31.96 -13.96 -13.36
CA ALA A 306 -32.13 -15.24 -12.67
C ALA A 306 -32.89 -16.22 -13.57
N MET A 307 -32.15 -16.77 -14.54
CA MET A 307 -32.66 -17.85 -15.35
C MET A 307 -31.75 -19.06 -15.24
N PRO A 308 -32.29 -20.28 -15.31
CA PRO A 308 -31.46 -21.46 -15.06
C PRO A 308 -30.27 -21.60 -15.99
N GLN A 309 -30.39 -21.19 -17.25
CA GLN A 309 -29.29 -21.36 -18.19
C GLN A 309 -28.11 -20.46 -17.91
N TYR A 310 -28.25 -19.48 -17.02
CA TYR A 310 -27.13 -18.66 -16.55
C TYR A 310 -26.63 -19.10 -15.19
N PHE A 311 -27.16 -20.19 -14.63
CA PHE A 311 -26.89 -20.53 -13.24
C PHE A 311 -25.43 -20.91 -13.01
N HIS A 312 -24.72 -21.36 -14.04
CA HIS A 312 -23.31 -21.68 -13.85
C HIS A 312 -22.50 -20.41 -13.65
N VAL A 313 -23.04 -19.27 -14.10
CA VAL A 313 -22.34 -17.99 -13.98
C VAL A 313 -22.85 -17.18 -12.80
N VAL A 314 -24.18 -17.10 -12.63
CA VAL A 314 -24.77 -16.26 -11.60
C VAL A 314 -25.28 -17.05 -10.40
N GLY A 315 -25.08 -18.37 -10.39
CA GLY A 315 -25.53 -19.15 -9.26
C GLY A 315 -24.77 -18.78 -7.99
N GLY A 316 -25.45 -18.90 -6.86
CA GLY A 316 -24.86 -18.54 -5.59
C GLY A 316 -24.80 -17.06 -5.32
N THR A 317 -25.45 -16.25 -6.15
CA THR A 317 -25.44 -14.80 -5.97
C THR A 317 -26.09 -14.42 -4.65
N ILE A 318 -25.42 -13.54 -3.91
CA ILE A 318 -25.95 -12.98 -2.67
C ILE A 318 -26.44 -11.58 -2.97
N GLY A 319 -27.72 -11.32 -2.67
CA GLY A 319 -28.34 -10.07 -3.03
C GLY A 319 -29.26 -9.56 -1.93
N PHE A 320 -29.81 -8.38 -2.17
CA PHE A 320 -30.67 -7.68 -1.23
C PHE A 320 -32.09 -7.62 -1.75
N ALA A 321 -33.05 -7.79 -0.86
CA ALA A 321 -34.46 -7.63 -1.15
C ALA A 321 -35.10 -6.74 -0.10
N LEU A 322 -36.19 -6.10 -0.47
CA LEU A 322 -36.92 -5.25 0.46
C LEU A 322 -37.81 -6.09 1.37
N LYS A 323 -38.37 -5.45 2.39
CA LYS A 323 -39.32 -6.12 3.26
C LYS A 323 -40.56 -6.52 2.47
N ALA A 324 -40.96 -7.78 2.60
CA ALA A 324 -42.19 -8.24 1.97
C ALA A 324 -43.39 -7.63 2.67
N GLY A 325 -44.43 -7.32 1.90
CA GLY A 325 -45.65 -6.80 2.46
C GLY A 325 -46.84 -7.67 2.11
N GLN A 326 -47.95 -7.50 2.83
CA GLN A 326 -49.16 -8.27 2.60
C GLN A 326 -50.25 -7.37 2.07
N ILE A 327 -50.84 -7.75 0.95
CA ILE A 327 -51.98 -7.05 0.37
C ILE A 327 -53.12 -8.06 0.24
N PRO A 328 -53.96 -8.21 1.26
CA PRO A 328 -55.04 -9.21 1.20
C PRO A 328 -55.98 -8.93 0.05
N GLY A 329 -56.32 -9.98 -0.70
CA GLY A 329 -57.19 -9.88 -1.84
C GLY A 329 -56.52 -9.48 -3.14
N PHE A 330 -55.23 -9.19 -3.10
CA PHE A 330 -54.53 -8.75 -4.31
C PHE A 330 -54.42 -9.88 -5.33
N ARG A 331 -54.18 -11.11 -4.87
CA ARG A 331 -53.99 -12.22 -5.79
C ARG A 331 -55.28 -12.52 -6.57
N GLU A 332 -56.42 -12.47 -5.90
CA GLU A 332 -57.69 -12.68 -6.59
C GLU A 332 -57.94 -11.59 -7.62
N PHE A 333 -57.65 -10.34 -7.26
CA PHE A 333 -57.79 -9.24 -8.21
C PHE A 333 -56.89 -9.44 -9.42
N LEU A 334 -55.66 -9.91 -9.18
CA LEU A 334 -54.76 -10.22 -10.29
C LEU A 334 -55.34 -11.32 -11.18
N LYS A 335 -55.92 -12.35 -10.57
CA LYS A 335 -56.49 -13.45 -11.34
C LYS A 335 -57.78 -13.05 -12.06
N LYS A 336 -58.41 -11.95 -11.66
CA LYS A 336 -59.63 -11.48 -12.30
C LYS A 336 -59.37 -10.64 -13.55
N VAL A 337 -58.11 -10.55 -14.00
CA VAL A 337 -57.80 -9.73 -15.17
C VAL A 337 -58.38 -10.35 -16.42
N HIS A 338 -58.86 -9.51 -17.34
CA HIS A 338 -59.50 -9.94 -18.57
C HIS A 338 -59.44 -8.81 -19.58
N PRO A 339 -59.23 -9.11 -20.87
CA PRO A 339 -59.20 -8.04 -21.88
C PRO A 339 -60.50 -7.27 -21.96
N ARG A 340 -61.61 -7.99 -22.08
CA ARG A 340 -62.91 -7.34 -22.25
C ARG A 340 -63.41 -6.74 -20.94
N LYS A 341 -63.24 -7.45 -19.82
CA LYS A 341 -63.81 -6.97 -18.56
C LYS A 341 -63.05 -5.76 -18.02
N SER A 342 -61.74 -5.73 -18.21
CA SER A 342 -60.93 -4.59 -17.76
C SER A 342 -60.98 -3.50 -18.83
N VAL A 343 -62.10 -2.77 -18.82
CA VAL A 343 -62.29 -1.69 -19.79
C VAL A 343 -61.44 -0.48 -19.43
N HIS A 344 -61.25 -0.22 -18.13
CA HIS A 344 -60.47 0.93 -17.71
C HIS A 344 -58.97 0.71 -17.94
N ASN A 345 -58.52 -0.54 -17.83
CA ASN A 345 -57.11 -0.88 -17.99
C ASN A 345 -56.85 -1.28 -19.44
N GLY A 346 -56.23 -0.38 -20.21
CA GLY A 346 -55.90 -0.66 -21.59
C GLY A 346 -54.69 -1.53 -21.79
N PHE A 347 -53.90 -1.77 -20.76
CA PHE A 347 -52.73 -2.64 -20.85
C PHE A 347 -53.08 -4.12 -20.74
N ALA A 348 -54.33 -4.44 -20.42
CA ALA A 348 -54.70 -5.85 -20.26
C ALA A 348 -54.69 -6.58 -21.60
N LYS A 349 -54.87 -5.86 -22.70
CA LYS A 349 -54.89 -6.48 -24.02
C LYS A 349 -53.54 -7.11 -24.34
N GLU A 350 -52.46 -6.32 -24.22
CA GLU A 350 -51.14 -6.86 -24.52
C GLU A 350 -50.69 -7.85 -23.47
N PHE A 351 -51.16 -7.70 -22.23
CA PHE A 351 -50.87 -8.71 -21.20
C PHE A 351 -51.47 -10.05 -21.60
N TRP A 352 -52.72 -10.04 -22.07
CA TRP A 352 -53.36 -11.28 -22.54
C TRP A 352 -52.63 -11.85 -23.74
N GLU A 353 -52.23 -10.98 -24.68
CA GLU A 353 -51.57 -11.46 -25.89
C GLU A 353 -50.20 -12.06 -25.59
N GLU A 354 -49.45 -11.47 -24.65
CA GLU A 354 -48.13 -12.00 -24.31
C GLU A 354 -48.23 -13.24 -23.42
N THR A 355 -49.27 -13.31 -22.58
CA THR A 355 -49.39 -14.42 -21.65
C THR A 355 -49.64 -15.74 -22.39
N PHE A 356 -50.60 -15.75 -23.30
CA PHE A 356 -50.99 -16.96 -24.01
C PHE A 356 -50.48 -17.01 -25.44
N ASN A 357 -49.67 -16.04 -25.85
CA ASN A 357 -49.11 -15.98 -27.20
C ASN A 357 -50.21 -16.04 -28.25
N CYS A 358 -51.25 -15.22 -28.05
CA CYS A 358 -52.39 -15.19 -28.95
C CYS A 358 -52.61 -13.78 -29.46
N HIS A 359 -53.67 -13.61 -30.25
CA HIS A 359 -54.09 -12.31 -30.77
C HIS A 359 -55.59 -12.19 -30.60
N LEU A 360 -56.04 -10.98 -30.28
CA LEU A 360 -57.48 -10.74 -30.12
C LEU A 360 -57.88 -9.40 -30.74
N ARG A 392 -49.97 -15.78 -35.58
CA ARG A 392 -50.23 -16.00 -34.15
C ARG A 392 -51.70 -16.36 -33.95
N PRO A 393 -51.95 -17.47 -33.24
CA PRO A 393 -53.31 -17.99 -33.15
C PRO A 393 -54.28 -17.02 -32.48
N LEU A 394 -55.51 -17.03 -32.96
CA LEU A 394 -56.58 -16.28 -32.32
C LEU A 394 -57.00 -16.97 -31.03
N CYS A 395 -57.28 -16.17 -30.00
CA CYS A 395 -57.69 -16.68 -28.70
C CYS A 395 -59.08 -16.18 -28.36
N THR A 396 -59.91 -17.08 -27.82
CA THR A 396 -61.30 -16.74 -27.53
C THR A 396 -61.41 -15.82 -26.31
N GLY A 397 -60.39 -15.83 -25.46
CA GLY A 397 -60.42 -15.09 -24.21
C GLY A 397 -60.82 -15.91 -23.01
N ASP A 398 -61.11 -17.20 -23.19
CA ASP A 398 -61.51 -18.07 -22.09
C ASP A 398 -60.34 -18.84 -21.50
N GLU A 399 -59.12 -18.35 -21.68
CA GLU A 399 -57.95 -19.01 -21.13
C GLU A 399 -57.84 -18.72 -19.62
N ASN A 400 -57.02 -19.52 -18.96
CA ASN A 400 -56.84 -19.45 -17.52
C ASN A 400 -55.45 -18.88 -17.21
N ILE A 401 -55.41 -17.88 -16.32
CA ILE A 401 -54.13 -17.27 -15.94
C ILE A 401 -53.23 -18.27 -15.24
N SER A 402 -53.82 -19.12 -14.40
CA SER A 402 -53.02 -20.08 -13.64
C SER A 402 -52.41 -21.16 -14.54
N SER A 403 -52.86 -21.25 -15.78
CA SER A 403 -52.33 -22.26 -16.69
C SER A 403 -50.94 -21.90 -17.20
N VAL A 404 -50.60 -20.62 -17.21
CA VAL A 404 -49.34 -20.13 -17.75
C VAL A 404 -48.51 -19.54 -16.61
N GLU A 405 -47.21 -19.84 -16.61
CA GLU A 405 -46.32 -19.41 -15.55
C GLU A 405 -45.57 -18.15 -15.98
N THR A 406 -45.96 -17.01 -15.43
CA THR A 406 -45.29 -15.74 -15.69
C THR A 406 -45.06 -15.05 -14.36
N PRO A 407 -44.15 -14.08 -14.31
CA PRO A 407 -43.95 -13.34 -13.05
C PRO A 407 -45.20 -12.66 -12.51
N TYR A 408 -46.24 -12.51 -13.33
CA TYR A 408 -47.48 -11.88 -12.92
C TYR A 408 -48.10 -12.58 -11.71
N ILE A 409 -48.20 -13.91 -11.77
CA ILE A 409 -48.73 -14.68 -10.65
C ILE A 409 -47.66 -15.47 -9.92
N ASP A 410 -46.58 -15.87 -10.60
CA ASP A 410 -45.53 -16.69 -9.99
C ASP A 410 -44.60 -15.80 -9.15
N TYR A 411 -45.15 -15.31 -8.06
CA TYR A 411 -44.39 -14.53 -7.08
C TYR A 411 -44.58 -15.12 -5.70
N THR A 412 -43.58 -14.94 -4.85
CA THR A 412 -43.64 -15.35 -3.46
C THR A 412 -43.86 -14.19 -2.50
N HIS A 413 -43.17 -13.07 -2.70
CA HIS A 413 -43.25 -11.91 -1.81
C HIS A 413 -43.57 -10.66 -2.60
N LEU A 414 -44.43 -9.81 -2.05
CA LEU A 414 -44.74 -8.51 -2.63
C LEU A 414 -43.83 -7.48 -2.00
N ARG A 415 -42.86 -6.98 -2.76
CA ARG A 415 -41.93 -5.97 -2.25
C ARG A 415 -42.10 -4.65 -2.97
N ILE A 416 -42.00 -4.60 -4.31
CA ILE A 416 -42.25 -3.35 -5.02
C ILE A 416 -43.74 -3.10 -5.15
N SER A 417 -44.52 -4.18 -5.31
CA SER A 417 -45.97 -4.03 -5.35
C SER A 417 -46.50 -3.45 -4.05
N TYR A 418 -45.94 -3.89 -2.92
CA TYR A 418 -46.30 -3.29 -1.64
C TYR A 418 -45.89 -1.82 -1.59
N ASN A 419 -44.77 -1.47 -2.23
CA ASN A 419 -44.38 -0.06 -2.29
C ASN A 419 -45.38 0.76 -3.08
N VAL A 420 -45.88 0.23 -4.19
CA VAL A 420 -46.91 0.92 -4.97
C VAL A 420 -48.18 1.09 -4.13
N TYR A 421 -48.57 0.02 -3.45
CA TYR A 421 -49.74 0.04 -2.58
C TYR A 421 -49.59 1.10 -1.49
N LEU A 422 -48.41 1.15 -0.87
CA LEU A 422 -48.14 2.13 0.17
C LEU A 422 -48.13 3.54 -0.36
N ALA A 423 -47.61 3.75 -1.57
CA ALA A 423 -47.63 5.07 -2.16
C ALA A 423 -49.06 5.55 -2.40
N VAL A 424 -49.91 4.67 -2.91
CA VAL A 424 -51.30 5.04 -3.16
C VAL A 424 -52.00 5.37 -1.85
N TYR A 425 -51.80 4.54 -0.82
CA TYR A 425 -52.40 4.84 0.48
C TYR A 425 -51.77 6.07 1.15
N SER A 426 -50.52 6.38 0.84
CA SER A 426 -49.94 7.61 1.38
C SER A 426 -50.62 8.84 0.79
N ILE A 427 -50.81 8.84 -0.53
CA ILE A 427 -51.55 9.94 -1.17
C ILE A 427 -52.98 10.00 -0.64
N ALA A 428 -53.61 8.83 -0.47
CA ALA A 428 -54.99 8.79 0.03
C ALA A 428 -55.08 9.33 1.45
N HIS A 429 -54.10 9.00 2.30
CA HIS A 429 -54.13 9.47 3.68
C HIS A 429 -53.82 10.95 3.77
N ALA A 430 -52.98 11.46 2.86
CA ALA A 430 -52.81 12.91 2.79
C ALA A 430 -54.13 13.59 2.40
N LEU A 431 -54.83 13.04 1.43
CA LEU A 431 -56.14 13.59 1.05
C LEU A 431 -57.13 13.49 2.21
N GLN A 432 -57.09 12.40 2.96
CA GLN A 432 -57.97 12.25 4.12
C GLN A 432 -57.64 13.26 5.21
N ASP A 433 -56.35 13.51 5.45
CA ASP A 433 -55.95 14.52 6.41
C ASP A 433 -56.44 15.90 5.99
N ILE A 434 -56.42 16.17 4.68
CA ILE A 434 -57.04 17.39 4.17
C ILE A 434 -58.54 17.39 4.44
N TYR A 435 -59.18 16.24 4.22
CA TYR A 435 -60.64 16.15 4.35
C TYR A 435 -61.09 16.29 5.80
N THR A 436 -60.31 15.78 6.74
CA THR A 436 -60.67 15.81 8.15
C THR A 436 -60.02 16.97 8.90
N CYS A 437 -59.58 18.00 8.20
CA CYS A 437 -58.88 19.11 8.85
C CYS A 437 -59.87 19.98 9.61
N LEU A 438 -59.58 20.20 10.90
CA LEU A 438 -60.41 21.09 11.71
C LEU A 438 -60.14 22.55 11.36
N PRO A 439 -61.20 23.37 11.29
CA PRO A 439 -61.06 24.71 10.68
C PRO A 439 -59.90 25.54 11.20
N GLY A 440 -59.58 25.46 12.48
CA GLY A 440 -58.52 26.27 13.06
C GLY A 440 -57.20 25.56 13.32
N ARG A 441 -57.03 24.32 12.84
CA ARG A 441 -55.83 23.54 13.10
C ARG A 441 -55.13 23.10 11.82
N GLY A 442 -55.16 23.91 10.77
CA GLY A 442 -54.57 23.53 9.50
C GLY A 442 -53.06 23.72 9.48
N LEU A 443 -52.46 23.14 8.45
CA LEU A 443 -51.03 23.29 8.19
C LEU A 443 -50.70 24.55 7.42
N PHE A 444 -51.69 25.24 6.87
CA PHE A 444 -51.49 26.37 5.98
C PHE A 444 -51.47 27.68 6.77
N THR A 445 -51.53 28.79 6.04
CA THR A 445 -51.45 30.12 6.65
C THR A 445 -52.58 30.34 7.63
N ASN A 446 -52.24 30.84 8.82
CA ASN A 446 -53.19 31.16 9.88
C ASN A 446 -53.98 29.95 10.35
N GLY A 447 -53.46 28.74 10.16
CA GLY A 447 -54.17 27.55 10.56
C GLY A 447 -55.33 27.18 9.69
N SER A 448 -55.41 27.73 8.47
CA SER A 448 -56.50 27.40 7.57
C SER A 448 -56.31 26.00 6.99
N CYS A 449 -57.41 25.44 6.48
CA CYS A 449 -57.41 24.10 5.91
C CYS A 449 -57.81 24.16 4.45
N ALA A 450 -57.24 23.26 3.65
CA ALA A 450 -57.55 23.20 2.24
C ALA A 450 -58.97 22.67 2.03
N ASP A 451 -59.62 23.17 0.99
CA ASP A 451 -60.93 22.68 0.58
C ASP A 451 -60.74 21.43 -0.25
N ILE A 452 -61.17 20.27 0.27
CA ILE A 452 -60.96 19.01 -0.42
C ILE A 452 -61.74 18.98 -1.73
N LYS A 453 -62.82 19.76 -1.81
CA LYS A 453 -63.58 19.85 -3.05
C LYS A 453 -62.79 20.59 -4.13
N LYS A 454 -61.96 21.54 -3.71
CA LYS A 454 -61.15 22.31 -4.65
C LYS A 454 -59.67 22.18 -4.28
N VAL A 455 -59.23 20.94 -4.05
CA VAL A 455 -57.89 20.71 -3.53
C VAL A 455 -56.86 20.95 -4.62
N GLU A 456 -55.67 21.37 -4.21
CA GLU A 456 -54.56 21.65 -5.13
C GLU A 456 -53.38 20.74 -4.81
N ALA A 457 -52.55 20.52 -5.82
CA ALA A 457 -51.46 19.55 -5.69
C ALA A 457 -50.46 19.96 -4.62
N TRP A 458 -50.14 21.25 -4.53
CA TRP A 458 -49.17 21.70 -3.53
C TRP A 458 -49.68 21.48 -2.12
N GLN A 459 -50.99 21.61 -1.91
CA GLN A 459 -51.56 21.32 -0.60
C GLN A 459 -51.39 19.84 -0.24
N VAL A 460 -51.60 18.95 -1.22
CA VAL A 460 -51.41 17.53 -0.99
C VAL A 460 -49.95 17.22 -0.69
N LEU A 461 -49.04 17.90 -1.39
CA LEU A 461 -47.61 17.74 -1.09
C LEU A 461 -47.29 18.19 0.33
N LYS A 462 -47.87 19.32 0.75
CA LYS A 462 -47.67 19.80 2.11
C LYS A 462 -48.17 18.80 3.14
N HIS A 463 -49.33 18.20 2.89
CA HIS A 463 -49.85 17.22 3.83
C HIS A 463 -49.06 15.91 3.76
N LEU A 464 -48.44 15.63 2.61
CA LEU A 464 -47.59 14.45 2.50
C LEU A 464 -46.30 14.63 3.29
N ARG A 465 -45.78 15.86 3.36
CA ARG A 465 -44.57 16.10 4.13
C ARG A 465 -44.80 15.93 5.63
N HIS A 466 -46.05 15.93 6.06
CA HIS A 466 -46.41 15.78 7.47
C HIS A 466 -47.16 14.48 7.74
N LEU A 467 -46.86 13.43 7.00
CA LEU A 467 -47.70 12.23 7.00
C LEU A 467 -47.31 11.26 8.10
N ASN A 468 -48.32 10.83 8.86
CA ASN A 468 -48.23 9.76 9.85
C ASN A 468 -49.43 8.86 9.69
N PHE A 469 -49.23 7.64 9.17
CA PHE A 469 -50.39 6.77 9.12
C PHE A 469 -50.01 5.31 9.35
N THR A 470 -50.98 4.54 9.82
CA THR A 470 -50.77 3.14 10.17
C THR A 470 -51.09 2.24 8.99
N ASN A 471 -50.23 1.25 8.75
CA ASN A 471 -50.40 0.32 7.66
C ASN A 471 -51.46 -0.72 7.99
N ASN A 472 -51.84 -1.51 6.98
CA ASN A 472 -52.61 -2.71 7.22
C ASN A 472 -51.80 -3.75 7.98
N MET A 473 -50.47 -3.63 7.96
CA MET A 473 -49.58 -4.46 8.76
C MET A 473 -49.32 -3.89 10.15
N GLY A 474 -49.94 -2.76 10.49
CA GLY A 474 -49.72 -2.14 11.78
C GLY A 474 -48.35 -1.52 11.96
N GLU A 475 -47.83 -0.85 10.94
CA GLU A 475 -46.60 -0.08 11.04
C GLU A 475 -46.87 1.38 10.68
N GLN A 476 -45.99 2.25 11.17
CA GLN A 476 -46.12 3.69 10.96
C GLN A 476 -45.36 4.09 9.70
N VAL A 477 -46.06 4.73 8.77
CA VAL A 477 -45.47 5.27 7.56
C VAL A 477 -45.37 6.77 7.73
N THR A 478 -44.15 7.27 7.53
CA THR A 478 -43.76 8.67 7.64
C THR A 478 -42.68 8.94 6.61
N PHE A 479 -42.63 10.17 6.11
CA PHE A 479 -41.53 10.62 5.26
C PHE A 479 -40.71 11.67 6.00
N ASP A 480 -39.39 11.56 5.88
CA ASP A 480 -38.49 12.50 6.54
C ASP A 480 -38.40 13.79 5.72
N GLU A 481 -37.45 14.65 6.07
CA GLU A 481 -37.29 15.91 5.34
C GLU A 481 -36.90 15.66 3.89
N CYS A 482 -36.20 14.56 3.62
CA CYS A 482 -35.82 14.19 2.27
C CYS A 482 -36.87 13.34 1.56
N GLY A 483 -38.01 13.05 2.21
CA GLY A 483 -39.03 12.24 1.60
C GLY A 483 -38.70 10.77 1.50
N ASP A 484 -37.82 10.28 2.37
CA ASP A 484 -37.37 8.89 2.32
C ASP A 484 -38.06 8.06 3.40
N LEU A 485 -38.38 6.82 3.06
CA LEU A 485 -38.99 5.87 3.98
C LEU A 485 -37.97 4.77 4.28
N VAL A 486 -37.40 4.81 5.48
CA VAL A 486 -36.37 3.85 5.85
C VAL A 486 -37.00 2.47 6.06
N GLY A 487 -36.24 1.43 5.70
CA GLY A 487 -36.75 0.08 5.83
C GLY A 487 -35.62 -0.93 5.93
N ASN A 488 -35.94 -2.08 6.51
CA ASN A 488 -34.98 -3.17 6.64
C ASN A 488 -34.65 -3.77 5.28
N TYR A 489 -33.60 -4.57 5.24
CA TYR A 489 -33.27 -5.38 4.08
C TYR A 489 -33.24 -6.85 4.45
N SER A 490 -33.66 -7.71 3.52
CA SER A 490 -33.41 -9.14 3.61
C SER A 490 -32.28 -9.50 2.68
N ILE A 491 -31.49 -10.50 3.07
CA ILE A 491 -30.33 -10.94 2.30
C ILE A 491 -30.62 -12.34 1.80
N ILE A 492 -30.61 -12.50 0.48
CA ILE A 492 -31.03 -13.73 -0.19
C ILE A 492 -29.86 -14.30 -0.95
N ASN A 493 -29.91 -15.62 -1.19
CA ASN A 493 -28.90 -16.32 -1.96
C ASN A 493 -29.58 -17.08 -3.10
N TRP A 494 -28.95 -17.04 -4.27
CA TRP A 494 -29.52 -17.67 -5.46
C TRP A 494 -29.21 -19.17 -5.43
N HIS A 495 -30.24 -19.98 -5.26
CA HIS A 495 -30.11 -21.43 -5.25
C HIS A 495 -30.82 -22.02 -6.45
N LEU A 496 -30.55 -23.31 -6.71
CA LEU A 496 -31.18 -24.02 -7.80
C LEU A 496 -32.22 -24.99 -7.26
N SER A 497 -33.43 -24.93 -7.83
CA SER A 497 -34.49 -25.82 -7.38
C SER A 497 -34.22 -27.24 -7.88
N PRO A 498 -34.37 -28.25 -7.02
CA PRO A 498 -34.20 -29.62 -7.50
C PRO A 498 -35.36 -30.10 -8.36
N GLU A 499 -36.60 -29.77 -7.98
CA GLU A 499 -37.75 -30.28 -8.71
C GLU A 499 -37.91 -29.62 -10.07
N ASP A 500 -37.83 -28.28 -10.11
CA ASP A 500 -38.16 -27.53 -11.31
C ASP A 500 -36.94 -27.05 -12.09
N GLY A 501 -35.80 -26.88 -11.42
CA GLY A 501 -34.61 -26.38 -12.07
C GLY A 501 -34.52 -24.87 -12.18
N SER A 502 -35.53 -24.13 -11.71
CA SER A 502 -35.48 -22.69 -11.70
C SER A 502 -34.63 -22.20 -10.53
N ILE A 503 -34.37 -20.90 -10.52
CA ILE A 503 -33.54 -20.30 -9.48
C ILE A 503 -34.43 -19.90 -8.30
N VAL A 504 -34.03 -20.30 -7.10
CA VAL A 504 -34.79 -20.06 -5.88
C VAL A 504 -34.01 -19.06 -5.02
N PHE A 505 -34.69 -18.01 -4.57
CA PHE A 505 -34.08 -17.00 -3.72
C PHE A 505 -34.29 -17.39 -2.26
N LYS A 506 -33.26 -17.97 -1.65
CA LYS A 506 -33.33 -18.38 -0.26
C LYS A 506 -32.85 -17.25 0.65
N GLU A 507 -33.66 -16.92 1.65
CA GLU A 507 -33.26 -15.89 2.60
C GLU A 507 -32.17 -16.44 3.52
N VAL A 508 -31.03 -15.77 3.53
CA VAL A 508 -29.89 -16.25 4.30
C VAL A 508 -29.53 -15.27 5.40
N GLY A 509 -30.13 -14.08 5.39
CA GLY A 509 -29.86 -13.13 6.45
C GLY A 509 -30.71 -11.90 6.34
N TYR A 510 -30.32 -10.88 7.12
CA TYR A 510 -31.00 -9.59 7.06
C TYR A 510 -30.03 -8.47 7.42
N TYR A 511 -30.45 -7.25 7.09
CA TYR A 511 -29.75 -6.03 7.44
C TYR A 511 -30.73 -5.12 8.16
N ASN A 512 -30.44 -4.83 9.43
CA ASN A 512 -31.31 -4.04 10.30
C ASN A 512 -30.80 -2.61 10.31
N VAL A 513 -31.46 -1.75 9.52
CA VAL A 513 -31.03 -0.36 9.43
C VAL A 513 -31.22 0.36 10.76
N TYR A 514 -32.20 -0.08 11.55
CA TYR A 514 -32.47 0.56 12.84
C TYR A 514 -31.36 0.25 13.85
N ALA A 515 -30.69 -0.88 13.70
CA ALA A 515 -29.62 -1.24 14.61
C ALA A 515 -28.43 -0.31 14.45
N LYS A 516 -27.63 -0.21 15.49
CA LYS A 516 -26.44 0.63 15.47
C LYS A 516 -25.38 0.01 14.54
N LYS A 517 -24.43 0.86 14.14
CA LYS A 517 -23.38 0.42 13.22
C LYS A 517 -22.58 -0.72 13.83
N GLY A 518 -22.30 -1.73 13.01
CA GLY A 518 -21.59 -2.91 13.45
C GLY A 518 -22.48 -4.04 13.91
N GLU A 519 -23.76 -3.79 14.13
CA GLU A 519 -24.71 -4.82 14.54
C GLU A 519 -25.87 -4.98 13.55
N ARG A 520 -25.81 -4.29 12.41
CA ARG A 520 -26.93 -4.30 11.48
C ARG A 520 -27.00 -5.60 10.69
N LEU A 521 -25.85 -6.21 10.41
CA LEU A 521 -25.79 -7.37 9.54
C LEU A 521 -25.97 -8.66 10.33
N PHE A 522 -26.85 -9.53 9.84
CA PHE A 522 -26.95 -10.90 10.34
C PHE A 522 -26.99 -11.85 9.15
N ILE A 523 -26.15 -12.88 9.18
CA ILE A 523 -26.06 -13.84 8.09
C ILE A 523 -25.98 -15.25 8.66
N ASN A 524 -26.79 -16.15 8.11
CA ASN A 524 -26.71 -17.58 8.39
C ASN A 524 -25.87 -18.21 7.27
N GLU A 525 -24.57 -18.30 7.52
CA GLU A 525 -23.65 -18.83 6.51
C GLU A 525 -23.91 -20.30 6.18
N GLU A 526 -24.54 -21.05 7.08
CA GLU A 526 -24.84 -22.44 6.81
C GLU A 526 -25.83 -22.58 5.65
N LYS A 527 -26.74 -21.62 5.53
CA LYS A 527 -27.74 -21.65 4.46
C LYS A 527 -27.18 -21.18 3.12
N ILE A 528 -25.96 -20.67 3.10
CA ILE A 528 -25.37 -20.12 1.88
C ILE A 528 -24.70 -21.22 1.08
N LEU A 529 -25.06 -21.32 -0.19
CA LEU A 529 -24.39 -22.20 -1.14
C LEU A 529 -23.57 -21.32 -2.09
N TRP A 530 -22.25 -21.36 -1.93
CA TRP A 530 -21.36 -20.54 -2.75
C TRP A 530 -21.31 -21.10 -4.17
N SER A 531 -21.44 -20.21 -5.15
CA SER A 531 -21.55 -20.55 -6.57
C SER A 531 -22.75 -21.44 -6.86
N GLY A 532 -23.65 -21.61 -5.90
CA GLY A 532 -24.82 -22.45 -6.06
C GLY A 532 -24.68 -23.87 -5.55
N PHE A 533 -23.45 -24.33 -5.28
CA PHE A 533 -23.25 -25.71 -4.87
C PHE A 533 -22.26 -25.90 -3.72
N SER A 534 -21.45 -24.91 -3.37
CA SER A 534 -20.34 -25.09 -2.46
C SER A 534 -20.68 -24.58 -1.07
N ARG A 535 -20.13 -25.25 -0.05
CA ARG A 535 -20.35 -24.88 1.35
C ARG A 535 -19.15 -24.18 1.97
N GLU A 536 -18.04 -24.04 1.24
CA GLU A 536 -16.85 -23.39 1.75
C GLU A 536 -16.80 -21.95 1.25
N VAL A 537 -16.55 -21.02 2.16
CA VAL A 537 -16.45 -19.61 1.79
C VAL A 537 -15.27 -19.42 0.85
N PRO A 538 -15.44 -18.83 -0.32
CA PRO A 538 -14.34 -18.70 -1.27
C PRO A 538 -13.32 -17.67 -0.81
N PHE A 539 -12.13 -17.77 -1.41
CA PHE A 539 -11.00 -16.91 -1.10
C PHE A 539 -10.98 -15.76 -2.10
N SER A 540 -11.09 -14.53 -1.59
CA SER A 540 -11.12 -13.33 -2.43
C SER A 540 -10.18 -12.27 -1.83
N ASN A 541 -8.98 -12.69 -1.45
CA ASN A 541 -7.94 -11.77 -1.01
C ASN A 541 -6.86 -11.69 -2.09
N CYS A 542 -6.20 -10.53 -2.17
CA CYS A 542 -5.18 -10.35 -3.19
C CYS A 542 -3.96 -11.21 -2.92
N SER A 543 -3.51 -11.26 -1.67
CA SER A 543 -2.33 -12.02 -1.30
C SER A 543 -2.65 -12.91 -0.11
N ARG A 544 -2.01 -14.07 -0.07
CA ARG A 544 -2.18 -14.99 1.05
C ARG A 544 -1.65 -14.36 2.33
N ASP A 545 -2.43 -14.50 3.41
CA ASP A 545 -1.94 -14.10 4.72
C ASP A 545 -0.94 -15.13 5.23
N CYS A 546 0.33 -14.88 4.96
CA CYS A 546 1.36 -15.88 5.27
C CYS A 546 1.60 -15.96 6.77
N LEU A 547 2.31 -17.01 7.17
CA LEU A 547 2.39 -17.41 8.58
C LEU A 547 3.29 -16.47 9.37
N ALA A 548 3.50 -16.81 10.64
CA ALA A 548 4.39 -16.05 11.49
C ALA A 548 5.85 -16.38 11.15
N GLY A 549 6.75 -15.49 11.55
CA GLY A 549 8.11 -15.53 11.09
C GLY A 549 8.37 -14.75 9.83
N THR A 550 7.32 -14.21 9.20
CA THR A 550 7.44 -13.40 8.00
C THR A 550 6.83 -12.03 8.27
N ARG A 551 7.06 -11.11 7.33
CA ARG A 551 6.55 -9.75 7.42
C ARG A 551 6.14 -9.26 6.04
N LYS A 552 5.09 -8.46 6.00
CA LYS A 552 4.59 -7.95 4.73
C LYS A 552 5.56 -6.94 4.14
N GLY A 553 5.50 -6.76 2.82
CA GLY A 553 6.32 -5.80 2.13
C GLY A 553 5.66 -5.31 0.86
N ILE A 554 5.98 -4.07 0.48
CA ILE A 554 5.28 -3.37 -0.59
C ILE A 554 5.60 -3.99 -1.93
N ILE A 555 4.59 -4.06 -2.80
CA ILE A 555 4.77 -4.33 -4.23
C ILE A 555 4.45 -3.04 -4.95
N GLU A 556 5.42 -2.54 -5.72
CA GLU A 556 5.29 -1.22 -6.34
C GLU A 556 4.14 -1.20 -7.34
N GLY A 557 3.44 -0.07 -7.39
CA GLY A 557 2.32 0.10 -8.31
C GLY A 557 1.08 -0.69 -7.97
N GLU A 558 0.97 -1.21 -6.75
CA GLU A 558 -0.11 -2.10 -6.38
C GLU A 558 -0.67 -1.68 -5.01
N PRO A 559 -1.98 -1.82 -4.80
CA PRO A 559 -2.56 -1.38 -3.53
C PRO A 559 -2.04 -2.18 -2.34
N THR A 560 -2.32 -1.64 -1.14
CA THR A 560 -1.79 -2.20 0.09
C THR A 560 -2.27 -3.62 0.33
N CYS A 561 -3.43 -3.99 -0.21
CA CYS A 561 -3.98 -5.32 0.02
C CYS A 561 -3.08 -6.39 -0.59
N CYS A 562 -2.34 -6.05 -1.64
CA CYS A 562 -1.43 -6.98 -2.29
C CYS A 562 -0.02 -6.72 -1.77
N PHE A 563 0.60 -7.75 -1.20
CA PHE A 563 1.91 -7.62 -0.56
C PHE A 563 2.73 -8.87 -0.81
N GLU A 564 4.04 -8.72 -0.76
CA GLU A 564 4.95 -9.85 -0.72
C GLU A 564 5.61 -9.91 0.64
N CYS A 565 5.48 -11.04 1.32
CA CYS A 565 6.02 -11.14 2.67
C CYS A 565 7.36 -11.86 2.66
N VAL A 566 8.35 -11.23 3.26
CA VAL A 566 9.72 -11.74 3.36
C VAL A 566 9.94 -12.20 4.79
N GLU A 567 10.70 -13.28 4.96
CA GLU A 567 10.97 -13.80 6.29
C GLU A 567 11.71 -12.77 7.11
N CYS A 568 11.56 -12.86 8.44
CA CYS A 568 12.19 -11.89 9.32
C CYS A 568 13.71 -12.03 9.27
N PRO A 569 14.43 -10.94 9.51
CA PRO A 569 15.89 -11.04 9.58
C PRO A 569 16.33 -11.76 10.84
N ASP A 570 17.57 -12.23 10.83
CA ASP A 570 18.12 -12.88 12.01
C ASP A 570 18.14 -11.91 13.18
N GLY A 571 17.69 -12.38 14.34
CA GLY A 571 17.56 -11.53 15.51
C GLY A 571 16.27 -10.77 15.60
N GLU A 572 15.32 -11.00 14.69
CA GLU A 572 14.03 -10.34 14.72
C GLU A 572 12.94 -11.39 14.54
N TYR A 573 11.78 -11.14 15.14
CA TYR A 573 10.73 -12.15 15.19
C TYR A 573 9.40 -11.51 14.85
N SER A 574 8.54 -12.31 14.21
CA SER A 574 7.13 -11.95 14.03
C SER A 574 6.28 -13.11 14.51
N ASP A 575 5.47 -12.87 15.53
CA ASP A 575 4.61 -13.89 16.11
C ASP A 575 3.18 -13.80 15.61
N GLU A 576 2.90 -12.89 14.68
CA GLU A 576 1.54 -12.63 14.23
C GLU A 576 1.45 -12.81 12.73
N THR A 577 0.31 -13.33 12.28
CA THR A 577 -0.03 -13.33 10.86
C THR A 577 -0.27 -11.90 10.41
N ASP A 578 0.11 -11.62 9.15
CA ASP A 578 0.03 -10.27 8.59
C ASP A 578 0.85 -9.27 9.41
N ALA A 579 2.05 -9.68 9.79
CA ALA A 579 2.95 -8.80 10.54
C ALA A 579 3.42 -7.68 9.63
N SER A 580 3.10 -6.43 9.98
CA SER A 580 3.52 -5.29 9.18
C SER A 580 5.04 -5.15 9.18
N ALA A 581 5.67 -5.44 10.32
CA ALA A 581 7.12 -5.36 10.43
C ALA A 581 7.58 -6.39 11.46
N CYS A 582 8.85 -6.75 11.36
CA CYS A 582 9.45 -7.72 12.27
C CYS A 582 9.94 -7.01 13.52
N ASN A 583 9.42 -7.43 14.68
CA ASN A 583 9.77 -6.78 15.92
C ASN A 583 11.09 -7.33 16.46
N LYS A 584 12.00 -6.42 16.81
CA LYS A 584 13.25 -6.83 17.43
C LYS A 584 13.06 -6.95 18.94
N CYS A 585 13.33 -8.14 19.47
CA CYS A 585 13.10 -8.39 20.88
C CYS A 585 14.37 -8.11 21.68
N PRO A 586 14.28 -7.94 23.00
CA PRO A 586 15.31 -7.22 23.75
C PRO A 586 16.68 -7.89 23.71
N ASP A 587 17.62 -7.21 24.38
CA ASP A 587 19.04 -7.48 24.21
C ASP A 587 19.41 -8.90 24.63
N ASP A 588 18.80 -9.40 25.70
CA ASP A 588 19.09 -10.74 26.20
C ASP A 588 18.35 -11.83 25.45
N PHE A 589 17.64 -11.49 24.38
CA PHE A 589 16.86 -12.44 23.60
C PHE A 589 17.38 -12.48 22.18
N TRP A 590 17.19 -13.61 21.49
CA TRP A 590 17.56 -13.74 20.09
C TRP A 590 16.52 -14.58 19.37
N SER A 591 16.36 -14.31 18.07
CA SER A 591 15.23 -14.82 17.31
C SER A 591 15.23 -16.34 17.22
N ASN A 592 14.04 -16.91 17.18
CA ASN A 592 13.84 -18.33 16.96
C ASN A 592 14.36 -18.71 15.57
N GLU A 593 14.46 -20.02 15.31
CA GLU A 593 14.91 -20.45 13.99
C GLU A 593 13.82 -20.24 12.95
N ASN A 594 12.55 -20.33 13.35
CA ASN A 594 11.45 -20.00 12.45
C ASN A 594 11.13 -18.51 12.49
N HIS A 595 11.66 -17.79 13.48
CA HIS A 595 11.36 -16.38 13.72
C HIS A 595 9.92 -16.16 14.16
N THR A 596 9.22 -17.22 14.54
CA THR A 596 7.89 -17.09 15.12
C THR A 596 7.93 -16.54 16.54
N SER A 597 9.06 -16.66 17.22
CA SER A 597 9.27 -16.04 18.53
C SER A 597 10.75 -15.75 18.66
N CYS A 598 11.20 -15.51 19.88
CA CYS A 598 12.63 -15.43 20.17
C CYS A 598 12.88 -16.01 21.55
N ILE A 599 14.00 -16.73 21.68
CA ILE A 599 14.32 -17.41 22.93
C ILE A 599 15.48 -16.70 23.61
N ALA A 600 15.67 -17.00 24.90
CA ALA A 600 16.72 -16.35 25.67
C ALA A 600 18.10 -16.70 25.12
N LYS A 601 18.99 -15.72 25.16
CA LYS A 601 20.38 -15.96 24.75
C LYS A 601 21.07 -16.84 25.77
N GLU A 602 21.79 -17.85 25.29
CA GLU A 602 22.51 -18.73 26.18
C GLU A 602 23.69 -17.99 26.80
N ILE A 603 23.79 -18.07 28.12
CA ILE A 603 24.89 -17.47 28.85
C ILE A 603 25.99 -18.49 29.02
N GLU A 604 27.21 -18.14 28.62
CA GLU A 604 28.33 -19.06 28.64
C GLU A 604 29.44 -18.53 29.54
N PHE A 605 29.95 -19.42 30.38
CA PHE A 605 31.12 -19.23 31.23
C PHE A 605 31.62 -20.61 31.61
N LEU A 606 32.53 -20.68 32.59
CA LEU A 606 33.06 -21.95 33.08
C LEU A 606 32.34 -22.28 34.38
N SER A 607 31.37 -23.18 34.31
CA SER A 607 30.53 -23.48 35.45
C SER A 607 31.09 -24.65 36.25
N TRP A 608 30.67 -24.72 37.52
CA TRP A 608 31.10 -25.82 38.39
C TRP A 608 30.51 -27.14 37.94
N THR A 609 29.23 -27.15 37.57
CA THR A 609 28.56 -28.40 37.23
C THR A 609 29.04 -28.94 35.88
N GLU A 610 29.69 -28.11 35.08
CA GLU A 610 30.20 -28.57 33.79
C GLU A 610 31.24 -29.68 34.01
N PRO A 611 31.27 -30.71 33.16
CA PRO A 611 32.25 -31.79 33.34
C PRO A 611 33.69 -31.31 33.36
N PHE A 612 34.04 -30.34 32.52
CA PHE A 612 35.41 -29.86 32.50
C PHE A 612 35.70 -28.99 33.72
N GLY A 613 34.72 -28.21 34.15
CA GLY A 613 34.87 -27.50 35.41
C GLY A 613 35.01 -28.45 36.58
N ILE A 614 34.26 -29.55 36.56
CA ILE A 614 34.41 -30.57 37.59
C ILE A 614 35.82 -31.15 37.57
N ALA A 615 36.34 -31.43 36.37
CA ALA A 615 37.70 -31.96 36.26
C ALA A 615 38.72 -30.99 36.83
N LEU A 616 38.61 -29.71 36.48
CA LEU A 616 39.53 -28.71 37.00
C LEU A 616 39.44 -28.59 38.51
N THR A 617 38.22 -28.63 39.07
CA THR A 617 38.05 -28.60 40.51
C THR A 617 38.70 -29.81 41.17
N LEU A 618 38.55 -30.99 40.53
CA LEU A 618 39.19 -32.19 41.08
C LEU A 618 40.70 -32.10 41.06
N PHE A 619 41.30 -31.58 39.98
CA PHE A 619 42.75 -31.39 39.99
C PHE A 619 43.18 -30.37 41.05
N ALA A 620 42.41 -29.30 41.22
CA ALA A 620 42.76 -28.32 42.25
C ALA A 620 42.69 -28.94 43.64
N VAL A 621 41.65 -29.74 43.91
CA VAL A 621 41.53 -30.41 45.20
C VAL A 621 42.63 -31.44 45.38
N LEU A 622 43.02 -32.12 44.31
CA LEU A 622 44.13 -33.07 44.39
C LEU A 622 45.43 -32.35 44.73
N GLY A 623 45.67 -31.19 44.13
CA GLY A 623 46.85 -30.42 44.48
C GLY A 623 46.83 -29.96 45.92
N ILE A 624 45.66 -29.52 46.40
CA ILE A 624 45.54 -29.14 47.81
C ILE A 624 45.84 -30.33 48.72
N PHE A 625 45.32 -31.51 48.36
CA PHE A 625 45.56 -32.71 49.15
C PHE A 625 47.03 -33.08 49.16
N LEU A 626 47.70 -32.99 48.01
CA LEU A 626 49.12 -33.32 47.95
C LEU A 626 49.95 -32.34 48.77
N THR A 627 49.62 -31.05 48.70
CA THR A 627 50.33 -30.06 49.50
C THR A 627 50.11 -30.30 50.99
N ALA A 628 48.88 -30.63 51.38
CA ALA A 628 48.60 -30.94 52.78
C ALA A 628 49.33 -32.20 53.23
N PHE A 629 49.43 -33.20 52.34
CA PHE A 629 50.16 -34.42 52.66
C PHE A 629 51.64 -34.13 52.90
N VAL A 630 52.25 -33.33 52.02
CA VAL A 630 53.65 -32.97 52.20
C VAL A 630 53.84 -32.18 53.50
N LEU A 631 52.92 -31.23 53.77
CA LEU A 631 53.01 -30.45 54.99
C LEU A 631 52.89 -31.32 56.23
N GLY A 632 51.97 -32.28 56.21
CA GLY A 632 51.84 -33.19 57.34
C GLY A 632 53.07 -34.05 57.53
N VAL A 633 53.65 -34.54 56.44
CA VAL A 633 54.90 -35.30 56.53
C VAL A 633 55.99 -34.46 57.16
N PHE A 634 56.04 -33.17 56.80
CA PHE A 634 57.08 -32.29 57.33
C PHE A 634 56.88 -32.01 58.82
N ILE A 635 55.62 -31.75 59.23
CA ILE A 635 55.38 -31.42 60.64
C ILE A 635 55.56 -32.65 61.53
N LYS A 636 55.04 -33.80 61.11
CA LYS A 636 55.11 -34.99 61.97
C LYS A 636 56.55 -35.47 62.12
N PHE A 637 57.39 -35.28 61.11
CA PHE A 637 58.77 -35.74 61.12
C PHE A 637 59.75 -34.58 60.93
N ARG A 638 59.55 -33.50 61.70
CA ARG A 638 60.42 -32.33 61.58
C ARG A 638 61.79 -32.59 62.18
N ASN A 639 61.94 -33.68 62.94
CA ASN A 639 63.21 -33.93 63.62
C ASN A 639 64.21 -34.64 62.72
N THR A 640 63.77 -35.14 61.57
CA THR A 640 64.68 -35.85 60.68
C THR A 640 65.72 -34.89 60.13
N PRO A 641 66.94 -35.37 59.85
CA PRO A 641 68.00 -34.44 59.38
C PRO A 641 67.68 -33.77 58.05
N ILE A 642 66.91 -34.43 57.17
CA ILE A 642 66.67 -33.87 55.84
C ILE A 642 65.84 -32.60 55.93
N VAL A 643 64.83 -32.58 56.81
CA VAL A 643 63.97 -31.40 56.90
C VAL A 643 64.64 -30.34 57.77
N LYS A 644 65.62 -30.75 58.59
CA LYS A 644 66.41 -29.77 59.33
C LYS A 644 67.42 -29.07 58.42
N ALA A 645 67.93 -29.79 57.42
CA ALA A 645 68.89 -29.19 56.49
C ALA A 645 68.27 -28.02 55.74
N THR A 646 67.08 -28.22 55.17
CA THR A 646 66.35 -27.13 54.55
C THR A 646 65.67 -26.28 55.62
N ASN A 647 65.37 -25.03 55.27
CA ASN A 647 64.68 -24.14 56.19
C ASN A 647 63.26 -24.62 56.40
N ARG A 648 62.99 -25.22 57.56
CA ARG A 648 61.68 -25.82 57.79
C ARG A 648 60.59 -24.76 57.86
N GLU A 649 60.89 -23.61 58.47
CA GLU A 649 59.90 -22.54 58.52
C GLU A 649 59.60 -22.00 57.12
N LEU A 650 60.64 -21.85 56.29
CA LEU A 650 60.41 -21.43 54.91
C LEU A 650 59.69 -22.51 54.12
N SER A 651 59.91 -23.78 54.45
CA SER A 651 59.17 -24.84 53.80
C SER A 651 57.68 -24.78 54.15
N TYR A 652 57.36 -24.53 55.42
CA TYR A 652 55.97 -24.34 55.81
C TYR A 652 55.35 -23.15 55.10
N LEU A 653 56.09 -22.04 55.03
CA LEU A 653 55.57 -20.85 54.33
C LEU A 653 55.34 -21.14 52.86
N LEU A 654 56.25 -21.88 52.23
CA LEU A 654 56.11 -22.19 50.81
C LEU A 654 54.93 -23.12 50.57
N LEU A 655 54.71 -24.09 51.46
CA LEU A 655 53.54 -24.97 51.34
C LEU A 655 52.24 -24.19 51.53
N PHE A 656 52.22 -23.25 52.48
CA PHE A 656 51.04 -22.39 52.64
C PHE A 656 50.80 -21.55 51.39
N SER A 657 51.89 -21.05 50.80
CA SER A 657 51.75 -20.27 49.57
C SER A 657 51.24 -21.12 48.42
N LEU A 658 51.66 -22.39 48.36
CA LEU A 658 51.12 -23.30 47.34
C LEU A 658 49.63 -23.56 47.57
N LEU A 659 49.22 -23.70 48.83
CA LEU A 659 47.80 -23.82 49.13
C LEU A 659 47.04 -22.59 48.65
N CYS A 660 47.60 -21.40 48.88
CA CYS A 660 46.99 -20.18 48.39
C CYS A 660 46.93 -20.16 46.87
N CYS A 661 47.96 -20.70 46.21
CA CYS A 661 47.98 -20.78 44.75
C CYS A 661 46.85 -21.66 44.23
N PHE A 662 46.65 -22.82 44.86
CA PHE A 662 45.56 -23.71 44.44
C PHE A 662 44.20 -23.07 44.72
N SER A 663 44.07 -22.39 45.86
CA SER A 663 42.83 -21.69 46.15
C SER A 663 42.56 -20.59 45.12
N SER A 664 43.61 -19.91 44.65
CA SER A 664 43.44 -18.91 43.61
C SER A 664 43.07 -19.56 42.28
N SER A 665 43.62 -20.73 41.99
CA SER A 665 43.19 -21.49 40.82
C SER A 665 41.70 -21.81 40.90
N LEU A 666 41.20 -22.05 42.12
CA LEU A 666 39.77 -22.29 42.29
C LEU A 666 38.93 -21.06 41.98
N PHE A 667 39.53 -19.86 42.03
CA PHE A 667 38.76 -18.64 41.81
C PHE A 667 38.23 -18.56 40.38
N PHE A 668 39.07 -18.90 39.40
CA PHE A 668 38.70 -18.70 38.01
C PHE A 668 37.53 -19.58 37.60
N ILE A 669 37.39 -20.75 38.24
CA ILE A 669 36.24 -21.60 37.98
C ILE A 669 34.99 -20.98 38.62
N GLY A 670 33.88 -21.06 37.92
CA GLY A 670 32.61 -20.56 38.41
C GLY A 670 32.13 -19.36 37.62
N GLU A 671 30.94 -18.90 37.98
CA GLU A 671 30.37 -17.73 37.32
C GLU A 671 31.13 -16.47 37.74
N PRO A 672 31.56 -15.64 36.78
CA PRO A 672 32.30 -14.43 37.15
C PRO A 672 31.45 -13.47 37.96
N GLN A 673 32.11 -12.76 38.89
CA GLN A 673 31.48 -11.75 39.72
C GLN A 673 32.52 -10.67 39.98
N ASP A 674 32.04 -9.49 40.41
CA ASP A 674 32.94 -8.36 40.62
C ASP A 674 34.09 -8.72 41.55
N TRP A 675 33.76 -9.29 42.72
CA TRP A 675 34.81 -9.69 43.64
C TRP A 675 35.63 -10.85 43.08
N THR A 676 34.99 -11.74 42.32
CA THR A 676 35.71 -12.86 41.72
C THR A 676 36.73 -12.38 40.71
N CYS A 677 36.34 -11.47 39.81
CA CYS A 677 37.31 -10.92 38.86
C CYS A 677 38.30 -10.01 39.55
N ARG A 678 37.96 -9.49 40.74
CA ARG A 678 38.90 -8.66 41.49
C ARG A 678 39.94 -9.49 42.24
N LEU A 679 39.63 -10.75 42.56
CA LEU A 679 40.50 -11.56 43.41
C LEU A 679 41.04 -12.78 42.68
N ARG A 680 41.09 -12.75 41.35
CA ARG A 680 41.61 -13.86 40.57
C ARG A 680 43.10 -13.69 40.25
N GLN A 681 43.46 -12.62 39.55
CA GLN A 681 44.88 -12.36 39.30
C GLN A 681 45.65 -12.04 40.57
N PRO A 682 45.19 -11.15 41.47
CA PRO A 682 45.98 -10.83 42.65
C PRO A 682 46.31 -12.02 43.54
N ALA A 683 45.37 -12.92 43.74
CA ALA A 683 45.59 -14.04 44.65
C ALA A 683 46.72 -14.94 44.14
N PHE A 684 46.63 -15.35 42.87
CA PHE A 684 47.68 -16.17 42.29
C PHE A 684 49.00 -15.43 42.25
N GLY A 685 48.97 -14.13 41.91
CA GLY A 685 50.21 -13.39 41.85
C GLY A 685 50.92 -13.35 43.19
N ILE A 686 50.19 -13.01 44.25
CA ILE A 686 50.79 -12.94 45.58
C ILE A 686 51.26 -14.31 46.05
N SER A 687 50.44 -15.35 45.86
CA SER A 687 50.84 -16.68 46.31
C SER A 687 52.10 -17.16 45.58
N PHE A 688 52.16 -16.98 44.26
CA PHE A 688 53.29 -17.51 43.51
C PHE A 688 54.55 -16.69 43.75
N VAL A 689 54.40 -15.37 43.95
CA VAL A 689 55.56 -14.57 44.30
C VAL A 689 56.08 -14.93 45.68
N LEU A 690 55.17 -15.27 46.61
CA LEU A 690 55.63 -15.75 47.91
C LEU A 690 56.38 -17.08 47.78
N CYS A 691 55.88 -17.98 46.93
CA CYS A 691 56.60 -19.22 46.65
C CYS A 691 58.00 -18.94 46.11
N ILE A 692 58.09 -18.05 45.10
CA ILE A 692 59.37 -17.76 44.48
C ILE A 692 60.30 -17.06 45.47
N SER A 693 59.74 -16.27 46.38
CA SER A 693 60.57 -15.61 47.39
C SER A 693 61.16 -16.62 48.38
N CYS A 694 60.35 -17.59 48.81
CA CYS A 694 60.88 -18.64 49.67
C CYS A 694 61.96 -19.44 48.95
N ILE A 695 61.73 -19.76 47.68
CA ILE A 695 62.76 -20.42 46.88
C ILE A 695 64.00 -19.55 46.78
N LEU A 696 63.82 -18.23 46.66
CA LEU A 696 64.94 -17.30 46.55
C LEU A 696 65.79 -17.33 47.82
N VAL A 697 65.16 -17.30 48.99
CA VAL A 697 65.95 -17.31 50.23
C VAL A 697 66.61 -18.67 50.43
N LYS A 698 65.95 -19.75 50.00
CA LYS A 698 66.60 -21.06 50.07
C LYS A 698 67.83 -21.11 49.17
N THR A 699 67.74 -20.57 47.96
CA THR A 699 68.91 -20.50 47.09
C THR A 699 70.00 -19.62 47.69
N ASN A 700 69.62 -18.48 48.26
CA ASN A 700 70.60 -17.59 48.86
C ASN A 700 71.35 -18.27 50.00
N ARG A 701 70.64 -19.08 50.80
CA ARG A 701 71.33 -19.93 51.77
C ARG A 701 72.22 -20.96 51.08
N VAL A 702 71.75 -21.52 49.96
CA VAL A 702 72.55 -22.48 49.21
C VAL A 702 73.80 -21.81 48.64
N LEU A 703 73.65 -20.59 48.13
CA LEU A 703 74.78 -19.83 47.57
C LEU A 703 75.94 -19.71 48.56
N ASN A 722 64.91 -15.07 59.76
CA ASN A 722 65.21 -13.69 60.12
C ASN A 722 65.31 -12.80 58.88
N LEU A 723 66.47 -12.83 58.23
CA LEU A 723 66.65 -12.03 57.02
C LEU A 723 65.88 -12.60 55.85
N GLN A 724 65.74 -13.93 55.80
CA GLN A 724 64.96 -14.57 54.74
C GLN A 724 63.50 -14.13 54.81
N PHE A 725 62.94 -14.07 56.02
CA PHE A 725 61.60 -13.54 56.19
C PHE A 725 61.52 -12.09 55.71
N LEU A 726 62.56 -11.31 55.98
CA LEU A 726 62.58 -9.93 55.52
C LEU A 726 62.55 -9.85 53.99
N LEU A 727 63.32 -10.72 53.31
CA LEU A 727 63.35 -10.68 51.86
C LEU A 727 62.00 -11.11 51.26
N VAL A 728 61.42 -12.19 51.79
CA VAL A 728 60.13 -12.63 51.26
C VAL A 728 59.06 -11.59 51.54
N PHE A 729 59.14 -10.93 52.71
CA PHE A 729 58.21 -9.86 53.02
C PHE A 729 58.37 -8.69 52.07
N LEU A 730 59.62 -8.35 51.72
CA LEU A 730 59.86 -7.26 50.79
C LEU A 730 59.23 -7.56 49.43
N CYS A 731 59.44 -8.77 48.91
CA CYS A 731 58.89 -9.11 47.60
C CYS A 731 57.36 -9.13 47.61
N THR A 732 56.77 -9.83 48.59
CA THR A 732 55.31 -9.90 48.67
C THR A 732 54.71 -8.52 48.91
N PHE A 733 55.41 -7.66 49.67
CA PHE A 733 54.91 -6.32 49.92
C PHE A 733 54.95 -5.47 48.67
N MET A 734 56.01 -5.58 47.87
CA MET A 734 56.04 -4.86 46.60
C MET A 734 54.88 -5.27 45.71
N GLN A 735 54.64 -6.58 45.59
CA GLN A 735 53.55 -7.01 44.71
C GLN A 735 52.19 -6.63 45.29
N ILE A 736 52.03 -6.67 46.61
CA ILE A 736 50.74 -6.31 47.20
C ILE A 736 50.51 -4.81 47.09
N VAL A 737 51.58 -4.00 47.12
CA VAL A 737 51.42 -2.58 46.85
C VAL A 737 50.94 -2.36 45.42
N ILE A 738 51.52 -3.08 44.46
CA ILE A 738 51.03 -2.99 43.08
C ILE A 738 49.55 -3.36 43.03
N CYS A 739 49.17 -4.46 43.67
CA CYS A 739 47.79 -4.92 43.68
C CYS A 739 46.85 -3.89 44.27
N VAL A 740 47.19 -3.36 45.45
CA VAL A 740 46.34 -2.36 46.09
C VAL A 740 46.21 -1.14 45.20
N ILE A 741 47.30 -0.76 44.53
CA ILE A 741 47.27 0.39 43.63
C ILE A 741 46.24 0.18 42.53
N TRP A 742 46.30 -0.97 41.84
CA TRP A 742 45.47 -1.07 40.64
C TRP A 742 44.09 -1.62 40.94
N LEU A 743 43.84 -2.02 42.19
CA LEU A 743 42.46 -2.25 42.62
C LEU A 743 41.83 -1.00 43.20
N TYR A 744 42.65 -0.07 43.70
CA TYR A 744 42.13 1.22 44.13
C TYR A 744 41.79 2.10 42.93
N THR A 745 42.66 2.12 41.93
CA THR A 745 42.43 2.98 40.76
C THR A 745 41.30 2.44 39.89
N ALA A 746 41.46 1.23 39.35
CA ALA A 746 40.49 0.66 38.41
C ALA A 746 40.37 -0.83 38.68
N PRO A 747 39.39 -1.25 39.47
CA PRO A 747 39.22 -2.67 39.77
C PRO A 747 38.68 -3.43 38.57
N PRO A 748 39.02 -4.71 38.44
CA PRO A 748 38.40 -5.54 37.41
C PRO A 748 36.90 -5.70 37.67
N SER A 749 36.14 -5.88 36.59
CA SER A 749 34.69 -5.97 36.71
C SER A 749 34.15 -7.03 35.75
N SER A 750 33.01 -7.62 36.13
CA SER A 750 32.37 -8.61 35.29
C SER A 750 31.49 -7.94 34.24
N TYR A 751 31.64 -8.39 32.99
CA TYR A 751 30.90 -7.82 31.86
C TYR A 751 30.35 -8.94 30.99
N ARG A 752 29.19 -8.69 30.41
CA ARG A 752 28.48 -9.66 29.58
C ARG A 752 28.71 -9.30 28.11
N ASN A 753 29.76 -9.87 27.51
CA ASN A 753 30.08 -9.62 26.12
C ASN A 753 29.02 -10.23 25.22
N GLN A 754 28.36 -9.40 24.43
CA GLN A 754 27.34 -9.84 23.50
C GLN A 754 27.72 -9.64 22.04
N GLU A 755 28.95 -9.24 21.76
CA GLU A 755 29.33 -8.93 20.38
C GLU A 755 30.12 -10.06 19.74
N LEU A 756 30.76 -10.92 20.55
CA LEU A 756 31.54 -12.02 19.98
C LEU A 756 30.63 -13.01 19.25
N GLU A 757 29.51 -13.38 19.86
CA GLU A 757 28.52 -14.24 19.24
C GLU A 757 27.15 -13.63 19.42
N ASP A 758 26.36 -13.59 18.34
CA ASP A 758 25.03 -13.00 18.41
C ASP A 758 24.11 -13.79 19.32
N GLU A 759 24.13 -15.11 19.21
CA GLU A 759 23.17 -15.93 19.94
C GLU A 759 23.55 -16.14 21.40
N ILE A 760 24.82 -15.95 21.74
CA ILE A 760 25.36 -16.36 23.03
C ILE A 760 26.02 -15.16 23.70
N ILE A 761 25.77 -15.00 25.00
CA ILE A 761 26.42 -13.96 25.80
C ILE A 761 27.52 -14.59 26.62
N PHE A 762 28.75 -14.10 26.47
CA PHE A 762 29.90 -14.61 27.20
C PHE A 762 30.07 -13.77 28.45
N ILE A 763 29.97 -14.37 29.64
CA ILE A 763 30.23 -13.60 30.85
C ILE A 763 31.72 -13.70 31.17
N THR A 764 32.43 -12.57 31.09
CA THR A 764 33.87 -12.55 31.35
C THR A 764 34.23 -11.33 32.18
N CYS A 765 35.52 -11.02 32.30
CA CYS A 765 35.97 -9.95 33.17
C CYS A 765 36.88 -8.98 32.43
N HIS A 766 36.65 -7.69 32.65
CA HIS A 766 37.60 -6.63 32.29
C HIS A 766 38.62 -6.47 33.39
N GLU A 767 39.90 -6.52 33.03
CA GLU A 767 40.97 -6.29 33.98
C GLU A 767 40.94 -4.87 34.51
N GLY A 768 40.48 -3.93 33.69
CA GLY A 768 40.45 -2.53 34.07
C GLY A 768 41.71 -1.79 33.65
N SER A 769 42.83 -2.12 34.29
CA SER A 769 44.11 -1.50 33.96
C SER A 769 45.01 -2.58 33.35
N LEU A 770 45.19 -2.52 32.04
CA LEU A 770 46.02 -3.52 31.35
C LEU A 770 47.50 -3.33 31.68
N MET A 771 47.94 -2.08 31.78
CA MET A 771 49.34 -1.83 32.12
C MET A 771 49.66 -2.30 33.53
N ALA A 772 48.67 -2.29 34.41
CA ALA A 772 48.85 -2.87 35.74
C ALA A 772 49.02 -4.38 35.67
N LEU A 773 48.28 -5.04 34.78
CA LEU A 773 48.52 -6.46 34.53
C LEU A 773 49.93 -6.69 34.01
N GLY A 774 50.39 -5.79 33.13
CA GLY A 774 51.77 -5.86 32.69
C GLY A 774 52.74 -5.77 33.85
N PHE A 775 52.48 -4.85 34.79
CA PHE A 775 53.29 -4.77 36.01
C PHE A 775 53.26 -6.07 36.80
N LEU A 776 52.08 -6.67 36.95
CA LEU A 776 51.96 -7.86 37.80
C LEU A 776 52.75 -9.02 37.23
N ILE A 777 52.52 -9.36 35.96
CA ILE A 777 53.28 -10.45 35.34
C ILE A 777 54.76 -10.07 35.20
N GLY A 778 55.06 -8.80 34.97
CA GLY A 778 56.45 -8.40 34.87
C GLY A 778 57.20 -8.60 36.18
N TYR A 779 56.58 -8.24 37.30
CA TYR A 779 57.20 -8.46 38.60
C TYR A 779 57.34 -9.94 38.91
N THR A 780 56.28 -10.71 38.67
CA THR A 780 56.37 -12.15 38.94
C THR A 780 57.48 -12.80 38.11
N CYS A 781 57.52 -12.51 36.81
CA CYS A 781 58.54 -13.08 35.94
C CYS A 781 59.92 -12.50 36.18
N LEU A 782 60.03 -11.28 36.70
CA LEU A 782 61.35 -10.73 37.02
C LEU A 782 61.93 -11.38 38.27
N LEU A 783 61.10 -11.55 39.31
CA LEU A 783 61.53 -12.33 40.46
C LEU A 783 61.89 -13.74 40.05
N ALA A 784 61.09 -14.33 39.14
CA ALA A 784 61.46 -15.58 38.52
C ALA A 784 62.87 -15.50 37.93
N ALA A 785 63.06 -14.63 36.94
CA ALA A 785 64.34 -14.55 36.23
C ALA A 785 65.51 -14.43 37.19
N ILE A 786 65.34 -13.64 38.25
CA ILE A 786 66.39 -13.53 39.26
C ILE A 786 66.63 -14.88 39.93
N CYS A 787 65.55 -15.58 40.30
CA CYS A 787 65.71 -16.88 40.94
C CYS A 787 66.38 -17.88 40.01
N PHE A 788 65.96 -17.90 38.75
CA PHE A 788 66.53 -18.82 37.77
C PHE A 788 68.01 -18.52 37.55
N PHE A 789 68.38 -17.25 37.47
CA PHE A 789 69.77 -16.87 37.31
C PHE A 789 70.60 -17.35 38.50
N PHE A 790 70.14 -17.07 39.71
CA PHE A 790 70.91 -17.46 40.89
C PHE A 790 70.98 -18.97 41.05
N ALA A 791 69.93 -19.69 40.67
CA ALA A 791 69.97 -21.14 40.75
C ALA A 791 70.88 -21.73 39.67
N PHE A 792 70.90 -21.11 38.49
CA PHE A 792 71.81 -21.55 37.44
C PHE A 792 73.26 -21.35 37.85
N LYS A 793 73.55 -20.25 38.56
CA LYS A 793 74.91 -20.02 39.03
C LYS A 793 75.40 -21.11 39.98
N SER A 794 74.50 -21.78 40.69
CA SER A 794 74.88 -22.80 41.66
C SER A 794 74.22 -24.15 41.35
N ARG A 795 74.04 -24.48 40.07
CA ARG A 795 73.35 -25.70 39.70
C ARG A 795 74.12 -26.94 40.14
N LYS A 796 75.44 -26.94 39.95
CA LYS A 796 76.22 -28.15 40.17
C LYS A 796 76.46 -28.42 41.65
N LEU A 797 76.29 -27.41 42.49
CA LEU A 797 76.66 -27.53 43.89
C LEU A 797 75.73 -28.50 44.61
N PRO A 798 76.26 -29.56 45.24
CA PRO A 798 75.42 -30.46 46.03
C PRO A 798 75.21 -29.97 47.45
N GLU A 799 73.97 -29.61 47.79
CA GLU A 799 73.63 -29.14 49.13
C GLU A 799 72.15 -29.35 49.36
N ASN A 800 71.80 -29.85 50.53
CA ASN A 800 70.43 -30.24 50.86
C ASN A 800 69.91 -31.24 49.83
N PHE A 801 70.73 -32.27 49.58
CA PHE A 801 70.49 -33.23 48.49
C PHE A 801 70.42 -32.52 47.15
N ASN A 802 71.28 -31.51 46.96
CA ASN A 802 71.36 -30.74 45.72
C ASN A 802 69.99 -30.23 45.29
N GLU A 803 69.39 -29.38 46.12
CA GLU A 803 68.07 -28.83 45.81
C GLU A 803 68.15 -27.80 44.69
N ALA A 804 69.36 -27.33 44.37
CA ALA A 804 69.51 -26.26 43.39
C ALA A 804 69.01 -26.69 42.00
N LYS A 805 69.36 -27.90 41.58
CA LYS A 805 68.91 -28.34 40.25
C LYS A 805 67.40 -28.49 40.22
N PHE A 806 66.82 -28.95 41.33
CA PHE A 806 65.37 -29.08 41.41
C PHE A 806 64.68 -27.72 41.36
N ILE A 807 65.27 -26.73 42.02
CA ILE A 807 64.75 -25.36 41.95
C ILE A 807 64.79 -24.86 40.51
N THR A 808 65.93 -25.08 39.83
CA THR A 808 66.05 -24.67 38.44
C THR A 808 65.00 -25.38 37.57
N PHE A 809 64.79 -26.67 37.83
CA PHE A 809 63.81 -27.43 37.05
C PHE A 809 62.40 -26.90 37.26
N SER A 810 62.02 -26.65 38.52
CA SER A 810 60.69 -26.10 38.79
C SER A 810 60.51 -24.75 38.11
N MET A 811 61.54 -23.92 38.15
CA MET A 811 61.43 -22.58 37.57
C MET A 811 61.35 -22.63 36.05
N LEU A 812 62.14 -23.50 35.43
CA LEU A 812 62.06 -23.64 33.98
C LEU A 812 60.73 -24.25 33.57
N ILE A 813 60.15 -25.12 34.39
CA ILE A 813 58.80 -25.60 34.13
C ILE A 813 57.80 -24.45 34.19
N PHE A 814 57.95 -23.58 35.18
CA PHE A 814 57.13 -22.37 35.26
C PHE A 814 57.19 -21.58 33.95
N PHE A 815 58.41 -21.31 33.48
CA PHE A 815 58.58 -20.57 32.23
C PHE A 815 58.04 -21.32 31.01
N ILE A 816 58.20 -22.65 30.95
CA ILE A 816 57.63 -23.42 29.85
C ILE A 816 56.12 -23.32 29.84
N VAL A 817 55.49 -23.49 31.00
CA VAL A 817 54.03 -23.47 31.06
C VAL A 817 53.49 -22.11 30.66
N TRP A 818 54.07 -21.05 31.22
CA TRP A 818 53.48 -19.73 31.02
C TRP A 818 53.76 -19.18 29.62
N ILE A 819 54.93 -19.49 29.07
CA ILE A 819 55.20 -19.13 27.68
C ILE A 819 54.33 -19.97 26.74
N SER A 820 54.13 -21.24 27.08
CA SER A 820 53.45 -22.16 26.18
C SER A 820 51.98 -21.79 25.96
N PHE A 821 51.34 -21.20 26.97
CA PHE A 821 49.93 -20.85 26.87
C PHE A 821 49.69 -19.46 26.32
N ILE A 822 50.74 -18.73 25.95
CA ILE A 822 50.55 -17.44 25.27
C ILE A 822 49.67 -17.57 24.03
N PRO A 823 49.87 -18.58 23.14
CA PRO A 823 48.90 -18.78 22.06
C PRO A 823 47.49 -19.01 22.57
N ALA A 824 47.37 -19.72 23.68
CA ALA A 824 46.06 -20.00 24.25
C ALA A 824 45.37 -18.73 24.71
N TYR A 825 46.12 -17.83 25.36
CA TYR A 825 45.54 -16.56 25.79
C TYR A 825 45.18 -15.68 24.60
N ALA A 826 45.87 -15.84 23.48
CA ALA A 826 45.68 -14.98 22.33
C ALA A 826 44.41 -15.35 21.59
N SER A 827 43.45 -14.43 21.57
CA SER A 827 42.22 -14.46 20.77
C SER A 827 41.24 -15.55 21.19
N THR A 828 41.55 -16.37 22.20
CA THR A 828 40.62 -17.38 22.69
C THR A 828 39.75 -16.77 23.78
N TYR A 829 38.89 -15.84 23.36
CA TYR A 829 37.97 -15.16 24.26
C TYR A 829 36.66 -15.95 24.32
N GLY A 830 36.45 -16.63 25.44
CA GLY A 830 35.26 -17.45 25.63
C GLY A 830 35.23 -18.04 27.02
N LYS A 831 34.62 -19.21 27.17
CA LYS A 831 34.63 -19.91 28.44
C LYS A 831 35.93 -20.67 28.67
N PHE A 832 36.81 -20.73 27.67
CA PHE A 832 38.02 -21.53 27.75
C PHE A 832 39.25 -20.73 28.16
N VAL A 833 39.17 -19.40 28.22
CA VAL A 833 40.30 -18.62 28.73
C VAL A 833 40.50 -18.88 30.22
N SER A 834 39.39 -18.94 30.97
CA SER A 834 39.48 -19.29 32.39
C SER A 834 40.01 -20.71 32.55
N ALA A 835 39.60 -21.63 31.66
CA ALA A 835 40.11 -22.99 31.71
C ALA A 835 41.62 -23.01 31.48
N VAL A 836 42.10 -22.26 30.50
CA VAL A 836 43.53 -22.21 30.22
C VAL A 836 44.29 -21.63 31.40
N GLU A 837 43.74 -20.58 32.01
CA GLU A 837 44.41 -19.96 33.16
C GLU A 837 44.46 -20.92 34.35
N VAL A 838 43.37 -21.65 34.60
CA VAL A 838 43.37 -22.66 35.66
C VAL A 838 44.39 -23.74 35.38
N ILE A 839 44.47 -24.21 34.14
CA ILE A 839 45.43 -25.25 33.78
C ILE A 839 46.86 -24.75 33.95
N ALA A 840 47.12 -23.50 33.56
CA ALA A 840 48.45 -22.93 33.75
C ALA A 840 48.82 -22.85 35.23
N ILE A 841 47.89 -22.39 36.05
CA ILE A 841 48.16 -22.28 37.49
C ILE A 841 48.45 -23.65 38.08
N LEU A 842 47.61 -24.64 37.73
CA LEU A 842 47.81 -25.98 38.25
C LEU A 842 49.14 -26.57 37.79
N ALA A 843 49.49 -26.38 36.51
CA ALA A 843 50.74 -26.91 36.01
C ALA A 843 51.94 -26.28 36.72
N ALA A 844 51.95 -24.96 36.85
CA ALA A 844 53.07 -24.29 37.51
C ALA A 844 53.17 -24.70 38.98
N SER A 845 52.04 -24.74 39.68
CA SER A 845 52.06 -25.12 41.09
C SER A 845 52.51 -26.56 41.28
N PHE A 846 52.02 -27.48 40.44
CA PHE A 846 52.43 -28.86 40.53
C PHE A 846 53.91 -29.02 40.23
N GLY A 847 54.41 -28.31 39.20
CA GLY A 847 55.83 -28.37 38.91
C GLY A 847 56.68 -27.91 40.07
N LEU A 848 56.33 -26.76 40.65
CA LEU A 848 57.07 -26.23 41.78
C LEU A 848 57.03 -27.19 42.96
N LEU A 849 55.83 -27.64 43.32
CA LEU A 849 55.68 -28.55 44.47
C LEU A 849 56.47 -29.82 44.26
N ALA A 850 56.33 -30.45 43.09
CA ALA A 850 57.03 -31.69 42.81
C ALA A 850 58.53 -31.50 42.89
N CYS A 851 59.07 -30.52 42.15
CA CYS A 851 60.52 -30.35 42.11
C CYS A 851 61.08 -30.05 43.50
N ILE A 852 60.37 -29.23 44.28
CA ILE A 852 60.91 -28.85 45.59
C ILE A 852 60.83 -30.01 46.58
N PHE A 853 59.68 -30.69 46.65
CA PHE A 853 59.42 -31.57 47.78
C PHE A 853 59.41 -33.06 47.47
N PHE A 854 59.23 -33.48 46.22
CA PHE A 854 59.06 -34.90 45.94
C PHE A 854 60.38 -35.64 46.08
N ASN A 855 61.50 -34.97 45.85
CA ASN A 855 62.80 -35.58 46.13
C ASN A 855 62.96 -35.88 47.62
N LYS A 856 62.58 -34.93 48.48
CA LYS A 856 62.63 -35.16 49.92
C LYS A 856 61.66 -36.27 50.31
N ILE A 857 60.49 -36.31 49.69
CA ILE A 857 59.52 -37.36 49.97
C ILE A 857 60.09 -38.72 49.59
N TYR A 858 60.77 -38.79 48.44
CA TYR A 858 61.41 -40.03 48.01
C TYR A 858 62.49 -40.46 49.00
N ILE A 859 63.29 -39.50 49.48
CA ILE A 859 64.31 -39.83 50.48
C ILE A 859 63.68 -40.37 51.74
N ILE A 860 62.61 -39.71 52.22
CA ILE A 860 61.84 -40.22 53.36
C ILE A 860 61.03 -41.47 52.99
N LEU A 861 60.52 -41.54 51.76
CA LEU A 861 59.76 -42.69 51.27
C LEU A 861 58.54 -42.98 52.14
N GLY B 21 -43.85 32.17 -21.37
CA GLY B 21 -42.81 31.93 -20.39
C GLY B 21 -42.58 33.11 -19.48
N PRO B 22 -41.36 33.23 -18.95
CA PRO B 22 -41.04 34.34 -18.05
C PRO B 22 -41.18 35.68 -18.74
N ASP B 23 -41.61 36.69 -17.97
CA ASP B 23 -41.80 38.03 -18.53
C ASP B 23 -40.49 38.64 -18.98
N GLN B 24 -39.43 38.49 -18.17
CA GLN B 24 -38.13 39.06 -18.51
C GLN B 24 -37.48 38.18 -19.57
N ARG B 25 -37.27 38.73 -20.75
CA ARG B 25 -36.85 37.94 -21.90
C ARG B 25 -36.23 38.86 -22.95
N ALA B 26 -35.50 38.25 -23.87
CA ALA B 26 -34.96 38.94 -25.04
C ALA B 26 -35.58 38.30 -26.28
N GLN B 27 -36.49 39.00 -26.93
CA GLN B 27 -37.28 38.44 -28.02
C GLN B 27 -37.12 39.27 -29.28
N LYS B 28 -36.89 38.60 -30.40
CA LYS B 28 -36.93 39.21 -31.72
C LYS B 28 -37.65 38.28 -32.68
N LYS B 29 -38.37 38.87 -33.62
CA LYS B 29 -39.17 38.11 -34.58
C LYS B 29 -38.38 37.85 -35.84
N GLY B 30 -38.63 36.69 -36.46
CA GLY B 30 -37.96 36.33 -37.69
C GLY B 30 -38.60 35.10 -38.29
N ASP B 31 -38.03 34.67 -39.41
CA ASP B 31 -38.54 33.47 -40.08
C ASP B 31 -38.16 32.22 -39.30
N ILE B 32 -36.92 32.16 -38.81
CA ILE B 32 -36.43 31.05 -38.02
C ILE B 32 -36.06 31.58 -36.64
N ILE B 33 -36.58 30.94 -35.60
CA ILE B 33 -36.43 31.41 -34.23
C ILE B 33 -35.46 30.51 -33.48
N LEU B 34 -34.47 31.11 -32.83
CA LEU B 34 -33.49 30.38 -32.04
C LEU B 34 -33.80 30.57 -30.56
N GLY B 35 -33.80 29.47 -29.82
CA GLY B 35 -33.95 29.55 -28.38
C GLY B 35 -32.65 29.92 -27.69
N GLY B 36 -32.79 30.59 -26.56
CA GLY B 36 -31.63 31.04 -25.80
C GLY B 36 -31.80 30.78 -24.32
N LEU B 37 -30.75 30.22 -23.71
CA LEU B 37 -30.71 29.95 -22.28
C LEU B 37 -29.39 30.46 -21.74
N PHE B 38 -29.45 31.48 -20.89
CA PHE B 38 -28.26 32.07 -20.32
C PHE B 38 -28.45 32.34 -18.84
N PRO B 39 -27.38 32.28 -18.04
CA PRO B 39 -27.46 32.59 -16.61
C PRO B 39 -27.24 34.08 -16.32
N ILE B 40 -28.27 34.88 -16.59
CA ILE B 40 -28.21 36.31 -16.28
C ILE B 40 -28.09 36.54 -14.78
N HIS B 41 -28.54 35.59 -13.97
CA HIS B 41 -28.34 35.61 -12.53
C HIS B 41 -27.57 34.38 -12.11
N PHE B 42 -26.79 34.51 -11.03
CA PHE B 42 -25.98 33.41 -10.54
C PHE B 42 -26.79 32.33 -9.83
N GLY B 43 -27.93 32.67 -9.24
CA GLY B 43 -28.72 31.69 -8.55
C GLY B 43 -29.97 32.34 -7.99
N VAL B 44 -30.81 31.51 -7.38
CA VAL B 44 -32.13 31.92 -6.91
C VAL B 44 -32.08 32.17 -5.41
N ALA B 45 -33.15 32.79 -4.91
CA ALA B 45 -33.27 33.09 -3.48
C ALA B 45 -33.32 31.80 -2.68
N ALA B 46 -32.29 31.56 -1.87
CA ALA B 46 -32.21 30.32 -1.09
C ALA B 46 -33.17 30.38 0.09
N LYS B 47 -34.33 29.76 -0.04
CA LYS B 47 -35.32 29.73 1.02
C LYS B 47 -36.18 28.49 0.85
N ASP B 48 -36.52 27.86 1.98
CA ASP B 48 -37.40 26.69 1.95
C ASP B 48 -38.85 27.14 1.85
N GLN B 49 -39.55 26.70 0.81
CA GLN B 49 -40.95 27.07 0.66
C GLN B 49 -41.78 26.45 1.78
N ASP B 50 -42.60 27.29 2.42
CA ASP B 50 -43.38 26.82 3.56
C ASP B 50 -44.51 25.90 3.12
N LEU B 51 -45.01 26.10 1.89
CA LEU B 51 -46.19 25.42 1.37
C LEU B 51 -47.44 25.70 2.19
N LYS B 52 -47.39 26.73 3.04
CA LYS B 52 -48.60 27.19 3.72
C LYS B 52 -49.46 28.02 2.80
N SER B 53 -48.84 28.75 1.88
CA SER B 53 -49.54 29.53 0.87
C SER B 53 -49.15 29.02 -0.51
N ARG B 54 -49.89 29.47 -1.51
CA ARG B 54 -49.61 29.07 -2.88
C ARG B 54 -48.20 29.53 -3.26
N PRO B 55 -47.33 28.62 -3.70
CA PRO B 55 -45.95 29.02 -4.01
C PRO B 55 -45.89 29.88 -5.27
N GLU B 56 -45.07 30.93 -5.23
CA GLU B 56 -44.88 31.83 -6.34
C GLU B 56 -43.56 31.55 -7.04
N SER B 57 -43.36 32.20 -8.18
CA SER B 57 -42.12 32.04 -8.93
C SER B 57 -40.95 32.54 -8.10
N VAL B 58 -39.92 31.69 -7.96
CA VAL B 58 -38.76 32.07 -7.17
C VAL B 58 -37.96 33.15 -7.91
N GLU B 59 -37.37 34.06 -7.15
CA GLU B 59 -36.64 35.19 -7.70
C GLU B 59 -35.13 34.97 -7.54
N CYS B 60 -34.43 35.02 -8.67
CA CYS B 60 -32.98 34.89 -8.66
C CYS B 60 -32.32 36.24 -8.47
N ILE B 61 -31.23 36.27 -7.71
CA ILE B 61 -30.79 37.51 -7.05
C ILE B 61 -29.53 38.11 -7.66
N ARG B 62 -28.42 37.38 -7.62
CA ARG B 62 -27.14 37.99 -7.96
C ARG B 62 -26.95 38.08 -9.47
N TYR B 63 -26.82 39.30 -9.97
CA TYR B 63 -26.65 39.52 -11.39
C TYR B 63 -25.31 38.98 -11.86
N ASN B 64 -25.31 38.31 -13.01
CA ASN B 64 -24.10 37.76 -13.62
C ASN B 64 -23.82 38.52 -14.90
N PHE B 65 -22.87 39.45 -14.83
CA PHE B 65 -22.53 40.28 -15.98
C PHE B 65 -21.94 39.44 -17.11
N ARG B 66 -21.15 38.42 -16.76
CA ARG B 66 -20.56 37.55 -17.77
C ARG B 66 -21.62 36.79 -18.55
N GLY B 67 -22.67 36.33 -17.85
CA GLY B 67 -23.78 35.70 -18.54
C GLY B 67 -24.52 36.64 -19.46
N PHE B 68 -24.67 37.90 -19.03
CA PHE B 68 -25.29 38.90 -19.91
C PHE B 68 -24.42 39.15 -21.13
N ARG B 69 -23.09 39.11 -20.96
CA ARG B 69 -22.20 39.23 -22.10
C ARG B 69 -22.34 38.03 -23.04
N TRP B 70 -22.57 36.84 -22.49
CA TRP B 70 -22.84 35.67 -23.32
C TRP B 70 -24.13 35.84 -24.12
N LEU B 71 -25.18 36.34 -23.46
CA LEU B 71 -26.43 36.63 -24.15
C LEU B 71 -26.23 37.67 -25.26
N GLN B 72 -25.44 38.71 -24.97
CA GLN B 72 -25.12 39.70 -25.97
C GLN B 72 -24.32 39.10 -27.12
N ALA B 73 -23.48 38.11 -26.83
CA ALA B 73 -22.76 37.41 -27.89
C ALA B 73 -23.72 36.67 -28.81
N MET B 74 -24.71 36.00 -28.24
CA MET B 74 -25.72 35.35 -29.06
C MET B 74 -26.46 36.35 -29.93
N ILE B 75 -26.89 37.46 -29.33
CA ILE B 75 -27.63 38.46 -30.10
C ILE B 75 -26.77 39.08 -31.19
N PHE B 76 -25.49 39.33 -30.87
CA PHE B 76 -24.57 39.90 -31.85
C PHE B 76 -24.34 38.93 -33.01
N ALA B 77 -24.18 37.64 -32.71
CA ALA B 77 -24.02 36.65 -33.78
C ALA B 77 -25.25 36.60 -34.67
N ILE B 78 -26.44 36.64 -34.06
CA ILE B 78 -27.67 36.62 -34.85
C ILE B 78 -27.77 37.86 -35.73
N GLU B 79 -27.45 39.03 -35.18
CA GLU B 79 -27.51 40.27 -35.95
C GLU B 79 -26.49 40.26 -37.09
N GLU B 80 -25.29 39.73 -36.83
CA GLU B 80 -24.28 39.63 -37.87
C GLU B 80 -24.72 38.69 -38.99
N ILE B 81 -25.37 37.59 -38.62
CA ILE B 81 -25.88 36.67 -39.64
C ILE B 81 -26.97 37.35 -40.47
N ASN B 82 -27.84 38.11 -39.79
CA ASN B 82 -28.90 38.82 -40.51
C ASN B 82 -28.33 39.86 -41.47
N SER B 83 -27.27 40.54 -41.04
CA SER B 83 -26.68 41.58 -41.89
C SER B 83 -25.92 40.97 -43.07
N SER B 84 -25.31 39.82 -42.88
CA SER B 84 -24.48 39.23 -43.93
C SER B 84 -25.37 38.70 -45.05
N PRO B 85 -25.17 39.13 -46.29
CA PRO B 85 -25.98 38.58 -47.39
C PRO B 85 -25.54 37.18 -47.80
N ALA B 86 -24.26 36.84 -47.57
CA ALA B 86 -23.76 35.53 -47.97
C ALA B 86 -24.43 34.41 -47.20
N LEU B 87 -24.67 34.61 -45.91
CA LEU B 87 -25.21 33.56 -45.06
C LEU B 87 -26.72 33.76 -44.88
N LEU B 88 -27.48 32.75 -45.29
CA LEU B 88 -28.93 32.76 -45.20
C LEU B 88 -29.56 33.99 -45.86
N PRO B 89 -29.44 34.14 -47.18
CA PRO B 89 -30.06 35.28 -47.86
C PRO B 89 -31.58 35.20 -47.80
N ASN B 90 -32.22 36.37 -47.72
CA ASN B 90 -33.67 36.57 -47.72
C ASN B 90 -34.36 35.92 -46.52
N LEU B 91 -33.62 35.35 -45.57
CA LEU B 91 -34.20 34.75 -44.37
C LEU B 91 -33.71 35.52 -43.15
N THR B 92 -34.64 35.80 -42.24
CA THR B 92 -34.36 36.60 -41.05
C THR B 92 -34.36 35.69 -39.83
N LEU B 93 -33.29 35.76 -39.04
CA LEU B 93 -33.17 34.98 -37.82
C LEU B 93 -33.70 35.79 -36.63
N GLY B 94 -34.57 35.16 -35.85
CA GLY B 94 -35.04 35.75 -34.61
C GLY B 94 -34.62 34.89 -33.43
N TYR B 95 -34.85 35.42 -32.23
CA TYR B 95 -34.45 34.73 -31.02
C TYR B 95 -35.50 34.90 -29.93
N ARG B 96 -35.49 33.95 -29.00
CA ARG B 96 -36.25 34.03 -27.76
C ARG B 96 -35.33 33.51 -26.66
N ILE B 97 -34.80 34.42 -25.85
CA ILE B 97 -33.77 34.11 -24.88
C ILE B 97 -34.32 34.39 -23.48
N PHE B 98 -34.12 33.44 -22.58
CA PHE B 98 -34.62 33.51 -21.22
C PHE B 98 -33.46 33.35 -20.24
N ASP B 99 -33.71 33.78 -19.00
CA ASP B 99 -32.72 33.67 -17.93
C ASP B 99 -32.98 32.39 -17.14
N THR B 100 -31.96 31.55 -17.04
CA THR B 100 -32.06 30.32 -16.26
C THR B 100 -31.77 30.53 -14.79
N CYS B 101 -31.02 31.57 -14.45
CA CYS B 101 -30.55 31.81 -13.08
C CYS B 101 -29.79 30.61 -12.53
N ASN B 102 -29.13 29.86 -13.43
CA ASN B 102 -28.38 28.64 -13.07
C ASN B 102 -29.27 27.62 -12.38
N THR B 103 -30.57 27.63 -12.70
CA THR B 103 -31.55 26.80 -12.02
C THR B 103 -32.28 25.93 -13.02
N VAL B 104 -32.56 24.69 -12.62
CA VAL B 104 -33.27 23.75 -13.49
C VAL B 104 -34.71 24.20 -13.72
N SER B 105 -35.37 24.72 -12.67
CA SER B 105 -36.78 25.07 -12.77
C SER B 105 -37.03 26.16 -13.81
N LYS B 106 -36.24 27.24 -13.74
CA LYS B 106 -36.41 28.34 -14.70
C LYS B 106 -36.10 27.89 -16.12
N ALA B 107 -35.04 27.10 -16.28
CA ALA B 107 -34.70 26.58 -17.61
C ALA B 107 -35.81 25.69 -18.15
N LEU B 108 -36.47 24.92 -17.27
CA LEU B 108 -37.57 24.07 -17.73
C LEU B 108 -38.80 24.88 -18.09
N GLU B 109 -39.08 25.98 -17.37
CA GLU B 109 -40.15 26.86 -17.82
C GLU B 109 -39.83 27.45 -19.19
N ALA B 110 -38.60 27.89 -19.40
CA ALA B 110 -38.21 28.40 -20.71
C ALA B 110 -38.31 27.33 -21.80
N THR B 111 -37.93 26.10 -21.49
CA THR B 111 -38.00 25.02 -22.48
C THR B 111 -39.45 24.65 -22.79
N LEU B 112 -40.31 24.66 -21.78
CA LEU B 112 -41.74 24.47 -22.02
C LEU B 112 -42.29 25.57 -22.91
N SER B 113 -41.78 26.79 -22.74
CA SER B 113 -42.13 27.87 -23.65
C SER B 113 -41.65 27.57 -25.07
N PHE B 114 -40.45 26.98 -25.19
CA PHE B 114 -39.92 26.64 -26.51
C PHE B 114 -40.77 25.60 -27.23
N VAL B 115 -41.27 24.59 -26.50
CA VAL B 115 -41.88 23.43 -27.12
C VAL B 115 -43.41 23.52 -27.12
N ALA B 116 -43.97 24.73 -27.09
CA ALA B 116 -45.42 24.88 -27.00
C ALA B 116 -46.11 24.25 -28.20
N GLN B 117 -45.63 24.54 -29.42
CA GLN B 117 -46.24 23.96 -30.61
C GLN B 117 -45.98 22.47 -30.69
N ASN B 118 -44.84 22.01 -30.18
CA ASN B 118 -44.59 20.57 -30.14
C ASN B 118 -45.50 19.87 -29.14
N LYS B 119 -45.70 20.48 -27.97
CA LYS B 119 -46.59 19.91 -26.97
C LYS B 119 -48.04 19.89 -27.45
N ILE B 120 -48.46 20.92 -28.19
CA ILE B 120 -49.80 20.95 -28.74
C ILE B 120 -49.99 19.79 -29.72
N ASP B 121 -48.96 19.47 -30.49
CA ASP B 121 -49.01 18.39 -31.47
C ASP B 121 -48.54 17.06 -30.90
N SER B 122 -48.30 17.00 -29.60
CA SER B 122 -47.91 15.75 -28.94
C SER B 122 -48.91 15.28 -27.90
N LEU B 123 -49.59 16.19 -27.22
CA LEU B 123 -50.57 15.82 -26.21
C LEU B 123 -51.91 15.47 -26.85
N ILE B 135 -47.56 31.50 -30.40
CA ILE B 135 -46.18 31.26 -29.97
C ILE B 135 -45.36 30.75 -31.15
N PRO B 136 -44.21 31.40 -31.39
CA PRO B 136 -43.36 30.98 -32.50
C PRO B 136 -42.77 29.59 -32.28
N SER B 137 -42.49 28.92 -33.40
CA SER B 137 -41.82 27.63 -33.34
C SER B 137 -40.33 27.82 -33.12
N THR B 138 -39.76 26.96 -32.28
CA THR B 138 -38.34 27.03 -31.92
C THR B 138 -37.59 26.01 -32.77
N ILE B 139 -36.64 26.50 -33.57
CA ILE B 139 -35.89 25.61 -34.45
C ILE B 139 -34.69 25.00 -33.72
N ALA B 140 -33.97 25.82 -32.95
CA ALA B 140 -32.83 25.34 -32.19
C ALA B 140 -32.69 26.18 -30.93
N VAL B 141 -31.98 25.63 -29.95
CA VAL B 141 -31.80 26.26 -28.65
C VAL B 141 -30.31 26.35 -28.36
N VAL B 142 -29.88 27.49 -27.84
CA VAL B 142 -28.50 27.72 -27.44
C VAL B 142 -28.44 27.71 -25.92
N GLY B 143 -27.63 26.81 -25.36
CA GLY B 143 -27.54 26.61 -23.93
C GLY B 143 -27.72 25.15 -23.56
N ALA B 144 -27.74 24.90 -22.26
CA ALA B 144 -27.50 25.90 -21.23
C ALA B 144 -26.06 25.86 -20.74
N THR B 145 -25.79 26.59 -19.64
CA THR B 145 -24.47 26.64 -19.04
C THR B 145 -24.17 25.43 -18.16
N GLY B 146 -24.98 25.22 -17.13
CA GLY B 146 -24.74 24.11 -16.21
C GLY B 146 -25.06 22.77 -16.85
N SER B 147 -24.32 21.74 -16.44
CA SER B 147 -24.50 20.42 -17.03
C SER B 147 -25.80 19.77 -16.57
N GLY B 148 -26.16 19.95 -15.30
CA GLY B 148 -27.45 19.44 -14.84
C GLY B 148 -28.61 20.17 -15.50
N VAL B 149 -28.49 21.49 -15.62
CA VAL B 149 -29.50 22.29 -16.30
C VAL B 149 -29.61 21.86 -17.76
N SER B 150 -28.45 21.67 -18.42
CA SER B 150 -28.46 21.25 -19.81
C SER B 150 -29.05 19.85 -19.97
N THR B 151 -28.79 18.95 -19.03
CA THR B 151 -29.38 17.61 -19.08
C THR B 151 -30.90 17.67 -18.95
N ALA B 152 -31.39 18.45 -17.98
CA ALA B 152 -32.83 18.58 -17.80
C ALA B 152 -33.48 19.20 -19.02
N VAL B 153 -32.85 20.21 -19.60
CA VAL B 153 -33.39 20.84 -20.81
C VAL B 153 -33.33 19.88 -21.99
N ALA B 154 -32.26 19.09 -22.07
CA ALA B 154 -32.03 18.24 -23.23
C ALA B 154 -32.99 17.07 -23.24
N ASN B 155 -33.41 16.59 -22.06
CA ASN B 155 -34.45 15.57 -22.04
C ASN B 155 -35.70 16.05 -22.79
N LEU B 156 -36.20 17.23 -22.42
CA LEU B 156 -37.39 17.77 -23.05
C LEU B 156 -37.15 18.10 -24.52
N LEU B 157 -35.98 18.65 -24.85
CA LEU B 157 -35.72 19.05 -26.23
C LEU B 157 -35.55 17.84 -27.15
N GLY B 158 -34.84 16.82 -26.69
CA GLY B 158 -34.69 15.62 -27.49
C GLY B 158 -35.95 14.78 -27.54
N LEU B 159 -36.88 15.01 -26.61
CA LEU B 159 -38.21 14.45 -26.76
C LEU B 159 -38.84 14.86 -28.09
N PHE B 160 -38.62 16.11 -28.49
CA PHE B 160 -39.16 16.63 -29.74
C PHE B 160 -38.11 16.79 -30.83
N TYR B 161 -36.89 16.28 -30.61
CA TYR B 161 -35.80 16.32 -31.59
C TYR B 161 -35.44 17.76 -31.96
N ILE B 162 -35.61 18.68 -31.03
CA ILE B 162 -35.18 20.07 -31.24
C ILE B 162 -33.69 20.16 -30.92
N PRO B 163 -32.84 20.50 -31.88
CA PRO B 163 -31.40 20.56 -31.61
C PRO B 163 -31.07 21.59 -30.54
N GLN B 164 -30.14 21.21 -29.66
CA GLN B 164 -29.68 22.07 -28.57
C GLN B 164 -28.16 22.09 -28.59
N VAL B 165 -27.58 23.25 -28.87
CA VAL B 165 -26.14 23.41 -28.92
C VAL B 165 -25.72 24.19 -27.67
N SER B 166 -25.03 23.51 -26.77
CA SER B 166 -24.60 24.10 -25.50
C SER B 166 -23.22 24.73 -25.65
N TYR B 167 -23.02 25.86 -24.97
CA TYR B 167 -21.75 26.58 -25.05
C TYR B 167 -20.83 26.32 -23.87
N ALA B 168 -21.37 25.84 -22.73
CA ALA B 168 -20.56 25.69 -21.53
C ALA B 168 -20.74 24.37 -20.79
N SER B 169 -21.77 23.59 -21.11
CA SER B 169 -22.00 22.32 -20.42
C SER B 169 -21.04 21.28 -21.01
N SER B 170 -20.17 20.71 -20.17
CA SER B 170 -19.09 19.86 -20.64
C SER B 170 -19.11 18.47 -20.01
N SER B 171 -20.20 18.09 -19.34
CA SER B 171 -20.26 16.78 -18.71
C SER B 171 -20.21 15.65 -19.74
N ARG B 172 -19.51 14.57 -19.40
CA ARG B 172 -19.47 13.42 -20.29
C ARG B 172 -20.82 12.73 -20.37
N LEU B 173 -21.67 12.91 -19.36
CA LEU B 173 -22.98 12.27 -19.37
C LEU B 173 -23.81 12.76 -20.55
N LEU B 174 -23.53 13.97 -21.04
CA LEU B 174 -24.27 14.50 -22.18
C LEU B 174 -23.78 13.94 -23.51
N SER B 175 -22.66 13.20 -23.49
CA SER B 175 -22.19 12.55 -24.71
C SER B 175 -23.00 11.31 -25.05
N ASN B 176 -23.81 10.82 -24.11
CA ASN B 176 -24.63 9.64 -24.37
C ASN B 176 -25.79 10.02 -25.28
N LYS B 177 -25.73 9.52 -26.54
CA LYS B 177 -26.75 9.85 -27.52
C LYS B 177 -27.99 8.97 -27.43
N ASN B 178 -27.93 7.87 -26.69
CA ASN B 178 -29.14 7.11 -26.40
C ASN B 178 -30.09 7.94 -25.54
N GLN B 179 -29.53 8.69 -24.59
CA GLN B 179 -30.35 9.53 -23.72
C GLN B 179 -30.64 10.87 -24.37
N PHE B 180 -29.61 11.54 -24.89
CA PHE B 180 -29.71 12.90 -25.42
C PHE B 180 -29.49 12.84 -26.93
N LYS B 181 -30.59 12.78 -27.69
CA LYS B 181 -30.50 12.61 -29.13
C LYS B 181 -30.12 13.90 -29.85
N SER B 182 -30.59 15.05 -29.39
CA SER B 182 -30.43 16.30 -30.12
C SER B 182 -29.47 17.27 -29.43
N PHE B 183 -28.49 16.77 -28.69
CA PHE B 183 -27.60 17.63 -27.92
C PHE B 183 -26.21 17.67 -28.56
N LEU B 184 -25.70 18.88 -28.77
CA LEU B 184 -24.37 19.10 -29.34
C LEU B 184 -23.65 20.14 -28.49
N ARG B 185 -22.32 20.22 -28.67
CA ARG B 185 -21.50 21.06 -27.82
C ARG B 185 -20.45 21.80 -28.64
N THR B 186 -20.34 23.10 -28.39
CA THR B 186 -19.21 23.89 -28.85
C THR B 186 -18.08 23.95 -27.83
N ILE B 187 -18.27 23.31 -26.67
CA ILE B 187 -17.25 23.25 -25.63
C ILE B 187 -16.69 21.84 -25.58
N PRO B 188 -15.39 21.66 -25.35
CA PRO B 188 -14.83 20.31 -25.27
C PRO B 188 -15.35 19.52 -24.07
N ASN B 189 -15.33 18.20 -24.22
CA ASN B 189 -15.77 17.29 -23.17
C ASN B 189 -14.79 17.33 -22.00
N ASP B 190 -15.28 16.90 -20.82
CA ASP B 190 -14.53 17.08 -19.59
C ASP B 190 -13.50 15.99 -19.32
N GLU B 191 -13.52 14.89 -20.06
CA GLU B 191 -12.58 13.80 -19.79
C GLU B 191 -11.14 14.26 -19.98
N HIS B 192 -10.88 15.03 -21.03
CA HIS B 192 -9.54 15.53 -21.29
C HIS B 192 -9.05 16.41 -20.16
N GLN B 193 -9.95 17.16 -19.52
CA GLN B 193 -9.55 18.03 -18.42
C GLN B 193 -9.11 17.23 -17.21
N ALA B 194 -9.83 16.16 -16.87
CA ALA B 194 -9.41 15.31 -15.76
C ALA B 194 -8.08 14.62 -16.07
N THR B 195 -7.92 14.14 -17.31
CA THR B 195 -6.64 13.56 -17.71
C THR B 195 -5.52 14.59 -17.60
N ALA B 196 -5.81 15.83 -17.98
CA ALA B 196 -4.81 16.89 -17.90
C ALA B 196 -4.42 17.21 -16.46
N MET B 197 -5.41 17.17 -15.55
CA MET B 197 -5.07 17.37 -14.14
C MET B 197 -4.21 16.24 -13.61
N ALA B 198 -4.51 15.00 -14.01
CA ALA B 198 -3.64 13.89 -13.62
C ALA B 198 -2.22 14.08 -14.18
N ASP B 199 -2.12 14.54 -15.43
CA ASP B 199 -0.82 14.81 -16.03
C ASP B 199 -0.08 15.91 -15.29
N ILE B 200 -0.80 16.95 -14.86
CA ILE B 200 -0.17 18.05 -14.13
C ILE B 200 0.35 17.55 -12.79
N ILE B 201 -0.43 16.75 -12.08
CA ILE B 201 0.01 16.20 -10.81
C ILE B 201 1.24 15.31 -11.00
N GLU B 202 1.26 14.53 -12.08
CA GLU B 202 2.43 13.71 -12.36
C GLU B 202 3.65 14.56 -12.70
N TYR B 203 3.44 15.66 -13.42
CA TYR B 203 4.55 16.50 -13.86
C TYR B 203 5.30 17.12 -12.68
N PHE B 204 4.57 17.58 -11.68
CA PHE B 204 5.17 18.20 -10.50
C PHE B 204 5.54 17.18 -9.44
N ARG B 205 5.38 15.88 -9.73
CA ARG B 205 5.79 14.80 -8.85
C ARG B 205 5.05 14.87 -7.52
N TRP B 206 3.73 14.78 -7.59
CA TRP B 206 2.88 14.64 -6.42
C TRP B 206 2.18 13.29 -6.47
N ASN B 207 2.01 12.68 -5.29
CA ASN B 207 1.25 11.44 -5.17
C ASN B 207 0.25 11.46 -4.03
N TRP B 208 0.04 12.60 -3.39
CA TRP B 208 -0.78 12.73 -2.19
C TRP B 208 -1.62 13.99 -2.34
N VAL B 209 -2.83 13.84 -2.87
CA VAL B 209 -3.68 14.97 -3.22
C VAL B 209 -5.07 14.75 -2.65
N GLY B 210 -5.82 15.85 -2.52
CA GLY B 210 -7.21 15.80 -2.13
C GLY B 210 -8.12 16.21 -3.27
N THR B 211 -9.40 15.82 -3.21
CA THR B 211 -10.34 16.11 -4.27
C THR B 211 -11.61 16.72 -3.70
N ILE B 212 -12.11 17.78 -4.34
CA ILE B 212 -13.40 18.37 -4.02
C ILE B 212 -14.18 18.49 -5.33
N ALA B 213 -15.45 18.09 -5.30
CA ALA B 213 -16.28 18.12 -6.49
C ALA B 213 -17.65 18.71 -6.16
N ALA B 214 -18.21 19.45 -7.11
CA ALA B 214 -19.59 19.89 -6.98
C ALA B 214 -20.53 18.69 -7.11
N ASP B 215 -21.56 18.66 -6.27
CA ASP B 215 -22.48 17.53 -6.23
C ASP B 215 -23.55 17.71 -7.31
N ASP B 216 -23.09 17.62 -8.56
CA ASP B 216 -23.95 17.79 -9.72
C ASP B 216 -23.37 16.98 -10.88
N ASP B 217 -23.96 17.17 -12.06
CA ASP B 217 -23.52 16.41 -13.23
C ASP B 217 -22.19 16.91 -13.77
N TYR B 218 -21.72 18.06 -13.27
CA TYR B 218 -20.41 18.54 -13.67
C TYR B 218 -19.31 17.95 -12.80
N GLY B 219 -19.45 18.08 -11.47
CA GLY B 219 -18.42 17.65 -10.55
C GLY B 219 -18.19 16.16 -10.45
N ARG B 220 -19.27 15.38 -10.28
CA ARG B 220 -19.11 13.96 -10.01
C ARG B 220 -18.47 13.18 -11.16
N PRO B 221 -18.93 13.29 -12.42
CA PRO B 221 -18.26 12.52 -13.49
C PRO B 221 -16.83 12.96 -13.72
N GLY B 222 -16.56 14.26 -13.65
CA GLY B 222 -15.20 14.73 -13.81
C GLY B 222 -14.28 14.22 -12.70
N ILE B 223 -14.77 14.23 -11.46
CA ILE B 223 -13.93 13.78 -10.35
C ILE B 223 -13.76 12.26 -10.41
N GLU B 224 -14.74 11.54 -10.94
CA GLU B 224 -14.59 10.10 -11.14
C GLU B 224 -13.53 9.80 -12.19
N LYS B 225 -13.57 10.52 -13.31
CA LYS B 225 -12.54 10.36 -14.33
C LYS B 225 -11.16 10.71 -13.78
N PHE B 226 -11.07 11.77 -12.98
CA PHE B 226 -9.80 12.12 -12.38
C PHE B 226 -9.33 11.04 -11.42
N ARG B 227 -10.23 10.46 -10.63
CA ARG B 227 -9.86 9.37 -9.74
C ARG B 227 -9.29 8.20 -10.52
N GLU B 228 -9.94 7.82 -11.61
CA GLU B 228 -9.43 6.73 -12.45
C GLU B 228 -8.04 7.06 -12.98
N GLU B 229 -7.87 8.26 -13.55
CA GLU B 229 -6.59 8.63 -14.15
C GLU B 229 -5.50 8.76 -13.09
N ALA B 230 -5.86 9.15 -11.88
CA ALA B 230 -4.87 9.28 -10.82
C ALA B 230 -4.43 7.92 -10.31
N GLU B 231 -5.37 6.98 -10.14
CA GLU B 231 -4.98 5.65 -9.69
C GLU B 231 -4.18 4.91 -10.76
N GLU B 232 -4.43 5.21 -12.04
CA GLU B 232 -3.61 4.56 -13.06
C GLU B 232 -2.23 5.21 -13.18
N ARG B 233 -2.05 6.40 -12.57
CA ARG B 233 -0.74 7.03 -12.49
C ARG B 233 -0.12 6.91 -11.10
N ASP B 234 -0.58 5.98 -10.27
CA ASP B 234 -0.03 5.74 -8.93
C ASP B 234 -0.13 6.99 -8.05
N ILE B 235 -1.20 7.76 -8.20
CA ILE B 235 -1.48 8.93 -7.39
C ILE B 235 -2.54 8.55 -6.37
N CYS B 236 -2.25 8.81 -5.09
CA CYS B 236 -3.15 8.48 -4.00
C CYS B 236 -3.95 9.71 -3.59
N ILE B 237 -5.25 9.52 -3.40
CA ILE B 237 -6.16 10.60 -3.02
C ILE B 237 -6.50 10.42 -1.55
N ASP B 238 -6.16 11.42 -0.74
CA ASP B 238 -6.42 11.33 0.70
C ASP B 238 -7.91 11.44 1.00
N PHE B 239 -8.60 12.42 0.43
CA PHE B 239 -10.00 12.64 0.72
C PHE B 239 -10.74 13.02 -0.56
N SER B 240 -12.03 12.70 -0.59
CA SER B 240 -12.92 13.06 -1.69
C SER B 240 -14.22 13.59 -1.07
N GLU B 241 -14.53 14.86 -1.33
CA GLU B 241 -15.67 15.52 -0.73
C GLU B 241 -16.56 16.14 -1.80
N LEU B 242 -17.82 16.35 -1.45
CA LEU B 242 -18.81 16.94 -2.33
C LEU B 242 -19.34 18.22 -1.70
N ILE B 243 -19.53 19.25 -2.53
CA ILE B 243 -19.99 20.54 -2.07
C ILE B 243 -21.12 21.02 -2.99
N SER B 244 -21.81 22.06 -2.53
CA SER B 244 -22.87 22.68 -3.31
C SER B 244 -23.10 24.09 -2.79
N GLN B 245 -23.76 24.90 -3.61
CA GLN B 245 -24.15 26.24 -3.15
C GLN B 245 -25.23 26.20 -2.09
N TYR B 246 -25.94 25.08 -1.96
CA TYR B 246 -26.94 24.89 -0.93
C TYR B 246 -26.44 24.03 0.23
N SER B 247 -25.15 23.77 0.30
CA SER B 247 -24.59 23.00 1.41
C SER B 247 -24.80 23.74 2.73
N ASP B 248 -25.19 22.98 3.75
CA ASP B 248 -25.45 23.58 5.06
C ASP B 248 -24.15 23.97 5.74
N GLU B 249 -24.30 24.62 6.90
CA GLU B 249 -23.12 25.01 7.68
C GLU B 249 -22.35 23.80 8.16
N GLU B 250 -23.06 22.74 8.58
CA GLU B 250 -22.39 21.54 9.08
C GLU B 250 -21.60 20.84 8.00
N GLU B 251 -22.15 20.77 6.78
CA GLU B 251 -21.42 20.13 5.68
C GLU B 251 -20.15 20.91 5.33
N ILE B 252 -20.26 22.24 5.28
CA ILE B 252 -19.09 23.06 4.96
C ILE B 252 -18.04 22.92 6.05
N GLN B 253 -18.47 22.90 7.32
CA GLN B 253 -17.53 22.71 8.42
C GLN B 253 -16.85 21.35 8.34
N HIS B 254 -17.61 20.31 7.99
CA HIS B 254 -17.03 18.98 7.84
C HIS B 254 -15.99 18.96 6.73
N VAL B 255 -16.29 19.59 5.60
CA VAL B 255 -15.33 19.63 4.50
C VAL B 255 -14.08 20.40 4.90
N VAL B 256 -14.25 21.51 5.61
CA VAL B 256 -13.10 22.31 6.04
C VAL B 256 -12.25 21.51 7.03
N GLU B 257 -12.90 20.79 7.94
CA GLU B 257 -12.16 19.95 8.87
C GLU B 257 -11.40 18.85 8.14
N VAL B 258 -12.03 18.24 7.13
CA VAL B 258 -11.35 17.23 6.33
C VAL B 258 -10.12 17.83 5.64
N ILE B 259 -10.27 19.05 5.12
CA ILE B 259 -9.15 19.69 4.41
C ILE B 259 -8.01 19.99 5.38
N GLN B 260 -8.33 20.54 6.55
CA GLN B 260 -7.31 20.87 7.54
C GLN B 260 -6.63 19.60 8.05
N ASN B 261 -7.40 18.53 8.26
CA ASN B 261 -6.89 17.36 8.96
C ASN B 261 -5.88 16.61 8.10
N SER B 262 -5.83 16.93 6.81
CA SER B 262 -5.00 16.21 5.87
C SER B 262 -3.62 16.82 5.76
N THR B 263 -2.64 15.99 5.40
CA THR B 263 -1.29 16.49 5.12
C THR B 263 -1.18 17.01 3.69
N ALA B 264 -1.98 16.46 2.78
CA ALA B 264 -1.92 16.87 1.38
C ALA B 264 -2.28 18.35 1.23
N LYS B 265 -1.52 19.04 0.39
CA LYS B 265 -1.77 20.45 0.12
C LYS B 265 -2.21 20.74 -1.31
N VAL B 266 -2.26 19.73 -2.18
CA VAL B 266 -2.75 19.89 -3.54
C VAL B 266 -4.17 19.34 -3.60
N ILE B 267 -5.13 20.21 -3.92
CA ILE B 267 -6.55 19.85 -3.94
C ILE B 267 -7.08 20.09 -5.34
N VAL B 268 -7.55 19.03 -5.98
CA VAL B 268 -8.20 19.12 -7.28
C VAL B 268 -9.67 19.43 -7.06
N VAL B 269 -10.16 20.49 -7.69
CA VAL B 269 -11.54 20.96 -7.50
C VAL B 269 -12.25 20.95 -8.84
N PHE B 270 -13.30 20.14 -8.94
CA PHE B 270 -14.23 20.14 -10.08
C PHE B 270 -15.52 20.82 -9.62
N SER B 271 -15.64 22.12 -9.87
CA SER B 271 -16.82 22.84 -9.46
C SER B 271 -16.92 24.14 -10.25
N SER B 272 -18.09 24.76 -10.17
CA SER B 272 -18.29 26.11 -10.67
C SER B 272 -18.11 27.11 -9.54
N GLY B 273 -18.18 28.38 -9.89
CA GLY B 273 -18.04 29.45 -8.94
C GLY B 273 -19.09 29.43 -7.83
N PRO B 274 -20.37 29.44 -8.20
CA PRO B 274 -21.42 29.41 -7.17
C PRO B 274 -21.38 28.19 -6.26
N ASP B 275 -21.02 27.03 -6.78
CA ASP B 275 -20.98 25.81 -5.97
C ASP B 275 -19.75 25.73 -5.08
N LEU B 276 -18.69 26.47 -5.40
CA LEU B 276 -17.49 26.48 -4.59
C LEU B 276 -17.41 27.68 -3.64
N GLU B 277 -18.24 28.71 -3.86
CA GLU B 277 -18.12 29.94 -3.09
C GLU B 277 -18.27 29.74 -1.59
N PRO B 278 -19.27 29.00 -1.07
CA PRO B 278 -19.36 28.85 0.40
C PRO B 278 -18.14 28.20 1.04
N LEU B 279 -17.58 27.18 0.39
CA LEU B 279 -16.40 26.52 0.93
C LEU B 279 -15.21 27.47 0.96
N ILE B 280 -14.99 28.23 -0.11
CA ILE B 280 -13.90 29.19 -0.14
C ILE B 280 -14.10 30.25 0.91
N LYS B 281 -15.33 30.70 1.10
CA LYS B 281 -15.63 31.71 2.11
C LYS B 281 -15.28 31.20 3.51
N GLU B 282 -15.68 29.96 3.81
CA GLU B 282 -15.39 29.41 5.13
C GLU B 282 -13.89 29.18 5.32
N ILE B 283 -13.19 28.75 4.27
CA ILE B 283 -11.74 28.57 4.36
C ILE B 283 -11.06 29.91 4.60
N VAL B 284 -11.59 30.98 3.99
CA VAL B 284 -11.04 32.31 4.21
C VAL B 284 -11.30 32.77 5.63
N ARG B 285 -12.49 32.48 6.17
CA ARG B 285 -12.80 32.85 7.54
C ARG B 285 -11.85 32.17 8.52
N ARG B 286 -11.64 30.87 8.37
CA ARG B 286 -10.67 30.15 9.18
C ARG B 286 -9.24 30.42 8.74
N ASN B 287 -9.06 31.00 7.55
CA ASN B 287 -7.76 31.44 7.04
C ASN B 287 -6.82 30.25 6.97
N ILE B 288 -7.10 29.33 6.05
CA ILE B 288 -6.24 28.18 5.80
C ILE B 288 -5.37 28.49 4.60
N THR B 289 -4.05 28.50 4.79
CA THR B 289 -3.10 28.91 3.77
C THR B 289 -2.08 27.81 3.54
N GLY B 290 -1.62 27.70 2.30
CA GLY B 290 -0.62 26.71 1.93
C GLY B 290 -1.13 25.69 0.94
N LYS B 291 -2.45 25.66 0.74
CA LYS B 291 -3.04 24.70 -0.19
C LYS B 291 -2.75 25.12 -1.63
N ILE B 292 -2.54 24.13 -2.48
CA ILE B 292 -2.29 24.35 -3.91
C ILE B 292 -3.53 23.87 -4.66
N TRP B 293 -4.31 24.82 -5.16
CA TRP B 293 -5.60 24.51 -5.77
C TRP B 293 -5.41 24.22 -7.25
N LEU B 294 -5.94 23.08 -7.70
CA LEU B 294 -6.02 22.77 -9.12
C LEU B 294 -7.46 22.99 -9.58
N ALA B 295 -7.65 23.93 -10.50
CA ALA B 295 -8.96 24.45 -10.84
C ALA B 295 -9.44 23.86 -12.16
N SER B 296 -10.68 23.40 -12.18
CA SER B 296 -11.33 23.07 -13.43
C SER B 296 -11.76 24.34 -14.15
N GLU B 297 -12.11 24.20 -15.42
CA GLU B 297 -12.39 25.37 -16.26
C GLU B 297 -13.56 26.19 -15.74
N ALA B 298 -14.49 25.56 -15.03
CA ALA B 298 -15.71 26.26 -14.62
C ALA B 298 -15.42 27.38 -13.62
N TRP B 299 -14.41 27.19 -12.76
CA TRP B 299 -14.10 28.18 -11.75
C TRP B 299 -12.67 28.70 -11.83
N ALA B 300 -11.89 28.25 -12.81
CA ALA B 300 -10.51 28.75 -12.96
C ALA B 300 -10.49 30.22 -13.38
N SER B 301 -11.59 30.77 -13.88
CA SER B 301 -11.67 32.16 -14.26
C SER B 301 -12.91 32.82 -13.65
N SER B 302 -13.40 32.28 -12.54
CA SER B 302 -14.63 32.77 -11.93
C SER B 302 -14.36 34.02 -11.12
N SER B 303 -15.19 35.04 -11.33
CA SER B 303 -15.08 36.28 -10.55
C SER B 303 -15.59 36.07 -9.13
N LEU B 304 -16.43 35.06 -8.91
CA LEU B 304 -16.91 34.76 -7.56
C LEU B 304 -15.78 34.25 -6.67
N ILE B 305 -14.82 33.52 -7.23
CA ILE B 305 -13.72 32.99 -6.45
C ILE B 305 -12.47 33.85 -6.54
N ALA B 306 -12.17 34.43 -7.71
CA ALA B 306 -10.96 35.22 -7.90
C ALA B 306 -11.21 36.67 -7.47
N MET B 307 -11.21 36.88 -6.16
CA MET B 307 -11.25 38.22 -5.61
C MET B 307 -10.05 38.44 -4.71
N PRO B 308 -9.51 39.67 -4.66
CA PRO B 308 -8.27 39.89 -3.90
C PRO B 308 -8.33 39.50 -2.44
N GLN B 309 -9.49 39.68 -1.78
CA GLN B 309 -9.57 39.39 -0.36
C GLN B 309 -9.51 37.90 -0.05
N TYR B 310 -9.60 37.04 -1.06
CA TYR B 310 -9.39 35.60 -0.89
C TYR B 310 -8.00 35.16 -1.36
N PHE B 311 -7.13 36.10 -1.74
CA PHE B 311 -5.89 35.73 -2.41
C PHE B 311 -4.93 34.99 -1.49
N HIS B 312 -5.06 35.16 -0.17
CA HIS B 312 -4.19 34.41 0.73
C HIS B 312 -4.57 32.94 0.75
N VAL B 313 -5.80 32.62 0.33
CA VAL B 313 -6.27 31.25 0.32
C VAL B 313 -6.21 30.65 -1.09
N VAL B 314 -6.67 31.39 -2.10
CA VAL B 314 -6.76 30.87 -3.45
C VAL B 314 -5.66 31.39 -4.36
N GLY B 315 -4.72 32.17 -3.84
CA GLY B 315 -3.63 32.67 -4.65
C GLY B 315 -2.75 31.53 -5.15
N GLY B 316 -2.18 31.71 -6.34
CA GLY B 316 -1.35 30.69 -6.92
C GLY B 316 -2.10 29.54 -7.52
N THR B 317 -3.42 29.63 -7.63
CA THR B 317 -4.22 28.55 -8.18
C THR B 317 -3.84 28.30 -9.64
N ILE B 318 -3.67 27.02 -9.97
CA ILE B 318 -3.40 26.59 -11.34
C ILE B 318 -4.69 26.01 -11.89
N GLY B 319 -5.16 26.57 -13.01
CA GLY B 319 -6.45 26.19 -13.58
C GLY B 319 -6.40 26.10 -15.08
N PHE B 320 -7.53 25.69 -15.65
CA PHE B 320 -7.67 25.47 -17.08
C PHE B 320 -8.61 26.51 -17.66
N ALA B 321 -8.28 26.99 -18.86
CA ALA B 321 -9.11 27.89 -19.63
C ALA B 321 -9.25 27.35 -21.04
N LEU B 322 -10.34 27.73 -21.70
CA LEU B 322 -10.58 27.31 -23.06
C LEU B 322 -9.76 28.16 -24.03
N LYS B 323 -9.70 27.70 -25.28
CA LYS B 323 -8.99 28.46 -26.30
C LYS B 323 -9.76 29.75 -26.60
N ALA B 324 -9.07 30.87 -26.51
CA ALA B 324 -9.71 32.16 -26.76
C ALA B 324 -10.05 32.31 -28.24
N GLY B 325 -11.13 33.05 -28.50
CA GLY B 325 -11.55 33.32 -29.86
C GLY B 325 -11.70 34.81 -30.08
N GLN B 326 -11.77 35.18 -31.35
CA GLN B 326 -11.90 36.57 -31.76
C GLN B 326 -13.26 36.80 -32.40
N ILE B 327 -13.98 37.81 -31.90
CA ILE B 327 -15.25 38.22 -32.48
C ILE B 327 -15.13 39.70 -32.83
N PRO B 328 -14.66 40.04 -34.03
CA PRO B 328 -14.48 41.46 -34.39
C PRO B 328 -15.80 42.22 -34.32
N GLY B 329 -15.75 43.40 -33.72
CA GLY B 329 -16.91 44.25 -33.55
C GLY B 329 -17.76 43.95 -32.34
N PHE B 330 -17.42 42.91 -31.58
CA PHE B 330 -18.22 42.53 -30.42
C PHE B 330 -18.14 43.57 -29.31
N ARG B 331 -16.94 44.13 -29.10
CA ARG B 331 -16.76 45.07 -28.00
C ARG B 331 -17.58 46.34 -28.21
N GLU B 332 -17.61 46.85 -29.43
CA GLU B 332 -18.42 48.04 -29.73
C GLU B 332 -19.90 47.74 -29.53
N PHE B 333 -20.36 46.57 -29.98
CA PHE B 333 -21.75 46.18 -29.76
C PHE B 333 -22.07 46.10 -28.27
N LEU B 334 -21.13 45.57 -27.48
CA LEU B 334 -21.32 45.55 -26.04
C LEU B 334 -21.42 46.96 -25.47
N LYS B 335 -20.59 47.87 -25.95
CA LYS B 335 -20.61 49.24 -25.47
C LYS B 335 -21.83 50.01 -25.94
N LYS B 336 -22.53 49.52 -26.97
CA LYS B 336 -23.74 50.17 -27.46
C LYS B 336 -24.99 49.79 -26.69
N VAL B 337 -24.87 49.05 -25.58
CA VAL B 337 -26.03 48.63 -24.83
C VAL B 337 -26.68 49.82 -24.15
N HIS B 338 -28.02 49.81 -24.08
CA HIS B 338 -28.80 50.90 -23.53
C HIS B 338 -30.18 50.37 -23.14
N PRO B 339 -30.78 50.86 -22.06
CA PRO B 339 -32.13 50.43 -21.71
C PRO B 339 -33.15 50.78 -22.78
N ARG B 340 -33.17 52.03 -23.22
CA ARG B 340 -34.17 52.47 -24.19
C ARG B 340 -33.89 51.95 -25.59
N LYS B 341 -32.63 52.01 -26.04
CA LYS B 341 -32.34 51.62 -27.42
C LYS B 341 -32.50 50.12 -27.62
N SER B 342 -32.10 49.32 -26.63
CA SER B 342 -32.25 47.86 -26.72
C SER B 342 -33.69 47.51 -26.36
N VAL B 343 -34.57 47.65 -27.34
CA VAL B 343 -35.98 47.33 -27.14
C VAL B 343 -36.22 45.82 -27.22
N HIS B 344 -35.44 45.12 -28.03
CA HIS B 344 -35.61 43.68 -28.16
C HIS B 344 -35.04 42.95 -26.96
N ASN B 345 -34.00 43.49 -26.34
CA ASN B 345 -33.34 42.87 -25.20
C ASN B 345 -33.94 43.43 -23.91
N GLY B 346 -34.79 42.64 -23.26
CA GLY B 346 -35.40 43.04 -22.01
C GLY B 346 -34.51 42.94 -20.79
N PHE B 347 -33.36 42.29 -20.92
CA PHE B 347 -32.42 42.17 -19.81
C PHE B 347 -31.53 43.39 -19.65
N ALA B 348 -31.58 44.34 -20.60
CA ALA B 348 -30.72 45.52 -20.51
C ALA B 348 -31.15 46.42 -19.35
N LYS B 349 -32.41 46.36 -18.94
CA LYS B 349 -32.88 47.20 -17.85
C LYS B 349 -32.17 46.87 -16.54
N GLU B 350 -32.16 45.59 -16.17
CA GLU B 350 -31.49 45.20 -14.92
C GLU B 350 -29.98 45.32 -15.05
N PHE B 351 -29.44 45.15 -16.26
CA PHE B 351 -28.00 45.36 -16.45
C PHE B 351 -27.63 46.82 -16.17
N TRP B 352 -28.44 47.76 -16.69
CA TRP B 352 -28.21 49.17 -16.40
C TRP B 352 -28.38 49.47 -14.92
N GLU B 353 -29.41 48.89 -14.29
CA GLU B 353 -29.66 49.16 -12.88
C GLU B 353 -28.58 48.60 -11.98
N GLU B 354 -27.95 47.50 -12.37
CA GLU B 354 -26.90 46.89 -11.57
C GLU B 354 -25.52 47.46 -11.88
N THR B 355 -25.31 47.99 -13.08
CA THR B 355 -24.00 48.55 -13.42
C THR B 355 -23.74 49.86 -12.69
N PHE B 356 -24.72 50.76 -12.69
CA PHE B 356 -24.56 52.08 -12.08
C PHE B 356 -25.29 52.20 -10.76
N ASN B 357 -25.89 51.12 -10.26
CA ASN B 357 -26.61 51.12 -9.00
C ASN B 357 -27.70 52.20 -8.97
N CYS B 358 -28.49 52.24 -10.03
CA CYS B 358 -29.54 53.23 -10.18
C CYS B 358 -30.87 52.53 -10.42
N HIS B 359 -31.90 53.34 -10.62
CA HIS B 359 -33.25 52.86 -10.93
C HIS B 359 -33.80 53.68 -12.09
N LEU B 360 -34.55 53.04 -12.97
CA LEU B 360 -35.14 53.73 -14.11
C LEU B 360 -36.58 53.28 -14.34
N ARG B 392 -32.62 54.11 -3.87
CA ARG B 392 -31.64 54.00 -4.94
C ARG B 392 -31.83 55.14 -5.93
N PRO B 393 -30.74 55.86 -6.25
CA PRO B 393 -30.86 57.08 -7.05
C PRO B 393 -31.42 56.81 -8.44
N LEU B 394 -32.21 57.77 -8.92
CA LEU B 394 -32.68 57.74 -10.29
C LEU B 394 -31.55 58.10 -11.24
N CYS B 395 -31.49 57.41 -12.38
CA CYS B 395 -30.46 57.63 -13.38
C CYS B 395 -31.09 58.07 -14.68
N THR B 396 -30.49 59.08 -15.32
CA THR B 396 -31.05 59.63 -16.55
C THR B 396 -30.87 58.68 -17.72
N GLY B 397 -29.90 57.79 -17.64
CA GLY B 397 -29.56 56.89 -18.74
C GLY B 397 -28.39 57.36 -19.58
N ASP B 398 -27.80 58.52 -19.26
CA ASP B 398 -26.67 59.05 -20.00
C ASP B 398 -25.32 58.64 -19.39
N GLU B 399 -25.30 57.55 -18.61
CA GLU B 399 -24.06 57.09 -18.03
C GLU B 399 -23.21 56.37 -19.08
N ASN B 400 -21.94 56.17 -18.74
CA ASN B 400 -20.97 55.55 -19.64
C ASN B 400 -20.58 54.18 -19.10
N ILE B 401 -20.63 53.17 -19.98
CA ILE B 401 -20.28 51.81 -19.58
C ILE B 401 -18.82 51.72 -19.16
N SER B 402 -17.95 52.44 -19.87
CA SER B 402 -16.52 52.37 -19.57
C SER B 402 -16.19 53.00 -18.22
N SER B 403 -17.13 53.73 -17.63
CA SER B 403 -16.87 54.38 -16.35
C SER B 403 -16.90 53.39 -15.20
N VAL B 404 -17.59 52.27 -15.36
CA VAL B 404 -17.78 51.29 -14.29
C VAL B 404 -17.09 50.00 -14.71
N GLU B 405 -16.39 49.37 -13.76
CA GLU B 405 -15.63 48.16 -14.01
C GLU B 405 -16.45 46.94 -13.59
N THR B 406 -16.98 46.21 -14.57
CA THR B 406 -17.71 44.98 -14.36
C THR B 406 -17.19 43.93 -15.34
N PRO B 407 -17.43 42.63 -15.09
CA PRO B 407 -16.97 41.62 -16.06
C PRO B 407 -17.54 41.78 -17.46
N TYR B 408 -18.58 42.60 -17.62
CA TYR B 408 -19.19 42.84 -18.94
C TYR B 408 -18.17 43.34 -19.95
N ILE B 409 -17.40 44.35 -19.57
CA ILE B 409 -16.36 44.91 -20.44
C ILE B 409 -14.95 44.54 -19.98
N ASP B 410 -14.75 44.33 -18.68
CA ASP B 410 -13.41 44.04 -18.14
C ASP B 410 -13.07 42.56 -18.38
N TYR B 411 -12.85 42.24 -19.65
CA TYR B 411 -12.44 40.91 -20.05
C TYR B 411 -11.21 41.02 -20.94
N THR B 412 -10.38 39.97 -20.92
CA THR B 412 -9.22 39.87 -21.79
C THR B 412 -9.42 38.92 -22.95
N HIS B 413 -10.01 37.74 -22.71
CA HIS B 413 -10.19 36.72 -23.73
C HIS B 413 -11.64 36.29 -23.77
N LEU B 414 -12.15 36.09 -24.99
CA LEU B 414 -13.50 35.55 -25.19
C LEU B 414 -13.38 34.04 -25.34
N ARG B 415 -13.85 33.30 -24.32
CA ARG B 415 -13.78 31.84 -24.34
C ARG B 415 -15.19 31.24 -24.38
N ILE B 416 -16.06 31.56 -23.43
CA ILE B 416 -17.42 31.06 -23.47
C ILE B 416 -18.27 31.91 -24.43
N SER B 417 -17.97 33.20 -24.52
CA SER B 417 -18.65 34.05 -25.49
C SER B 417 -18.36 33.58 -26.91
N TYR B 418 -17.12 33.18 -27.18
CA TYR B 418 -16.80 32.59 -28.47
C TYR B 418 -17.56 31.28 -28.69
N ASN B 419 -17.78 30.51 -27.62
CA ASN B 419 -18.57 29.29 -27.75
C ASN B 419 -20.02 29.60 -28.12
N VAL B 420 -20.59 30.64 -27.52
CA VAL B 420 -21.95 31.06 -27.87
C VAL B 420 -22.00 31.50 -29.33
N TYR B 421 -21.02 32.30 -29.74
CA TYR B 421 -20.92 32.76 -31.11
C TYR B 421 -20.81 31.58 -32.08
N LEU B 422 -19.99 30.59 -31.74
CA LEU B 422 -19.80 29.42 -32.59
C LEU B 422 -21.08 28.58 -32.65
N ALA B 423 -21.80 28.48 -31.54
CA ALA B 423 -23.06 27.73 -31.55
C ALA B 423 -24.08 28.39 -32.48
N VAL B 424 -24.20 29.72 -32.39
CA VAL B 424 -25.14 30.41 -33.26
C VAL B 424 -24.74 30.26 -34.71
N TYR B 425 -23.45 30.40 -35.01
CA TYR B 425 -22.99 30.26 -36.40
C TYR B 425 -23.10 28.82 -36.88
N SER B 426 -22.99 27.84 -35.98
CA SER B 426 -23.18 26.45 -36.39
C SER B 426 -24.63 26.18 -36.76
N ILE B 427 -25.57 26.69 -35.98
CA ILE B 427 -26.98 26.57 -36.34
C ILE B 427 -27.24 27.29 -37.67
N ALA B 428 -26.65 28.48 -37.84
CA ALA B 428 -26.83 29.23 -39.08
C ALA B 428 -26.27 28.48 -40.28
N HIS B 429 -25.11 27.83 -40.11
CA HIS B 429 -24.51 27.10 -41.23
C HIS B 429 -25.28 25.83 -41.54
N ALA B 430 -25.88 25.20 -40.52
CA ALA B 430 -26.79 24.10 -40.81
C ALA B 430 -27.99 24.57 -41.62
N LEU B 431 -28.56 25.71 -41.24
CA LEU B 431 -29.68 26.27 -42.01
C LEU B 431 -29.23 26.62 -43.43
N GLN B 432 -28.01 27.13 -43.59
CA GLN B 432 -27.49 27.45 -44.91
C GLN B 432 -27.30 26.20 -45.75
N ASP B 433 -26.79 25.12 -45.14
CA ASP B 433 -26.66 23.85 -45.85
C ASP B 433 -28.02 23.33 -46.30
N ILE B 434 -29.05 23.53 -45.47
CA ILE B 434 -30.41 23.22 -45.92
C ILE B 434 -30.80 24.11 -47.09
N TYR B 435 -30.45 25.40 -47.02
CA TYR B 435 -30.88 26.36 -48.04
C TYR B 435 -30.19 26.11 -49.37
N THR B 436 -28.93 25.67 -49.34
CA THR B 436 -28.17 25.44 -50.56
C THR B 436 -28.15 23.99 -51.00
N CYS B 437 -29.12 23.19 -50.55
CA CYS B 437 -29.14 21.76 -50.87
C CYS B 437 -29.58 21.55 -52.32
N LEU B 438 -28.76 20.82 -53.07
CA LEU B 438 -29.11 20.48 -54.45
C LEU B 438 -30.18 19.40 -54.47
N PRO B 439 -31.16 19.52 -55.38
CA PRO B 439 -32.37 18.68 -55.30
C PRO B 439 -32.12 17.19 -55.13
N GLY B 440 -31.10 16.65 -55.78
CA GLY B 440 -30.82 15.22 -55.72
C GLY B 440 -29.68 14.80 -54.80
N ARG B 441 -29.14 15.70 -53.99
CA ARG B 441 -28.01 15.40 -53.12
C ARG B 441 -28.30 15.66 -51.65
N GLY B 442 -29.53 15.42 -51.22
CA GLY B 442 -29.89 15.70 -49.84
C GLY B 442 -29.46 14.62 -48.87
N LEU B 443 -29.53 14.95 -47.59
CA LEU B 443 -29.23 14.02 -46.51
C LEU B 443 -30.43 13.15 -46.14
N PHE B 444 -31.61 13.47 -46.64
CA PHE B 444 -32.84 12.80 -46.24
C PHE B 444 -33.15 11.63 -47.17
N THR B 445 -34.38 11.11 -47.05
CA THR B 445 -34.78 9.94 -47.81
C THR B 445 -34.72 10.22 -49.31
N ASN B 446 -34.13 9.29 -50.06
CA ASN B 446 -34.01 9.35 -51.51
C ASN B 446 -33.23 10.57 -51.99
N GLY B 447 -32.39 11.14 -51.14
CA GLY B 447 -31.62 12.31 -51.53
C GLY B 447 -32.42 13.59 -51.57
N SER B 448 -33.60 13.61 -50.97
CA SER B 448 -34.41 14.82 -50.96
C SER B 448 -33.82 15.86 -50.00
N CYS B 449 -34.21 17.11 -50.21
CA CYS B 449 -33.72 18.23 -49.42
C CYS B 449 -34.89 18.89 -48.69
N ALA B 450 -34.61 19.40 -47.50
CA ALA B 450 -35.62 20.09 -46.72
C ALA B 450 -35.96 21.45 -47.34
N ASP B 451 -37.22 21.83 -47.22
CA ASP B 451 -37.66 23.16 -47.66
C ASP B 451 -37.33 24.16 -46.58
N ILE B 452 -36.42 25.09 -46.88
CA ILE B 452 -35.99 26.07 -45.87
C ILE B 452 -37.15 26.98 -45.48
N LYS B 453 -38.12 27.14 -46.38
CA LYS B 453 -39.30 27.94 -46.05
C LYS B 453 -40.18 27.23 -45.02
N LYS B 454 -40.20 25.90 -45.05
CA LYS B 454 -41.00 25.12 -44.11
C LYS B 454 -40.10 24.15 -43.36
N VAL B 455 -38.97 24.66 -42.85
CA VAL B 455 -37.97 23.80 -42.23
C VAL B 455 -38.46 23.31 -40.88
N GLU B 456 -38.00 22.12 -40.49
CA GLU B 456 -38.37 21.50 -39.23
C GLU B 456 -37.11 21.28 -38.39
N ALA B 457 -37.31 21.21 -37.07
CA ALA B 457 -36.18 21.15 -36.14
C ALA B 457 -35.35 19.88 -36.34
N TRP B 458 -36.00 18.76 -36.61
CA TRP B 458 -35.26 17.51 -36.77
C TRP B 458 -34.38 17.55 -38.01
N GLN B 459 -34.82 18.24 -39.06
CA GLN B 459 -33.98 18.40 -40.25
C GLN B 459 -32.74 19.23 -39.93
N VAL B 460 -32.90 20.28 -39.13
CA VAL B 460 -31.76 21.09 -38.72
C VAL B 460 -30.81 20.28 -37.85
N LEU B 461 -31.34 19.42 -36.98
CA LEU B 461 -30.50 18.53 -36.20
C LEU B 461 -29.72 17.57 -37.10
N LYS B 462 -30.39 17.02 -38.12
CA LYS B 462 -29.72 16.13 -39.07
C LYS B 462 -28.59 16.84 -39.78
N HIS B 463 -28.81 18.08 -40.21
CA HIS B 463 -27.76 18.83 -40.89
C HIS B 463 -26.66 19.26 -39.92
N LEU B 464 -26.99 19.42 -38.65
CA LEU B 464 -25.98 19.73 -37.65
C LEU B 464 -25.09 18.53 -37.38
N ARG B 465 -25.64 17.32 -37.48
CA ARG B 465 -24.83 16.12 -37.28
C ARG B 465 -23.82 15.94 -38.42
N HIS B 466 -24.02 16.62 -39.54
CA HIS B 466 -23.14 16.53 -40.70
C HIS B 466 -22.40 17.83 -40.96
N LEU B 467 -22.19 18.66 -39.94
CA LEU B 467 -21.70 20.01 -40.13
C LEU B 467 -20.17 20.03 -40.30
N ASN B 468 -19.72 20.84 -41.25
CA ASN B 468 -18.31 21.07 -41.54
C ASN B 468 -18.16 22.49 -42.05
N PHE B 469 -17.76 23.42 -41.18
CA PHE B 469 -17.70 24.80 -41.67
C PHE B 469 -16.48 25.52 -41.12
N THR B 470 -16.07 26.56 -41.83
CA THR B 470 -14.86 27.31 -41.52
C THR B 470 -15.20 28.51 -40.64
N ASN B 471 -14.39 28.73 -39.61
CA ASN B 471 -14.57 29.82 -38.68
C ASN B 471 -14.10 31.14 -39.30
N ASN B 472 -14.41 32.25 -38.62
CA ASN B 472 -13.78 33.51 -38.91
C ASN B 472 -12.29 33.50 -38.59
N MET B 473 -11.86 32.56 -37.74
CA MET B 473 -10.45 32.35 -37.43
C MET B 473 -9.79 31.34 -38.35
N GLY B 474 -10.53 30.83 -39.35
CA GLY B 474 -9.97 29.85 -40.27
C GLY B 474 -9.72 28.48 -39.67
N GLU B 475 -10.64 27.99 -38.85
CA GLU B 475 -10.61 26.64 -38.33
C GLU B 475 -11.88 25.89 -38.72
N GLN B 476 -11.77 24.56 -38.74
CA GLN B 476 -12.89 23.71 -39.12
C GLN B 476 -13.68 23.33 -37.88
N VAL B 477 -14.98 23.60 -37.91
CA VAL B 477 -15.90 23.23 -36.85
C VAL B 477 -16.73 22.05 -37.35
N THR B 478 -16.72 20.99 -36.55
CA THR B 478 -17.40 19.72 -36.77
C THR B 478 -17.88 19.19 -35.44
N PHE B 479 -18.94 18.39 -35.46
CA PHE B 479 -19.37 17.63 -34.29
C PHE B 479 -19.24 16.14 -34.59
N ASP B 480 -18.74 15.40 -33.61
CA ASP B 480 -18.57 13.95 -33.76
C ASP B 480 -19.90 13.25 -33.53
N GLU B 481 -19.87 11.92 -33.41
CA GLU B 481 -21.09 11.17 -33.19
C GLU B 481 -21.73 11.53 -31.85
N CYS B 482 -20.92 11.95 -30.88
CA CYS B 482 -21.42 12.38 -29.58
C CYS B 482 -21.75 13.86 -29.54
N GLY B 483 -21.56 14.59 -30.64
CA GLY B 483 -21.83 16.01 -30.65
C GLY B 483 -20.82 16.86 -29.93
N ASP B 484 -19.60 16.36 -29.74
CA ASP B 484 -18.56 17.08 -29.01
C ASP B 484 -17.64 17.80 -29.97
N LEU B 485 -17.13 18.96 -29.55
CA LEU B 485 -16.17 19.74 -30.30
C LEU B 485 -14.86 19.76 -29.52
N VAL B 486 -13.89 18.97 -29.96
CA VAL B 486 -12.62 18.87 -29.24
C VAL B 486 -11.84 20.17 -29.38
N GLY B 487 -11.12 20.54 -28.32
CA GLY B 487 -10.38 21.78 -28.31
C GLY B 487 -9.21 21.73 -27.35
N ASN B 488 -8.24 22.60 -27.60
CA ASN B 488 -7.07 22.71 -26.73
C ASN B 488 -7.45 23.30 -25.38
N TYR B 489 -6.55 23.19 -24.42
CA TYR B 489 -6.68 23.90 -23.15
C TYR B 489 -5.46 24.80 -22.93
N SER B 490 -5.70 25.94 -22.29
CA SER B 490 -4.62 26.76 -21.76
C SER B 490 -4.56 26.58 -20.25
N ILE B 491 -3.34 26.66 -19.70
CA ILE B 491 -3.12 26.46 -18.27
C ILE B 491 -2.67 27.79 -17.69
N ILE B 492 -3.44 28.30 -16.73
CA ILE B 492 -3.25 29.63 -16.18
C ILE B 492 -2.93 29.52 -14.70
N ASN B 493 -2.27 30.54 -14.17
CA ASN B 493 -1.92 30.62 -12.76
C ASN B 493 -2.45 31.93 -12.19
N TRP B 494 -3.01 31.87 -10.99
CA TRP B 494 -3.61 33.04 -10.35
C TRP B 494 -2.52 33.88 -9.71
N HIS B 495 -2.28 35.07 -10.26
CA HIS B 495 -1.28 35.99 -9.75
C HIS B 495 -1.97 37.24 -9.21
N LEU B 496 -1.22 38.03 -8.45
CA LEU B 496 -1.72 39.28 -7.89
C LEU B 496 -1.15 40.45 -8.65
N SER B 497 -2.02 41.36 -9.08
CA SER B 497 -1.56 42.53 -9.81
C SER B 497 -0.87 43.50 -8.86
N PRO B 498 0.30 44.04 -9.24
CA PRO B 498 0.93 45.05 -8.38
C PRO B 498 0.21 46.39 -8.41
N GLU B 499 -0.21 46.84 -9.59
CA GLU B 499 -0.81 48.17 -9.71
C GLU B 499 -2.19 48.22 -9.08
N ASP B 500 -3.05 47.25 -9.41
CA ASP B 500 -4.45 47.30 -9.03
C ASP B 500 -4.79 46.42 -7.83
N GLY B 501 -4.02 45.35 -7.60
CA GLY B 501 -4.33 44.43 -6.53
C GLY B 501 -5.33 43.35 -6.86
N SER B 502 -5.88 43.35 -8.07
CA SER B 502 -6.80 42.30 -8.49
C SER B 502 -6.02 41.05 -8.89
N ILE B 503 -6.76 39.97 -9.10
CA ILE B 503 -6.14 38.70 -9.47
C ILE B 503 -5.96 38.64 -10.98
N VAL B 504 -4.75 38.28 -11.41
CA VAL B 504 -4.39 38.22 -12.82
C VAL B 504 -4.16 36.77 -13.20
N PHE B 505 -4.81 36.34 -14.27
CA PHE B 505 -4.67 34.96 -14.77
C PHE B 505 -3.53 34.93 -15.78
N LYS B 506 -2.35 34.52 -15.33
CA LYS B 506 -1.18 34.43 -16.19
C LYS B 506 -1.14 33.06 -16.85
N GLU B 507 -0.99 33.04 -18.16
CA GLU B 507 -0.88 31.77 -18.88
C GLU B 507 0.50 31.16 -18.63
N VAL B 508 0.51 29.97 -18.04
CA VAL B 508 1.76 29.28 -17.72
C VAL B 508 1.97 28.02 -18.54
N GLY B 509 0.99 27.57 -19.30
CA GLY B 509 1.20 26.40 -20.13
C GLY B 509 0.01 26.11 -21.02
N TYR B 510 0.02 24.91 -21.60
CA TYR B 510 -1.10 24.46 -22.40
C TYR B 510 -1.22 22.94 -22.36
N TYR B 511 -2.39 22.46 -22.77
CA TYR B 511 -2.68 21.05 -22.93
C TYR B 511 -3.17 20.83 -24.35
N ASN B 512 -2.40 20.06 -25.13
CA ASN B 512 -2.66 19.81 -26.54
C ASN B 512 -3.39 18.47 -26.64
N VAL B 513 -4.71 18.52 -26.80
CA VAL B 513 -5.49 17.29 -26.87
C VAL B 513 -5.16 16.50 -28.13
N TYR B 514 -4.71 17.19 -29.18
CA TYR B 514 -4.38 16.50 -30.43
C TYR B 514 -3.09 15.71 -30.31
N ALA B 515 -2.20 16.12 -29.41
CA ALA B 515 -0.95 15.40 -29.20
C ALA B 515 -1.20 14.04 -28.59
N LYS B 516 -0.26 13.13 -28.81
CA LYS B 516 -0.36 11.79 -28.26
C LYS B 516 -0.18 11.83 -26.75
N LYS B 517 -0.62 10.75 -26.09
CA LYS B 517 -0.55 10.66 -24.64
C LYS B 517 0.90 10.76 -24.16
N GLY B 518 1.12 11.54 -23.10
CA GLY B 518 2.44 11.78 -22.58
C GLY B 518 3.14 13.00 -23.14
N GLU B 519 2.62 13.59 -24.22
CA GLU B 519 3.18 14.79 -24.81
C GLU B 519 2.20 15.94 -24.85
N ARG B 520 1.02 15.78 -24.24
CA ARG B 520 -0.03 16.80 -24.34
C ARG B 520 0.27 17.98 -23.45
N LEU B 521 0.91 17.76 -22.31
CA LEU B 521 1.11 18.79 -21.31
C LEU B 521 2.39 19.57 -21.57
N PHE B 522 2.29 20.90 -21.57
CA PHE B 522 3.45 21.77 -21.55
C PHE B 522 3.26 22.82 -20.48
N ILE B 523 4.27 23.01 -19.63
CA ILE B 523 4.20 23.94 -18.52
C ILE B 523 5.51 24.72 -18.41
N ASN B 524 5.38 26.04 -18.27
CA ASN B 524 6.51 26.91 -17.97
C ASN B 524 6.52 27.14 -16.46
N GLU B 525 7.27 26.30 -15.76
CA GLU B 525 7.30 26.38 -14.30
C GLU B 525 7.93 27.67 -13.80
N GLU B 526 8.75 28.33 -14.61
CA GLU B 526 9.36 29.58 -14.19
C GLU B 526 8.30 30.68 -14.01
N LYS B 527 7.26 30.65 -14.83
CA LYS B 527 6.19 31.64 -14.73
C LYS B 527 5.21 31.35 -13.60
N ILE B 528 5.35 30.21 -12.93
CA ILE B 528 4.41 29.82 -11.89
C ILE B 528 4.85 30.40 -10.56
N LEU B 529 3.93 31.09 -9.88
CA LEU B 529 4.13 31.57 -8.52
C LEU B 529 3.26 30.72 -7.60
N TRP B 530 3.90 29.85 -6.83
CA TRP B 530 3.17 28.96 -5.93
C TRP B 530 2.62 29.74 -4.75
N SER B 531 1.34 29.51 -4.44
CA SER B 531 0.58 30.26 -3.44
C SER B 531 0.50 31.75 -3.76
N GLY B 532 0.91 32.15 -4.96
CA GLY B 532 0.89 33.54 -5.37
C GLY B 532 2.20 34.28 -5.18
N PHE B 533 3.13 33.74 -4.40
CA PHE B 533 4.37 34.45 -4.12
C PHE B 533 5.64 33.61 -4.20
N SER B 534 5.55 32.28 -4.21
CA SER B 534 6.70 31.41 -4.05
C SER B 534 7.15 30.84 -5.39
N ARG B 535 8.46 30.62 -5.51
CA ARG B 535 9.06 30.07 -6.72
C ARG B 535 9.48 28.62 -6.57
N GLU B 536 9.35 28.04 -5.38
CA GLU B 536 9.71 26.65 -5.14
C GLU B 536 8.47 25.78 -5.21
N VAL B 537 8.58 24.67 -5.95
CA VAL B 537 7.44 23.75 -6.06
C VAL B 537 7.16 23.13 -4.69
N PRO B 538 5.93 23.19 -4.20
CA PRO B 538 5.64 22.67 -2.86
C PRO B 538 5.69 21.15 -2.82
N PHE B 539 5.85 20.64 -1.61
CA PHE B 539 5.94 19.20 -1.35
C PHE B 539 4.55 18.70 -0.99
N SER B 540 4.03 17.76 -1.79
CA SER B 540 2.69 17.21 -1.58
C SER B 540 2.75 15.68 -1.72
N ASN B 541 3.74 15.09 -1.06
CA ASN B 541 3.84 13.63 -0.95
C ASN B 541 3.49 13.21 0.46
N CYS B 542 2.94 12.01 0.60
CA CYS B 542 2.54 11.54 1.92
C CYS B 542 3.74 11.26 2.81
N SER B 543 4.77 10.59 2.27
CA SER B 543 5.96 10.26 3.02
C SER B 543 7.19 10.73 2.26
N ARG B 544 8.20 11.14 3.01
CA ARG B 544 9.46 11.56 2.41
C ARG B 544 10.13 10.40 1.71
N ASP B 545 10.63 10.65 0.50
CA ASP B 545 11.42 9.64 -0.19
C ASP B 545 12.80 9.54 0.45
N CYS B 546 12.95 8.63 1.40
CA CYS B 546 14.17 8.56 2.18
C CYS B 546 15.32 7.98 1.35
N LEU B 547 16.53 8.11 1.89
CA LEU B 547 17.75 7.89 1.12
C LEU B 547 17.99 6.41 0.86
N ALA B 548 19.14 6.12 0.26
CA ALA B 548 19.56 4.75 0.03
C ALA B 548 20.10 4.16 1.33
N GLY B 549 20.18 2.83 1.37
CA GLY B 549 20.44 2.13 2.60
C GLY B 549 19.20 1.76 3.38
N THR B 550 18.04 2.28 2.99
CA THR B 550 16.77 1.98 3.62
C THR B 550 15.85 1.33 2.61
N ARG B 551 14.70 0.87 3.09
CA ARG B 551 13.68 0.24 2.26
C ARG B 551 12.30 0.57 2.79
N LYS B 552 11.36 0.77 1.87
CA LYS B 552 10.00 1.11 2.27
C LYS B 552 9.32 -0.04 2.98
N GLY B 553 8.32 0.27 3.79
CA GLY B 553 7.54 -0.73 4.49
C GLY B 553 6.13 -0.24 4.77
N ILE B 554 5.21 -1.20 4.87
CA ILE B 554 3.79 -0.90 4.91
C ILE B 554 3.41 -0.27 6.24
N ILE B 555 2.51 0.71 6.18
CA ILE B 555 1.80 1.21 7.35
C ILE B 555 0.36 0.73 7.25
N GLU B 556 -0.10 0.00 8.26
CA GLU B 556 -1.40 -0.66 8.19
C GLU B 556 -2.53 0.36 8.09
N GLY B 557 -3.55 0.02 7.30
CA GLY B 557 -4.70 0.89 7.15
C GLY B 557 -4.46 2.14 6.34
N GLU B 558 -3.35 2.22 5.61
CA GLU B 558 -2.94 3.43 4.93
C GLU B 558 -2.51 3.11 3.51
N PRO B 559 -2.79 3.99 2.54
CA PRO B 559 -2.45 3.68 1.15
C PRO B 559 -0.95 3.53 0.92
N THR B 560 -0.62 2.96 -0.23
CA THR B 560 0.77 2.63 -0.54
C THR B 560 1.66 3.86 -0.60
N CYS B 561 1.09 5.03 -0.90
CA CYS B 561 1.89 6.24 -1.02
C CYS B 561 2.52 6.62 0.31
N CYS B 562 1.92 6.20 1.42
CA CYS B 562 2.45 6.48 2.74
C CYS B 562 3.17 5.23 3.24
N PHE B 563 4.45 5.36 3.56
CA PHE B 563 5.28 4.24 3.96
C PHE B 563 6.24 4.66 5.06
N GLU B 564 6.68 3.68 5.84
CA GLU B 564 7.79 3.89 6.76
C GLU B 564 8.97 3.06 6.31
N CYS B 565 10.12 3.69 6.11
CA CYS B 565 11.27 2.99 5.58
C CYS B 565 12.23 2.61 6.71
N VAL B 566 12.57 1.34 6.76
CA VAL B 566 13.47 0.77 7.75
C VAL B 566 14.80 0.50 7.06
N GLU B 567 15.89 0.68 7.80
CA GLU B 567 17.21 0.47 7.22
C GLU B 567 17.38 -0.98 6.82
N CYS B 568 18.28 -1.23 5.87
CA CYS B 568 18.49 -2.58 5.38
C CYS B 568 19.09 -3.45 6.46
N PRO B 569 18.82 -4.77 6.43
CA PRO B 569 19.48 -5.67 7.36
C PRO B 569 20.95 -5.81 7.01
N ASP B 570 21.73 -6.25 8.00
CA ASP B 570 23.15 -6.47 7.78
C ASP B 570 23.35 -7.53 6.69
N GLY B 571 24.21 -7.22 5.73
CA GLY B 571 24.43 -8.10 4.60
C GLY B 571 23.57 -7.82 3.39
N GLU B 572 22.63 -6.87 3.49
CA GLU B 572 21.77 -6.49 2.37
C GLU B 572 21.96 -5.02 2.09
N TYR B 573 21.90 -4.65 0.81
CA TYR B 573 22.23 -3.31 0.36
C TYR B 573 21.07 -2.73 -0.45
N SER B 574 20.82 -1.45 -0.26
CA SER B 574 19.90 -0.70 -1.11
C SER B 574 20.59 0.55 -1.60
N ASP B 575 20.77 0.65 -2.91
CA ASP B 575 21.45 1.79 -3.53
C ASP B 575 20.48 2.76 -4.18
N GLU B 576 19.17 2.54 -4.04
CA GLU B 576 18.18 3.34 -4.74
C GLU B 576 17.23 3.99 -3.74
N THR B 577 16.83 5.23 -4.05
CA THR B 577 15.75 5.87 -3.31
C THR B 577 14.43 5.17 -3.61
N ASP B 578 13.56 5.09 -2.60
CA ASP B 578 12.26 4.42 -2.72
C ASP B 578 12.43 2.95 -3.09
N ALA B 579 13.32 2.26 -2.39
CA ALA B 579 13.55 0.84 -2.63
C ALA B 579 12.45 0.04 -1.96
N SER B 580 11.74 -0.77 -2.75
CA SER B 580 10.67 -1.60 -2.20
C SER B 580 11.24 -2.67 -1.26
N ALA B 581 12.39 -3.22 -1.61
CA ALA B 581 13.03 -4.26 -0.82
C ALA B 581 14.53 -4.06 -0.86
N CYS B 582 15.20 -4.61 0.16
CA CYS B 582 16.65 -4.51 0.29
C CYS B 582 17.28 -5.65 -0.49
N ASN B 583 17.99 -5.32 -1.57
CA ASN B 583 18.64 -6.34 -2.37
C ASN B 583 19.80 -6.95 -1.61
N LYS B 584 19.91 -8.28 -1.68
CA LYS B 584 20.98 -8.98 -1.01
C LYS B 584 22.27 -8.91 -1.81
N CYS B 585 23.39 -8.78 -1.10
CA CYS B 585 24.69 -8.89 -1.74
C CYS B 585 24.97 -10.33 -2.16
N PRO B 586 25.81 -10.50 -3.18
CA PRO B 586 26.16 -11.86 -3.63
C PRO B 586 26.91 -12.64 -2.57
N ASP B 587 27.26 -13.88 -2.92
CA ASP B 587 27.88 -14.80 -1.96
C ASP B 587 29.20 -14.25 -1.43
N ASP B 588 30.03 -13.67 -2.30
CA ASP B 588 31.36 -13.21 -1.93
C ASP B 588 31.41 -11.74 -1.54
N PHE B 589 30.28 -11.06 -1.47
CA PHE B 589 30.23 -9.64 -1.13
C PHE B 589 29.44 -9.45 0.15
N TRP B 590 29.58 -8.28 0.77
CA TRP B 590 28.87 -7.94 1.99
C TRP B 590 28.38 -6.50 1.91
N SER B 591 27.51 -6.14 2.85
CA SER B 591 26.88 -4.84 2.82
C SER B 591 27.84 -3.73 3.24
N ASN B 592 27.56 -2.53 2.76
CA ASN B 592 28.33 -1.34 3.13
C ASN B 592 28.07 -1.01 4.60
N GLU B 593 28.76 0.02 5.10
CA GLU B 593 28.52 0.42 6.49
C GLU B 593 27.12 1.00 6.66
N ASN B 594 26.65 1.76 5.68
CA ASN B 594 25.30 2.31 5.68
C ASN B 594 24.36 1.59 4.73
N HIS B 595 24.79 0.48 4.15
CA HIS B 595 23.97 -0.34 3.25
C HIS B 595 23.55 0.40 2.00
N THR B 596 24.26 1.48 1.65
CA THR B 596 24.01 2.21 0.42
C THR B 596 24.76 1.62 -0.76
N SER B 597 25.53 0.56 -0.54
CA SER B 597 26.29 -0.09 -1.59
C SER B 597 26.72 -1.46 -1.08
N CYS B 598 27.53 -2.15 -1.87
CA CYS B 598 28.05 -3.46 -1.53
C CYS B 598 29.55 -3.50 -1.76
N ILE B 599 30.28 -4.02 -0.77
CA ILE B 599 31.74 -4.05 -0.79
C ILE B 599 32.20 -5.50 -0.77
N ALA B 600 33.33 -5.77 -1.41
CA ALA B 600 33.85 -7.13 -1.48
C ALA B 600 34.28 -7.61 -0.09
N LYS B 601 34.06 -8.89 0.17
CA LYS B 601 34.48 -9.49 1.42
C LYS B 601 36.00 -9.58 1.47
N GLU B 602 36.58 -9.25 2.62
CA GLU B 602 38.02 -9.38 2.78
C GLU B 602 38.41 -10.85 2.88
N ILE B 603 39.31 -11.26 2.00
CA ILE B 603 39.85 -12.61 2.01
C ILE B 603 41.09 -12.61 2.89
N GLU B 604 41.16 -13.51 3.86
CA GLU B 604 42.27 -13.52 4.79
C GLU B 604 42.84 -14.93 4.93
N PHE B 605 44.16 -14.99 5.04
CA PHE B 605 45.01 -16.17 5.16
C PHE B 605 46.37 -15.67 5.66
N LEU B 606 47.36 -16.57 5.70
CA LEU B 606 48.71 -16.19 6.13
C LEU B 606 49.52 -15.83 4.88
N SER B 607 49.78 -14.54 4.71
CA SER B 607 50.38 -14.05 3.47
C SER B 607 51.89 -13.88 3.60
N TRP B 608 52.55 -13.85 2.44
CA TRP B 608 54.00 -13.66 2.42
C TRP B 608 54.37 -12.22 2.78
N THR B 609 53.69 -11.25 2.19
CA THR B 609 54.10 -9.85 2.31
C THR B 609 53.78 -9.30 3.69
N GLU B 610 52.78 -9.84 4.38
CA GLU B 610 52.41 -9.33 5.68
C GLU B 610 53.56 -9.54 6.67
N PRO B 611 53.72 -8.65 7.65
CA PRO B 611 54.95 -8.69 8.49
C PRO B 611 55.17 -10.00 9.22
N PHE B 612 54.11 -10.65 9.72
CA PHE B 612 54.30 -11.87 10.49
C PHE B 612 54.72 -13.02 9.58
N GLY B 613 54.14 -13.09 8.37
CA GLY B 613 54.61 -14.06 7.40
C GLY B 613 56.06 -13.84 7.02
N ILE B 614 56.46 -12.57 6.92
CA ILE B 614 57.86 -12.25 6.65
C ILE B 614 58.75 -12.74 7.79
N ALA B 615 58.32 -12.53 9.03
CA ALA B 615 59.11 -12.99 10.17
C ALA B 615 59.25 -14.51 10.17
N LEU B 616 58.15 -15.22 9.89
CA LEU B 616 58.21 -16.67 9.82
C LEU B 616 59.12 -17.15 8.69
N THR B 617 59.04 -16.49 7.52
CA THR B 617 59.91 -16.86 6.41
C THR B 617 61.38 -16.61 6.74
N LEU B 618 61.66 -15.49 7.42
CA LEU B 618 63.03 -15.21 7.83
C LEU B 618 63.55 -16.25 8.82
N PHE B 619 62.71 -16.67 9.77
CA PHE B 619 63.15 -17.71 10.70
C PHE B 619 63.38 -19.04 9.97
N ALA B 620 62.52 -19.38 9.01
CA ALA B 620 62.74 -20.60 8.23
C ALA B 620 64.03 -20.53 7.44
N VAL B 621 64.31 -19.38 6.82
CA VAL B 621 65.54 -19.21 6.06
C VAL B 621 66.75 -19.26 6.98
N LEU B 622 66.62 -18.70 8.18
CA LEU B 622 67.70 -18.78 9.16
C LEU B 622 67.96 -20.23 9.56
N GLY B 623 66.91 -21.01 9.74
CA GLY B 623 67.10 -22.43 10.04
C GLY B 623 67.78 -23.17 8.90
N ILE B 624 67.38 -22.86 7.67
CA ILE B 624 68.03 -23.46 6.50
C ILE B 624 69.51 -23.08 6.46
N PHE B 625 69.81 -21.81 6.75
CA PHE B 625 71.19 -21.35 6.74
C PHE B 625 72.01 -22.04 7.82
N LEU B 626 71.44 -22.20 9.01
CA LEU B 626 72.16 -22.88 10.09
C LEU B 626 72.41 -24.35 9.75
N THR B 627 71.41 -25.02 9.16
CA THR B 627 71.60 -26.40 8.75
C THR B 627 72.67 -26.52 7.67
N ALA B 628 72.68 -25.60 6.72
CA ALA B 628 73.71 -25.60 5.68
C ALA B 628 75.08 -25.33 6.27
N PHE B 629 75.15 -24.44 7.27
CA PHE B 629 76.41 -24.14 7.93
C PHE B 629 76.97 -25.37 8.65
N VAL B 630 76.11 -26.06 9.39
CA VAL B 630 76.54 -27.28 10.09
C VAL B 630 76.96 -28.34 9.07
N LEU B 631 76.20 -28.48 7.98
CA LEU B 631 76.54 -29.46 6.96
C LEU B 631 77.88 -29.14 6.31
N GLY B 632 78.14 -27.87 6.03
CA GLY B 632 79.42 -27.49 5.47
C GLY B 632 80.57 -27.74 6.42
N VAL B 633 80.37 -27.42 7.70
CA VAL B 633 81.39 -27.71 8.71
C VAL B 633 81.70 -29.21 8.74
N PHE B 634 80.67 -30.04 8.64
CA PHE B 634 80.86 -31.48 8.66
C PHE B 634 81.58 -31.97 7.41
N ILE B 635 81.19 -31.46 6.24
CA ILE B 635 81.77 -31.94 4.98
C ILE B 635 83.23 -31.52 4.86
N LYS B 636 83.53 -30.26 5.14
CA LYS B 636 84.90 -29.77 4.97
C LYS B 636 85.85 -30.42 5.98
N PHE B 637 85.36 -30.73 7.17
CA PHE B 637 86.18 -31.28 8.25
C PHE B 637 85.72 -32.68 8.65
N ARG B 638 85.47 -33.54 7.66
CA ARG B 638 84.97 -34.87 7.94
C ARG B 638 86.05 -35.77 8.53
N ASN B 639 87.31 -35.33 8.48
CA ASN B 639 88.40 -36.20 8.92
C ASN B 639 88.66 -36.08 10.41
N THR B 640 88.05 -35.09 11.08
CA THR B 640 88.29 -34.92 12.51
C THR B 640 87.70 -36.10 13.28
N PRO B 641 88.29 -36.48 14.42
CA PRO B 641 87.77 -37.64 15.16
C PRO B 641 86.34 -37.46 15.66
N ILE B 642 85.94 -36.22 15.95
CA ILE B 642 84.61 -35.99 16.52
C ILE B 642 83.52 -36.38 15.52
N VAL B 643 83.67 -35.98 14.26
CA VAL B 643 82.65 -36.30 13.27
C VAL B 643 82.79 -37.75 12.82
N LYS B 644 83.97 -38.34 13.01
CA LYS B 644 84.15 -39.75 12.69
C LYS B 644 83.48 -40.64 13.72
N ALA B 645 83.44 -40.19 14.98
CA ALA B 645 82.80 -40.97 16.03
C ALA B 645 81.33 -41.21 15.73
N THR B 646 80.61 -40.15 15.38
CA THR B 646 79.22 -40.30 14.96
C THR B 646 79.16 -40.78 13.52
N ASN B 647 78.01 -41.36 13.16
CA ASN B 647 77.80 -41.83 11.79
C ASN B 647 77.65 -40.62 10.86
N ARG B 648 78.74 -40.29 10.15
CA ARG B 648 78.74 -39.08 9.33
C ARG B 648 77.73 -39.17 8.19
N GLU B 649 77.51 -40.37 7.65
CA GLU B 649 76.48 -40.54 6.63
C GLU B 649 75.10 -40.29 7.23
N LEU B 650 74.85 -40.81 8.43
CA LEU B 650 73.58 -40.54 9.09
C LEU B 650 73.46 -39.08 9.50
N SER B 651 74.59 -38.44 9.83
CA SER B 651 74.55 -37.01 10.11
C SER B 651 74.16 -36.22 8.86
N TYR B 652 74.71 -36.59 7.70
CA TYR B 652 74.32 -35.94 6.46
C TYR B 652 72.84 -36.16 6.16
N LEU B 653 72.36 -37.39 6.36
CA LEU B 653 70.94 -37.67 6.13
C LEU B 653 70.06 -36.89 7.08
N LEU B 654 70.47 -36.74 8.35
CA LEU B 654 69.68 -36.00 9.32
C LEU B 654 69.65 -34.52 8.99
N LEU B 655 70.77 -33.97 8.52
CA LEU B 655 70.78 -32.58 8.10
C LEU B 655 69.90 -32.36 6.88
N PHE B 656 69.92 -33.30 5.94
CA PHE B 656 69.00 -33.21 4.80
C PHE B 656 67.55 -33.28 5.25
N SER B 657 67.26 -34.13 6.24
CA SER B 657 65.91 -34.21 6.79
C SER B 657 65.50 -32.90 7.45
N LEU B 658 66.44 -32.24 8.16
CA LEU B 658 66.13 -30.95 8.76
C LEU B 658 65.87 -29.89 7.68
N LEU B 659 66.64 -29.92 6.60
CA LEU B 659 66.38 -29.02 5.49
C LEU B 659 64.99 -29.25 4.91
N CYS B 660 64.60 -30.52 4.75
CA CYS B 660 63.25 -30.83 4.28
C CYS B 660 62.20 -30.35 5.27
N CYS B 661 62.50 -30.44 6.56
CA CYS B 661 61.57 -29.96 7.59
C CYS B 661 61.35 -28.45 7.48
N PHE B 662 62.43 -27.70 7.29
CA PHE B 662 62.28 -26.24 7.13
C PHE B 662 61.55 -25.91 5.83
N SER B 663 61.84 -26.64 4.75
CA SER B 663 61.11 -26.44 3.51
C SER B 663 59.61 -26.73 3.69
N SER B 664 59.28 -27.76 4.47
CA SER B 664 57.88 -28.05 4.78
C SER B 664 57.25 -26.93 5.59
N SER B 665 58.01 -26.38 6.55
CA SER B 665 57.54 -25.22 7.29
C SER B 665 57.24 -24.05 6.36
N LEU B 666 58.02 -23.92 5.28
CA LEU B 666 57.75 -22.87 4.31
C LEU B 666 56.42 -23.09 3.58
N PHE B 667 55.93 -24.33 3.52
CA PHE B 667 54.72 -24.61 2.76
C PHE B 667 53.49 -23.99 3.42
N PHE B 668 53.42 -24.01 4.76
CA PHE B 668 52.25 -23.49 5.44
C PHE B 668 52.05 -22.01 5.18
N ILE B 669 53.13 -21.26 5.04
CA ILE B 669 53.03 -19.84 4.72
C ILE B 669 52.59 -19.67 3.27
N GLY B 670 51.72 -18.70 3.04
CA GLY B 670 51.26 -18.38 1.71
C GLY B 670 49.77 -18.65 1.55
N GLU B 671 49.28 -18.34 0.35
CA GLU B 671 47.88 -18.59 0.05
C GLU B 671 47.64 -20.08 -0.16
N PRO B 672 46.68 -20.66 0.54
CA PRO B 672 46.42 -22.10 0.39
C PRO B 672 46.02 -22.46 -1.04
N GLN B 673 46.49 -23.62 -1.48
CA GLN B 673 46.14 -24.18 -2.79
C GLN B 673 46.00 -25.68 -2.61
N ASP B 674 45.37 -26.32 -3.59
CA ASP B 674 45.12 -27.77 -3.50
C ASP B 674 46.41 -28.54 -3.24
N TRP B 675 47.43 -28.30 -4.04
CA TRP B 675 48.71 -28.97 -3.84
C TRP B 675 49.37 -28.51 -2.54
N THR B 676 49.20 -27.24 -2.18
CA THR B 676 49.79 -26.73 -0.95
C THR B 676 49.19 -27.40 0.28
N CYS B 677 47.86 -27.55 0.32
CA CYS B 677 47.25 -28.26 1.43
C CYS B 677 47.51 -29.77 1.32
N ARG B 678 47.81 -30.26 0.13
CA ARG B 678 48.14 -31.67 -0.04
C ARG B 678 49.56 -32.00 0.41
N LEU B 679 50.44 -31.00 0.46
CA LEU B 679 51.87 -31.26 0.70
C LEU B 679 52.37 -30.55 1.96
N ARG B 680 51.47 -30.19 2.88
CA ARG B 680 51.88 -29.52 4.11
C ARG B 680 52.14 -30.52 5.24
N GLN B 681 51.12 -31.30 5.61
CA GLN B 681 51.35 -32.36 6.59
C GLN B 681 52.30 -33.43 6.08
N PRO B 682 52.15 -33.97 4.85
CA PRO B 682 53.04 -35.05 4.41
C PRO B 682 54.52 -34.69 4.43
N ALA B 683 54.88 -33.48 4.00
CA ALA B 683 56.30 -33.12 3.92
C ALA B 683 56.94 -33.11 5.30
N PHE B 684 56.30 -32.44 6.26
CA PHE B 684 56.84 -32.43 7.62
C PHE B 684 56.86 -33.82 8.22
N GLY B 685 55.80 -34.61 7.98
CA GLY B 685 55.78 -35.96 8.49
C GLY B 685 56.94 -36.80 7.99
N ILE B 686 57.16 -36.77 6.67
CA ILE B 686 58.27 -37.51 6.08
C ILE B 686 59.60 -37.05 6.64
N SER B 687 59.86 -35.74 6.64
CA SER B 687 61.15 -35.23 7.07
C SER B 687 61.40 -35.54 8.55
N PHE B 688 60.41 -35.36 9.40
CA PHE B 688 60.65 -35.54 10.83
C PHE B 688 60.73 -37.02 11.19
N VAL B 689 59.97 -37.87 10.49
CA VAL B 689 60.15 -39.31 10.68
C VAL B 689 61.54 -39.72 10.28
N LEU B 690 62.05 -39.17 9.17
CA LEU B 690 63.40 -39.50 8.73
C LEU B 690 64.45 -39.08 9.76
N CYS B 691 64.31 -37.86 10.29
CA CYS B 691 65.31 -37.39 11.25
C CYS B 691 65.24 -38.19 12.55
N ILE B 692 64.03 -38.50 13.02
CA ILE B 692 63.91 -39.32 14.22
C ILE B 692 64.47 -40.71 13.98
N SER B 693 64.31 -41.25 12.77
CA SER B 693 64.87 -42.55 12.46
C SER B 693 66.39 -42.53 12.48
N CYS B 694 66.99 -41.46 11.94
CA CYS B 694 68.45 -41.34 12.01
C CYS B 694 68.93 -41.23 13.45
N ILE B 695 68.22 -40.45 14.27
CA ILE B 695 68.53 -40.38 15.69
C ILE B 695 68.38 -41.76 16.34
N LEU B 696 67.37 -42.53 15.91
CA LEU B 696 67.12 -43.86 16.46
C LEU B 696 68.29 -44.80 16.17
N VAL B 697 68.81 -44.77 14.94
CA VAL B 697 69.92 -45.67 14.61
C VAL B 697 71.19 -45.21 15.31
N LYS B 698 71.36 -43.89 15.48
CA LYS B 698 72.50 -43.42 16.26
C LYS B 698 72.42 -43.90 17.71
N THR B 699 71.24 -43.85 18.32
CA THR B 699 71.07 -44.38 19.66
C THR B 699 71.33 -45.89 19.70
N ASN B 700 70.81 -46.62 18.71
CA ASN B 700 70.99 -48.06 18.68
C ASN B 700 72.46 -48.44 18.59
N ARG B 701 73.24 -47.66 17.82
CA ARG B 701 74.69 -47.82 17.86
C ARG B 701 75.25 -47.47 19.24
N VAL B 702 74.72 -46.41 19.85
CA VAL B 702 75.16 -46.04 21.21
C VAL B 702 74.79 -47.14 22.19
N LEU B 703 73.58 -47.68 22.08
CA LEU B 703 73.11 -48.76 22.96
C LEU B 703 74.05 -49.97 22.94
N ASN B 722 74.46 -49.42 6.62
CA ASN B 722 73.98 -50.71 6.16
C ASN B 722 72.64 -51.06 6.79
N LEU B 723 72.68 -51.57 8.02
CA LEU B 723 71.43 -51.91 8.71
C LEU B 723 70.72 -50.65 9.20
N GLN B 724 71.48 -49.62 9.57
CA GLN B 724 70.87 -48.36 9.99
C GLN B 724 70.07 -47.74 8.86
N PHE B 725 70.62 -47.77 7.64
CA PHE B 725 69.88 -47.31 6.48
C PHE B 725 68.62 -48.13 6.28
N LEU B 726 68.69 -49.44 6.52
CA LEU B 726 67.50 -50.28 6.41
C LEU B 726 66.44 -49.87 7.41
N LEU B 727 66.83 -49.58 8.65
CA LEU B 727 65.86 -49.20 9.67
C LEU B 727 65.21 -47.86 9.35
N VAL B 728 66.02 -46.86 8.95
CA VAL B 728 65.44 -45.56 8.61
C VAL B 728 64.55 -45.69 7.38
N PHE B 729 64.93 -46.56 6.43
CA PHE B 729 64.09 -46.79 5.26
C PHE B 729 62.78 -47.43 5.66
N LEU B 730 62.81 -48.37 6.60
CA LEU B 730 61.58 -49.01 7.06
C LEU B 730 60.64 -47.98 7.68
N CYS B 731 61.18 -47.12 8.55
CA CYS B 731 60.31 -46.13 9.21
C CYS B 731 59.74 -45.13 8.21
N THR B 732 60.61 -44.54 7.36
CA THR B 732 60.14 -43.59 6.38
C THR B 732 59.18 -44.23 5.40
N PHE B 733 59.38 -45.52 5.09
CA PHE B 733 58.51 -46.21 4.15
C PHE B 733 57.14 -46.45 4.74
N MET B 734 57.07 -46.84 6.02
CA MET B 734 55.76 -46.99 6.65
C MET B 734 55.03 -45.66 6.68
N GLN B 735 55.72 -44.58 7.05
CA GLN B 735 55.06 -43.28 7.11
C GLN B 735 54.62 -42.81 5.72
N ILE B 736 55.46 -43.04 4.70
CA ILE B 736 55.11 -42.60 3.36
C ILE B 736 54.01 -43.46 2.76
N VAL B 737 53.92 -44.74 3.17
CA VAL B 737 52.80 -45.56 2.75
C VAL B 737 51.51 -45.02 3.34
N ILE B 738 51.53 -44.65 4.62
CA ILE B 738 50.36 -43.98 5.20
C ILE B 738 49.99 -42.74 4.39
N CYS B 739 50.98 -41.91 4.09
CA CYS B 739 50.76 -40.69 3.33
C CYS B 739 50.14 -40.97 1.96
N VAL B 740 50.72 -41.91 1.21
CA VAL B 740 50.21 -42.23 -0.11
C VAL B 740 48.79 -42.77 0.00
N ILE B 741 48.51 -43.56 1.03
CA ILE B 741 47.16 -44.10 1.21
C ILE B 741 46.15 -42.97 1.34
N TRP B 742 46.42 -42.01 2.24
CA TRP B 742 45.36 -41.04 2.51
C TRP B 742 45.44 -39.86 1.54
N LEU B 743 46.45 -39.84 0.67
CA LEU B 743 46.43 -38.90 -0.44
C LEU B 743 45.74 -39.50 -1.66
N TYR B 744 45.74 -40.84 -1.75
CA TYR B 744 44.98 -41.51 -2.80
C TYR B 744 43.49 -41.51 -2.47
N THR B 745 43.15 -41.76 -1.21
CA THR B 745 41.73 -41.85 -0.84
C THR B 745 41.07 -40.48 -0.88
N ALA B 746 41.52 -39.54 -0.03
CA ALA B 746 40.86 -38.25 0.11
C ALA B 746 41.92 -37.16 0.26
N PRO B 747 42.35 -36.56 -0.84
CA PRO B 747 43.32 -35.45 -0.77
C PRO B 747 42.77 -34.31 0.07
N PRO B 748 43.64 -33.63 0.83
CA PRO B 748 43.23 -32.36 1.43
C PRO B 748 42.98 -31.33 0.34
N SER B 749 42.08 -30.38 0.63
CA SER B 749 41.68 -29.42 -0.39
C SER B 749 41.49 -28.04 0.22
N SER B 750 41.76 -27.01 -0.57
CA SER B 750 41.57 -25.64 -0.13
C SER B 750 40.11 -25.24 -0.22
N TYR B 751 39.61 -24.60 0.83
CA TYR B 751 38.21 -24.19 0.90
C TYR B 751 38.10 -22.80 1.50
N ARG B 752 37.09 -22.07 1.07
CA ARG B 752 36.84 -20.68 1.49
C ARG B 752 35.72 -20.68 2.53
N ASN B 753 36.08 -20.77 3.80
CA ASN B 753 35.11 -20.76 4.87
C ASN B 753 34.51 -19.36 5.00
N GLN B 754 33.18 -19.28 5.01
CA GLN B 754 32.46 -18.02 5.08
C GLN B 754 31.51 -17.94 6.26
N GLU B 755 31.44 -18.97 7.10
CA GLU B 755 30.46 -18.97 8.19
C GLU B 755 31.09 -18.52 9.51
N LEU B 756 32.41 -18.54 9.61
CA LEU B 756 33.06 -18.10 10.85
C LEU B 756 32.92 -16.60 11.04
N GLU B 757 33.16 -15.82 9.98
CA GLU B 757 32.97 -14.39 9.99
C GLU B 757 32.16 -13.98 8.79
N ASP B 758 31.14 -13.15 9.01
CA ASP B 758 30.28 -12.72 7.91
C ASP B 758 31.03 -11.85 6.91
N GLU B 759 31.85 -10.91 7.39
CA GLU B 759 32.50 -9.96 6.51
C GLU B 759 33.77 -10.51 5.88
N ILE B 760 34.32 -11.60 6.44
CA ILE B 760 35.65 -12.07 6.07
C ILE B 760 35.56 -13.52 5.60
N ILE B 761 36.26 -13.82 4.51
CA ILE B 761 36.37 -15.18 4.00
C ILE B 761 37.73 -15.73 4.40
N PHE B 762 37.73 -16.84 5.13
CA PHE B 762 38.95 -17.50 5.60
C PHE B 762 39.36 -18.50 4.53
N ILE B 763 40.54 -18.34 3.93
CA ILE B 763 41.01 -19.39 3.03
C ILE B 763 41.81 -20.40 3.84
N THR B 764 41.29 -21.62 3.98
CA THR B 764 41.95 -22.65 4.77
C THR B 764 41.89 -23.99 4.05
N CYS B 765 42.24 -25.09 4.73
CA CYS B 765 42.32 -26.39 4.09
C CYS B 765 41.54 -27.45 4.88
N HIS B 766 40.71 -28.20 4.16
CA HIS B 766 40.13 -29.43 4.67
C HIS B 766 41.17 -30.54 4.61
N GLU B 767 41.37 -31.20 5.76
CA GLU B 767 42.27 -32.35 5.83
C GLU B 767 41.76 -33.50 4.97
N GLY B 768 40.44 -33.67 4.91
CA GLY B 768 39.86 -34.77 4.17
C GLY B 768 39.60 -35.99 5.03
N SER B 769 40.67 -36.65 5.47
CA SER B 769 40.56 -37.81 6.35
C SER B 769 41.19 -37.46 7.69
N LEU B 770 40.35 -37.26 8.71
CA LEU B 770 40.87 -36.92 10.03
C LEU B 770 41.57 -38.11 10.69
N MET B 771 41.05 -39.32 10.48
CA MET B 771 41.73 -40.50 11.00
C MET B 771 43.09 -40.68 10.35
N ALA B 772 43.26 -40.18 9.13
CA ALA B 772 44.58 -40.17 8.50
C ALA B 772 45.54 -39.27 9.26
N LEU B 773 45.08 -38.08 9.66
CA LEU B 773 45.89 -37.20 10.49
C LEU B 773 46.22 -37.87 11.82
N GLY B 774 45.24 -38.58 12.39
CA GLY B 774 45.50 -39.34 13.60
C GLY B 774 46.60 -40.37 13.40
N PHE B 775 46.53 -41.12 12.29
CA PHE B 775 47.58 -42.09 11.98
C PHE B 775 48.93 -41.43 11.80
N LEU B 776 48.97 -40.29 11.09
CA LEU B 776 50.25 -39.64 10.81
C LEU B 776 50.92 -39.17 12.09
N ILE B 777 50.20 -38.42 12.91
CA ILE B 777 50.81 -37.94 14.15
C ILE B 777 51.04 -39.10 15.12
N GLY B 778 50.18 -40.12 15.09
CA GLY B 778 50.39 -41.27 15.94
C GLY B 778 51.68 -42.00 15.60
N TYR B 779 51.96 -42.18 14.31
CA TYR B 779 53.22 -42.82 13.91
C TYR B 779 54.41 -41.95 14.25
N THR B 780 54.33 -40.65 13.97
CA THR B 780 55.46 -39.77 14.30
C THR B 780 55.74 -39.76 15.79
N CYS B 781 54.70 -39.60 16.62
CA CYS B 781 54.87 -39.59 18.07
C CYS B 781 55.17 -40.96 18.64
N LEU B 782 54.79 -42.05 17.97
CA LEU B 782 55.15 -43.38 18.46
C LEU B 782 56.62 -43.68 18.20
N LEU B 783 57.11 -43.36 17.01
CA LEU B 783 58.54 -43.42 16.76
C LEU B 783 59.28 -42.51 17.74
N ALA B 784 58.69 -41.35 18.03
CA ALA B 784 59.26 -40.47 19.05
C ALA B 784 59.29 -41.13 20.42
N ALA B 785 58.21 -41.81 20.81
CA ALA B 785 58.16 -42.46 22.11
C ALA B 785 59.22 -43.55 22.22
N ILE B 786 59.37 -44.34 21.16
CA ILE B 786 60.39 -45.38 21.15
C ILE B 786 61.79 -44.76 21.27
N CYS B 787 62.05 -43.70 20.51
CA CYS B 787 63.34 -43.04 20.57
C CYS B 787 63.61 -42.47 21.96
N PHE B 788 62.61 -41.81 22.56
CA PHE B 788 62.79 -41.23 23.88
C PHE B 788 63.04 -42.32 24.93
N PHE B 789 62.31 -43.43 24.85
CA PHE B 789 62.52 -44.52 25.79
C PHE B 789 63.92 -45.10 25.68
N PHE B 790 64.37 -45.38 24.44
CA PHE B 790 65.69 -45.97 24.27
C PHE B 790 66.80 -45.00 24.65
N ALA B 791 66.60 -43.70 24.42
CA ALA B 791 67.59 -42.72 24.84
C ALA B 791 67.61 -42.58 26.37
N PHE B 792 66.44 -42.67 27.00
CA PHE B 792 66.38 -42.63 28.46
C PHE B 792 67.08 -43.82 29.07
N LYS B 793 66.95 -45.01 28.45
CA LYS B 793 67.59 -46.20 28.98
C LYS B 793 69.12 -46.07 29.01
N SER B 794 69.69 -45.24 28.15
CA SER B 794 71.14 -45.05 28.10
C SER B 794 71.54 -43.59 28.28
N ARG B 795 70.82 -42.85 29.14
CA ARG B 795 71.09 -41.44 29.32
C ARG B 795 72.47 -41.19 29.90
N LYS B 796 72.86 -41.99 30.91
CA LYS B 796 74.08 -41.70 31.65
C LYS B 796 75.33 -42.11 30.89
N LEU B 797 75.18 -42.96 29.87
CA LEU B 797 76.35 -43.53 29.20
C LEU B 797 77.08 -42.46 28.40
N PRO B 798 78.38 -42.25 28.65
CA PRO B 798 79.14 -41.29 27.84
C PRO B 798 79.69 -41.93 26.57
N GLU B 799 79.21 -41.49 25.42
CA GLU B 799 79.67 -41.99 24.13
C GLU B 799 79.39 -40.93 23.06
N ASN B 800 80.37 -40.73 22.19
CA ASN B 800 80.31 -39.67 21.18
C ASN B 800 80.04 -38.32 21.84
N PHE B 801 80.83 -38.04 22.89
CA PHE B 801 80.64 -36.87 23.75
C PHE B 801 79.25 -36.88 24.38
N ASN B 802 78.80 -38.07 24.78
CA ASN B 802 77.51 -38.27 25.46
C ASN B 802 76.36 -37.66 24.66
N GLU B 803 76.15 -38.18 23.46
CA GLU B 803 75.08 -37.67 22.61
C GLU B 803 73.71 -38.19 23.06
N ALA B 804 73.69 -39.19 23.94
CA ALA B 804 72.42 -39.76 24.36
C ALA B 804 71.58 -38.75 25.12
N LYS B 805 72.19 -38.00 26.04
CA LYS B 805 71.44 -37.00 26.79
C LYS B 805 70.97 -35.87 25.89
N PHE B 806 71.77 -35.52 24.88
CA PHE B 806 71.37 -34.49 23.93
C PHE B 806 70.19 -34.96 23.08
N ILE B 807 70.20 -36.23 22.68
CA ILE B 807 69.07 -36.80 21.96
C ILE B 807 67.81 -36.75 22.82
N THR B 808 67.95 -37.14 24.09
CA THR B 808 66.82 -37.09 25.02
C THR B 808 66.30 -35.67 25.16
N PHE B 809 67.20 -34.70 25.26
CA PHE B 809 66.81 -33.30 25.40
C PHE B 809 66.07 -32.80 24.17
N SER B 810 66.59 -33.08 22.98
CA SER B 810 65.91 -32.67 21.75
C SER B 810 64.52 -33.29 21.67
N MET B 811 64.41 -34.56 22.05
CA MET B 811 63.14 -35.25 21.90
C MET B 811 62.11 -34.76 22.92
N LEU B 812 62.55 -34.49 24.15
CA LEU B 812 61.65 -33.90 25.14
C LEU B 812 61.25 -32.49 24.73
N ILE B 813 62.13 -31.77 24.04
CA ILE B 813 61.74 -30.48 23.46
C ILE B 813 60.66 -30.67 22.42
N PHE B 814 60.81 -31.69 21.56
CA PHE B 814 59.77 -32.03 20.60
C PHE B 814 58.42 -32.23 21.29
N PHE B 815 58.41 -33.05 22.34
CA PHE B 815 57.17 -33.29 23.07
C PHE B 815 56.64 -32.05 23.77
N ILE B 816 57.50 -31.20 24.33
CA ILE B 816 57.04 -29.96 24.94
C ILE B 816 56.37 -29.06 23.90
N VAL B 817 57.03 -28.89 22.76
CA VAL B 817 56.51 -27.98 21.73
C VAL B 817 55.16 -28.46 21.22
N TRP B 818 55.07 -29.75 20.88
CA TRP B 818 53.86 -30.22 20.21
C TRP B 818 52.69 -30.38 21.17
N ILE B 819 52.97 -30.74 22.42
CA ILE B 819 51.91 -30.77 23.43
C ILE B 819 51.47 -29.35 23.78
N SER B 820 52.43 -28.42 23.84
CA SER B 820 52.15 -27.07 24.31
C SER B 820 51.25 -26.31 23.33
N PHE B 821 51.29 -26.67 22.06
CA PHE B 821 50.50 -25.98 21.05
C PHE B 821 49.13 -26.60 20.84
N ILE B 822 48.79 -27.66 21.58
CA ILE B 822 47.43 -28.20 21.53
C ILE B 822 46.38 -27.13 21.85
N PRO B 823 46.56 -26.27 22.87
CA PRO B 823 45.62 -25.14 23.04
C PRO B 823 45.57 -24.25 21.81
N ALA B 824 46.72 -24.04 21.18
CA ALA B 824 46.78 -23.17 20.01
C ALA B 824 45.98 -23.76 18.85
N TYR B 825 46.13 -25.07 18.62
CA TYR B 825 45.38 -25.71 17.55
C TYR B 825 43.89 -25.76 17.86
N ALA B 826 43.52 -25.75 19.13
CA ALA B 826 42.14 -25.92 19.54
C ALA B 826 41.37 -24.62 19.31
N SER B 827 40.39 -24.66 18.40
CA SER B 827 39.40 -23.61 18.15
C SER B 827 39.97 -22.33 17.54
N THR B 828 41.28 -22.25 17.32
CA THR B 828 41.88 -21.07 16.70
C THR B 828 41.87 -21.26 15.17
N TYR B 829 40.67 -21.22 14.61
CA TYR B 829 40.47 -21.36 13.18
C TYR B 829 40.49 -19.98 12.54
N GLY B 830 41.60 -19.67 11.86
CA GLY B 830 41.78 -18.38 11.22
C GLY B 830 43.07 -18.35 10.42
N LYS B 831 43.67 -17.18 10.29
CA LYS B 831 44.97 -17.07 9.63
C LYS B 831 46.12 -17.46 10.55
N PHE B 832 45.85 -17.67 11.84
CA PHE B 832 46.89 -17.93 12.82
C PHE B 832 47.15 -19.41 13.06
N VAL B 833 46.31 -20.30 12.52
CA VAL B 833 46.57 -21.73 12.65
C VAL B 833 47.82 -22.10 11.85
N SER B 834 47.96 -21.55 10.64
CA SER B 834 49.16 -21.77 9.85
C SER B 834 50.38 -21.21 10.56
N ALA B 835 50.22 -20.05 11.19
CA ALA B 835 51.31 -19.45 11.96
C ALA B 835 51.73 -20.37 13.10
N VAL B 836 50.75 -20.94 13.80
CA VAL B 836 51.06 -21.85 14.90
C VAL B 836 51.79 -23.09 14.38
N GLU B 837 51.33 -23.63 13.25
CA GLU B 837 52.00 -24.80 12.67
C GLU B 837 53.44 -24.47 12.29
N VAL B 838 53.67 -23.31 11.66
CA VAL B 838 55.01 -22.91 11.28
C VAL B 838 55.89 -22.76 12.52
N ILE B 839 55.38 -22.12 13.56
CA ILE B 839 56.16 -21.92 14.77
C ILE B 839 56.50 -23.25 15.44
N ALA B 840 55.54 -24.17 15.49
CA ALA B 840 55.81 -25.48 16.07
C ALA B 840 56.87 -26.23 15.27
N ILE B 841 56.77 -26.21 13.94
CA ILE B 841 57.76 -26.89 13.12
C ILE B 841 59.14 -26.29 13.33
N LEU B 842 59.23 -24.96 13.33
CA LEU B 842 60.51 -24.29 13.51
C LEU B 842 61.09 -24.60 14.89
N ALA B 843 60.26 -24.58 15.93
CA ALA B 843 60.75 -24.86 17.28
C ALA B 843 61.27 -26.28 17.39
N ALA B 844 60.51 -27.26 16.89
CA ALA B 844 60.95 -28.65 16.99
C ALA B 844 62.23 -28.88 16.19
N SER B 845 62.29 -28.36 14.96
CA SER B 845 63.48 -28.54 14.13
C SER B 845 64.69 -27.85 14.74
N PHE B 846 64.51 -26.65 15.28
CA PHE B 846 65.62 -25.93 15.89
C PHE B 846 66.12 -26.67 17.13
N GLY B 847 65.19 -27.17 17.96
CA GLY B 847 65.60 -27.92 19.13
C GLY B 847 66.38 -29.17 18.76
N LEU B 848 65.89 -29.91 17.77
CA LEU B 848 66.59 -31.12 17.34
C LEU B 848 67.97 -30.78 16.80
N LEU B 849 68.05 -29.81 15.89
CA LEU B 849 69.32 -29.42 15.31
C LEU B 849 70.30 -28.98 16.38
N ALA B 850 69.87 -28.11 17.29
CA ALA B 850 70.75 -27.60 18.33
C ALA B 850 71.26 -28.73 19.20
N CYS B 851 70.35 -29.54 19.75
CA CYS B 851 70.77 -30.59 20.68
C CYS B 851 71.71 -31.59 20.01
N ILE B 852 71.43 -31.93 18.74
CA ILE B 852 72.27 -32.93 18.08
C ILE B 852 73.64 -32.36 17.73
N PHE B 853 73.69 -31.16 17.14
CA PHE B 853 74.91 -30.70 16.48
C PHE B 853 75.65 -29.57 17.16
N PHE B 854 75.00 -28.78 18.03
CA PHE B 854 75.66 -27.59 18.56
C PHE B 854 76.74 -27.96 19.57
N ASN B 855 76.58 -29.11 20.26
CA ASN B 855 77.65 -29.61 21.10
C ASN B 855 78.89 -29.94 20.29
N LYS B 856 78.71 -30.61 19.15
CA LYS B 856 79.84 -30.91 18.27
C LYS B 856 80.44 -29.63 17.71
N ILE B 857 79.60 -28.65 17.39
CA ILE B 857 80.10 -27.37 16.91
C ILE B 857 80.93 -26.68 17.98
N TYR B 858 80.48 -26.75 19.24
CA TYR B 858 81.25 -26.21 20.35
C TYR B 858 82.59 -26.93 20.50
N ILE B 859 82.60 -28.25 20.33
CA ILE B 859 83.84 -29.00 20.39
C ILE B 859 84.79 -28.54 19.29
N ILE B 860 84.27 -28.35 18.07
CA ILE B 860 85.07 -27.83 16.97
C ILE B 860 85.28 -26.32 17.07
N LEU B 861 84.31 -25.59 17.62
CA LEU B 861 84.42 -24.14 17.83
C LEU B 861 84.65 -23.39 16.53
#